data_2JGD
#
_entry.id   2JGD
#
_cell.length_a   142.493
_cell.length_b   142.493
_cell.length_c   251.811
_cell.angle_alpha   90.00
_cell.angle_beta   90.00
_cell.angle_gamma   90.00
#
_symmetry.space_group_name_H-M   'P 41 21 2'
#
loop_
_entity.id
_entity.type
_entity.pdbx_description
1 polymer '2-OXOGLUTARATE DEHYDROGENASE E1 COMPONENT'
2 polymer '2-OXOGLUTARATE DEHYDROGENASE E1 COMPONENT'
3 non-polymer 'ADENOSINE MONOPHOSPHATE'
4 water water
#
loop_
_entity_poly.entity_id
_entity_poly.type
_entity_poly.pdbx_seq_one_letter_code
_entity_poly.pdbx_strand_id
1 'polypeptide(L)'
;MQNSALKAWLDSSYLSGANQSWIEQLYEDFLTDPDSVDANWRSTFQQLPGTGVKPDQFHSQTREYFRRLAKDASRYSSTI
SDPDTNVKQVKVLQLINAYRFRGHQHANLDPLGLWQQDKVADLDPSFHDLTEADFQETFNVGSFASGKETMKLGELLEAL
KQTYCGPIGAEYMHITSTEEKRWIQQRIESGRATFNSEEKKRFLSELTAAEGLERYLGAKFPGAKRFSLEGGDALIPMLK
EMIRHAGNSGTREVVLGMAHRGRLNVLVNVLGKKPQDLFDEFAGKHKEHLGTGDVKYHMGFSSDFQTDGGLVHLALAFNP
SHLEIVSPVVIGSVRARLDRLDEPSSNKVLPITIHGDAAVTGQGVVQETLNMSKARGYEVGGTVRIVINNQVGFTTSNPL
DARSTPYCTDIGKMVQAPIFHVNADDPEAVAFVTRLALDFRNTFKRDVFIDLVCYRRHGHNEADEPSATQPLMYQKIKKH
PTPRKIYADKLEQEKVATLEDATEMVNLYRDALDAGDCVVAEWRPMNMHSFTWSPYLNHEWDEEYPNKVEMKRLQELAKR
ISTVPEAVEMQSRVAKIYGDRQAMAAGEKLFDWGGAENLAYATLVDEGIPVRLSGEDSGRGTFFHRHAVIHNQSNGSTYT
PLQHIHNGQGAFRVWDSVLSEEAVLAFEYGYATAEPRTLTIWEAQFGDFANGAQVVIDQFISSGEQKWGRMCGLVMLLPH
GYEGQGPEHSSARLERYLQLCAEQNMQVCVPSTPAQVYHMLRRQALRGMRRPLVVMSPKSLLRHPLAVSSLEELANGTFL
PAIGEIDELDPKGVKRVVMCSGKVYYDLLEQRRKNNQHDVAIVRIEQLYPFPHKAMQEVLQQFAHVKDFVWCQEEPLNQG
AWYCSQHHFREVIPFGASLRYAGRPASASPAVGHMSVHQKQQQDLVNDALNVE
;
A
2 'polypeptide(L)'
;MQNSALKAWLDSSYLSGANQSWIEQLYEDFLTDPDSVDANWRSTFQQLPGTGVKPDQFHSQTREYFRRLAKDASRYSSTI
SDPDTNVKQVKVLQLINAYRFRGHQHANLDPLGLWQQDKVADLDPSFHDLTEADFQETFNVGSFASGKETMKLGELLEAL
KQTYCGPIGAEYMHITSTEEKRWIQQRIESGRATFNSEEKKRFLSELTAAEGLERYLGAKFPGAKRFSLEGGDALIPMLK
EMIRHAGNSGTREVVLGMAHRGRLNVLVNVLGKKPQDLFDEFAGKHKEHLGTGDVKYHMGFSSDFQTDGGLVHLALAFNP
SHLEIVSPVVIGSVRARLDRLDEPSSNKVLPITIHGDAAVTGQGVVQETLNMSKARGYEVGGTVRIVINNQVGFTTSNPL
DARSTPYCTDIGKMVQAPIFHVNADDPEAVAFVTRLALDFRNTFKRDVFIDLVCYRRHGHNEADEPSATQPLMYQKIKKH
PTPRKIYADKLEQEKVATLEDATEMVNLYRDALDAGDCVVAEWRPMNMHSFTWSPYLNHEWDEEYPNKVEMKRLQELAKR
ISTVPEAVEMQSRVAKIYADRQAMAAGEKLFDWGGAENLAYATLVDEGIPVRLSGEDSGRGTFFHRHAVIHNQSNGSTYT
PLQHIHNGQGAFRVWDSVLSEEAVLAFEYGYATAEPRTLTIWEAQFGDFANGAQVVIDQFISSGEQKWGRMCGLVMLLPH
GYEGQGPEHSSARLERYLQLCAEQNMQVCVPSTPAQVYHMLRRQALRGMRRPLVVMSPKSLLRHPLAVSSLEELANGTFL
PAIGEIDELDPKGVKRVVMCSGKVYYDLLEQRRKNNQHDVAIVRIEQLYPFPHKAMQEVLQQFAHVKDFVWCQEEPLNQG
AWYCSQHHFREVIPFGASLRYAGRPASASPAVGYMSVHQKQQQDLVNDALNVE
;
B
#
loop_
_chem_comp.id
_chem_comp.type
_chem_comp.name
_chem_comp.formula
AMP non-polymer 'ADENOSINE MONOPHOSPHATE' 'C10 H14 N5 O7 P'
#
# COMPACT_ATOMS: atom_id res chain seq x y z
N ASP A 84 49.42 26.65 -16.77
CA ASP A 84 49.60 27.61 -15.65
C ASP A 84 48.24 28.03 -15.06
N THR A 85 48.01 29.34 -14.98
CA THR A 85 47.06 29.91 -14.02
C THR A 85 45.63 30.03 -14.58
N ASN A 86 45.52 30.27 -15.87
CA ASN A 86 44.29 29.96 -16.59
C ASN A 86 43.71 28.62 -16.14
N VAL A 87 44.52 27.57 -16.26
CA VAL A 87 44.05 26.22 -16.06
C VAL A 87 43.63 26.00 -14.62
N LYS A 88 44.35 26.65 -13.72
CA LYS A 88 44.08 26.52 -12.30
C LYS A 88 42.78 27.19 -11.89
N GLN A 89 42.48 28.34 -12.50
CA GLN A 89 41.21 29.03 -12.24
C GLN A 89 40.05 28.12 -12.58
N VAL A 90 40.17 27.37 -13.67
CA VAL A 90 39.11 26.46 -14.08
C VAL A 90 39.00 25.35 -13.04
N LYS A 91 40.12 25.03 -12.40
CA LYS A 91 40.14 23.90 -11.47
C LYS A 91 39.46 24.30 -10.17
N VAL A 92 39.58 25.57 -9.80
CA VAL A 92 38.95 26.05 -8.60
C VAL A 92 37.42 26.05 -8.71
N LEU A 93 36.89 26.50 -9.84
CA LEU A 93 35.48 26.35 -10.17
C LEU A 93 35.01 24.90 -10.03
N GLN A 94 35.79 23.96 -10.55
CA GLN A 94 35.45 22.55 -10.40
C GLN A 94 35.44 22.16 -8.92
N LEU A 95 36.28 22.82 -8.13
CA LEU A 95 36.40 22.49 -6.71
C LEU A 95 35.24 23.07 -5.88
N ILE A 96 34.92 24.32 -6.11
CA ILE A 96 33.70 24.91 -5.59
C ILE A 96 32.49 24.01 -5.90
N ASN A 97 32.32 23.69 -7.17
CA ASN A 97 31.25 22.77 -7.58
C ASN A 97 31.19 21.48 -6.75
N ALA A 98 32.35 20.88 -6.44
CA ALA A 98 32.36 19.55 -5.81
C ALA A 98 31.87 19.62 -4.35
N TYR A 99 32.26 20.69 -3.67
CA TYR A 99 31.72 20.99 -2.35
C TYR A 99 30.20 21.16 -2.34
N ARG A 100 29.70 21.91 -3.31
CA ARG A 100 28.27 22.09 -3.43
C ARG A 100 27.57 20.75 -3.55
N PHE A 101 28.01 19.93 -4.49
CA PHE A 101 27.37 18.64 -4.71
C PHE A 101 27.51 17.69 -3.54
N ARG A 102 28.71 17.58 -3.00
CA ARG A 102 29.08 16.40 -2.20
C ARG A 102 29.78 16.72 -0.88
N GLY A 103 30.09 18.00 -0.68
CA GLY A 103 30.46 18.47 0.67
C GLY A 103 29.66 17.83 1.80
N HIS A 104 28.41 17.48 1.53
CA HIS A 104 27.54 17.02 2.60
C HIS A 104 28.04 15.68 3.11
N GLN A 105 28.65 14.91 2.22
CA GLN A 105 29.07 13.57 2.57
C GLN A 105 30.30 13.54 3.49
N HIS A 106 30.94 14.69 3.69
CA HIS A 106 32.02 14.81 4.66
C HIS A 106 31.64 15.75 5.80
N ALA A 107 30.34 15.92 6.03
CA ALA A 107 29.89 16.86 7.06
C ALA A 107 29.87 16.21 8.42
N ASN A 108 30.16 17.01 9.44
CA ASN A 108 30.06 16.59 10.81
C ASN A 108 28.59 16.50 11.21
N LEU A 109 27.89 15.52 10.64
CA LEU A 109 26.45 15.37 10.85
C LEU A 109 26.12 14.53 12.11
N ASP A 110 26.73 13.35 12.21
CA ASP A 110 26.54 12.43 13.36
C ASP A 110 27.04 13.00 14.69
N PRO A 111 26.14 13.15 15.67
CA PRO A 111 26.50 13.65 16.98
C PRO A 111 27.43 12.68 17.73
N LEU A 112 27.45 11.42 17.31
CA LEU A 112 28.32 10.40 17.89
C LEU A 112 29.72 10.36 17.23
N GLY A 113 29.80 10.79 15.97
CA GLY A 113 31.05 10.74 15.22
C GLY A 113 31.47 9.32 14.91
N LEU A 114 30.49 8.43 14.78
CA LEU A 114 30.75 7.06 14.39
C LEU A 114 30.28 6.80 12.97
N TRP A 115 29.69 7.81 12.35
CA TRP A 115 29.32 7.71 10.94
C TRP A 115 30.59 7.51 10.13
N GLN A 116 30.52 6.65 9.12
CA GLN A 116 31.68 6.29 8.30
C GLN A 116 31.62 6.96 6.94
N GLN A 117 32.34 8.08 6.80
CA GLN A 117 32.28 8.92 5.60
C GLN A 117 33.13 8.32 4.48
N ASP A 118 32.48 7.92 3.38
CA ASP A 118 33.18 7.27 2.27
C ASP A 118 33.60 8.25 1.18
N ASP A 122 37.02 12.84 -1.86
CA ASP A 122 37.44 12.33 -3.18
C ASP A 122 37.66 13.48 -4.18
N LEU A 123 36.58 13.92 -4.83
CA LEU A 123 36.54 15.20 -5.56
C LEU A 123 36.89 16.42 -4.64
N ASP A 124 37.10 16.14 -3.36
CA ASP A 124 37.03 17.17 -2.31
C ASP A 124 38.37 17.71 -1.82
N PRO A 125 39.48 16.98 -2.11
CA PRO A 125 40.81 17.52 -1.76
C PRO A 125 41.35 18.19 -3.01
N SER A 126 41.85 19.39 -2.85
CA SER A 126 42.48 20.09 -3.96
C SER A 126 43.23 19.16 -4.96
N PHE A 127 44.06 18.27 -4.44
CA PHE A 127 45.01 17.53 -5.26
C PHE A 127 44.35 16.74 -6.37
N HIS A 128 43.14 16.25 -6.13
CA HIS A 128 42.44 15.50 -7.16
C HIS A 128 42.11 16.48 -8.30
N ASP A 129 42.04 17.75 -7.94
CA ASP A 129 41.77 18.84 -8.88
C ASP A 129 43.10 19.64 -9.08
N LEU A 130 44.22 19.02 -8.70
CA LEU A 130 45.54 19.46 -9.17
C LEU A 130 45.85 20.87 -8.70
N THR A 131 46.21 20.99 -7.42
CA THR A 131 46.75 22.24 -6.90
C THR A 131 47.71 21.99 -5.75
N GLU A 132 48.05 23.04 -5.01
CA GLU A 132 48.98 22.94 -3.90
C GLU A 132 49.00 24.21 -3.07
N ASP A 134 50.08 26.99 -3.44
CA ASP A 134 48.97 27.46 -4.27
C ASP A 134 47.94 28.33 -3.52
N PHE A 135 47.89 28.16 -2.20
CA PHE A 135 46.78 28.64 -1.39
C PHE A 135 46.79 30.16 -1.19
N GLN A 136 47.84 30.85 -1.64
CA GLN A 136 47.82 32.33 -1.69
C GLN A 136 47.61 32.87 -3.09
N GLU A 137 47.67 32.00 -4.09
CA GLU A 137 47.23 32.43 -5.41
C GLU A 137 45.79 32.96 -5.27
N THR A 138 45.54 34.17 -5.78
CA THR A 138 44.22 34.77 -5.71
C THR A 138 43.35 34.41 -6.91
N PHE A 139 42.10 34.02 -6.65
CA PHE A 139 41.21 33.57 -7.71
C PHE A 139 39.85 34.27 -7.72
N ASN A 140 39.26 34.30 -8.91
CA ASN A 140 37.82 34.45 -9.06
C ASN A 140 37.06 33.19 -8.58
N VAL A 141 35.93 33.41 -7.92
CA VAL A 141 35.20 32.30 -7.26
C VAL A 141 33.79 32.15 -7.80
N GLY A 142 33.60 32.45 -9.09
CA GLY A 142 32.34 32.19 -9.76
C GLY A 142 31.15 32.72 -8.98
N SER A 143 30.14 31.88 -8.81
CA SER A 143 28.88 32.33 -8.25
C SER A 143 28.84 32.16 -6.72
N PHE A 144 30.02 32.03 -6.12
CA PHE A 144 30.12 31.60 -4.73
C PHE A 144 29.91 32.79 -3.78
N ALA A 145 28.72 32.86 -3.19
CA ALA A 145 28.12 34.13 -2.82
C ALA A 145 29.11 35.02 -2.07
N GLU A 149 33.93 38.14 -4.17
CA GLU A 149 34.27 38.32 -5.58
C GLU A 149 35.61 37.65 -5.94
N THR A 150 36.67 38.07 -5.26
CA THR A 150 37.99 37.43 -5.38
C THR A 150 38.49 36.91 -4.02
N MET A 151 39.07 35.72 -4.00
CA MET A 151 39.56 35.15 -2.75
C MET A 151 40.86 34.35 -2.93
N LYS A 152 41.82 34.58 -2.05
CA LYS A 152 42.96 33.66 -1.92
C LYS A 152 42.40 32.25 -1.85
N LEU A 153 43.12 31.27 -2.38
CA LEU A 153 42.58 29.92 -2.46
C LEU A 153 42.29 29.33 -1.09
N GLY A 154 43.33 29.23 -0.27
CA GLY A 154 43.20 28.58 1.04
C GLY A 154 42.11 29.20 1.89
N GLU A 155 41.78 30.46 1.60
CA GLU A 155 40.67 31.11 2.29
C GLU A 155 39.33 30.55 1.78
N LEU A 156 39.24 30.36 0.48
CA LEU A 156 38.06 29.79 -0.11
C LEU A 156 37.83 28.40 0.45
N LEU A 157 38.88 27.60 0.49
CA LEU A 157 38.75 26.25 1.02
C LEU A 157 38.29 26.27 2.49
N GLU A 158 38.79 27.22 3.28
CA GLU A 158 38.20 27.48 4.58
C GLU A 158 36.70 27.64 4.39
N ALA A 159 36.29 28.69 3.69
CA ALA A 159 34.87 29.05 3.60
C ALA A 159 33.99 27.90 3.14
N LEU A 160 34.51 27.11 2.20
CA LEU A 160 33.78 25.97 1.67
C LEU A 160 33.58 24.90 2.74
N LYS A 161 34.58 24.70 3.58
CA LYS A 161 34.53 23.69 4.61
C LYS A 161 33.56 24.07 5.73
N GLN A 162 33.65 25.32 6.17
CA GLN A 162 32.57 25.93 6.96
C GLN A 162 31.21 25.61 6.36
N THR A 163 31.01 26.01 5.10
CA THR A 163 29.68 26.18 4.57
C THR A 163 29.04 24.83 4.42
N TYR A 164 29.83 23.87 3.95
CA TYR A 164 29.26 22.64 3.40
C TYR A 164 29.66 21.37 4.16
N CYS A 165 30.40 21.54 5.25
CA CYS A 165 31.13 20.43 5.86
C CYS A 165 31.17 20.56 7.36
N GLY A 166 30.59 21.63 7.88
CA GLY A 166 30.26 21.71 9.29
C GLY A 166 28.99 20.93 9.63
N PRO A 167 28.17 21.49 10.55
CA PRO A 167 27.02 20.78 11.14
C PRO A 167 25.81 20.71 10.21
N ILE A 168 25.91 21.38 9.06
CA ILE A 168 24.86 21.31 8.04
C ILE A 168 25.39 20.68 6.75
N GLY A 169 24.65 19.71 6.22
CA GLY A 169 24.97 19.12 4.94
C GLY A 169 23.90 19.37 3.90
N ALA A 170 24.13 20.36 3.05
CA ALA A 170 23.15 20.74 2.03
C ALA A 170 23.37 19.96 0.74
N GLU A 171 22.41 19.14 0.37
CA GLU A 171 22.52 18.30 -0.82
C GLU A 171 21.34 18.53 -1.77
N TYR A 172 21.59 19.27 -2.84
CA TYR A 172 20.67 20.30 -3.30
C TYR A 172 20.99 20.74 -4.73
N MET A 173 22.00 20.11 -5.32
CA MET A 173 22.44 20.46 -6.66
C MET A 173 21.93 19.46 -7.70
N HIS A 174 21.14 18.50 -7.23
CA HIS A 174 20.31 17.70 -8.13
C HIS A 174 19.12 18.49 -8.65
N ILE A 175 18.62 19.41 -7.81
CA ILE A 175 17.52 20.30 -8.22
C ILE A 175 17.83 21.04 -9.54
N THR A 176 16.95 20.88 -10.53
CA THR A 176 17.17 21.50 -11.85
C THR A 176 16.91 23.03 -11.95
N SER A 177 16.03 23.57 -11.11
CA SER A 177 15.79 25.01 -11.16
C SER A 177 17.01 25.84 -10.76
N THR A 178 17.55 26.56 -11.74
CA THR A 178 18.72 27.40 -11.51
C THR A 178 18.51 28.35 -10.33
N GLU A 179 17.35 29.00 -10.31
CA GLU A 179 17.11 30.10 -9.38
C GLU A 179 16.93 29.61 -7.95
N GLU A 180 16.50 28.36 -7.82
CA GLU A 180 16.34 27.74 -6.51
C GLU A 180 17.69 27.45 -5.88
N LYS A 181 18.54 26.72 -6.60
CA LYS A 181 19.93 26.55 -6.20
C LYS A 181 20.57 27.88 -5.82
N ARG A 182 20.56 28.83 -6.75
CA ARG A 182 21.12 30.15 -6.51
C ARG A 182 20.51 30.79 -5.27
N TRP A 183 19.19 30.68 -5.13
CA TRP A 183 18.51 31.10 -3.91
C TRP A 183 19.16 30.49 -2.68
N ILE A 184 19.31 29.17 -2.68
CA ILE A 184 19.95 28.47 -1.57
C ILE A 184 21.37 28.97 -1.34
N GLN A 185 22.20 28.86 -2.37
CA GLN A 185 23.57 29.36 -2.31
C GLN A 185 23.63 30.72 -1.62
N GLN A 186 22.77 31.63 -2.06
CA GLN A 186 22.71 32.97 -1.48
C GLN A 186 22.55 32.91 0.03
N ARG A 187 21.79 31.93 0.51
CA ARG A 187 21.35 31.90 1.89
C ARG A 187 22.42 31.31 2.79
N ILE A 188 23.22 30.40 2.25
CA ILE A 188 24.12 29.59 3.06
C ILE A 188 25.57 29.96 2.81
N GLU A 189 25.82 30.70 1.72
CA GLU A 189 27.17 30.88 1.21
C GLU A 189 27.77 32.20 1.69
N SER A 190 26.92 33.06 2.25
CA SER A 190 27.37 34.33 2.82
C SER A 190 28.05 34.13 4.16
N ARG A 192 25.76 33.12 8.14
CA ARG A 192 24.82 33.28 9.25
C ARG A 192 25.19 34.49 10.13
N ALA A 193 24.21 35.29 10.50
CA ALA A 193 24.33 36.14 11.69
C ALA A 193 24.34 35.31 12.98
N THR A 194 24.89 35.87 14.05
CA THR A 194 24.76 35.27 15.36
C THR A 194 23.38 35.51 16.00
N PHE A 195 22.82 34.45 16.59
CA PHE A 195 21.75 34.61 17.55
C PHE A 195 22.25 35.36 18.76
N ASN A 196 21.34 35.93 19.53
CA ASN A 196 21.74 36.78 20.63
C ASN A 196 21.53 36.09 21.95
N SER A 197 22.00 36.71 23.03
CA SER A 197 21.86 36.12 24.34
C SER A 197 20.43 35.57 24.65
N GLU A 198 19.38 36.25 24.20
CA GLU A 198 18.02 35.80 24.53
C GLU A 198 17.47 34.67 23.63
N GLU A 199 17.99 34.55 22.42
CA GLU A 199 17.57 33.47 21.53
C GLU A 199 18.29 32.17 21.89
N LYS A 200 19.59 32.29 22.13
CA LYS A 200 20.41 31.16 22.59
C LYS A 200 19.83 30.56 23.87
N LYS A 201 19.68 31.42 24.88
CA LYS A 201 19.17 31.01 26.18
C LYS A 201 17.88 30.24 25.96
N ARG A 202 17.15 30.63 24.92
CA ARG A 202 15.81 30.14 24.76
C ARG A 202 15.82 28.75 24.16
N PHE A 203 16.60 28.58 23.09
CA PHE A 203 17.10 27.25 22.69
C PHE A 203 17.42 26.39 23.91
N LEU A 204 18.22 26.93 24.82
CA LEU A 204 18.68 26.13 25.95
C LEU A 204 17.47 25.72 26.76
N SER A 205 16.52 26.64 26.85
CA SER A 205 15.33 26.44 27.66
C SER A 205 14.46 25.34 27.10
N GLU A 206 14.34 25.29 25.78
CA GLU A 206 13.54 24.26 25.15
C GLU A 206 14.22 22.89 25.14
N LEU A 207 15.56 22.87 25.06
CA LEU A 207 16.27 21.59 25.23
C LEU A 207 16.08 21.08 26.66
N THR A 208 16.01 22.02 27.59
CA THR A 208 15.88 21.68 28.98
C THR A 208 14.53 21.04 29.22
N ALA A 209 13.52 21.56 28.55
CA ALA A 209 12.16 21.02 28.69
C ALA A 209 12.11 19.64 28.01
N ALA A 210 12.68 19.55 26.82
CA ALA A 210 12.76 18.29 26.13
C ALA A 210 13.25 17.24 27.10
N GLU A 211 14.41 17.50 27.69
CA GLU A 211 15.08 16.49 28.51
C GLU A 211 14.30 16.27 29.81
N GLY A 212 13.91 17.38 30.44
CA GLY A 212 13.33 17.32 31.78
C GLY A 212 12.03 16.55 31.81
N LEU A 213 11.21 16.73 30.77
CA LEU A 213 9.99 15.95 30.62
C LEU A 213 10.29 14.46 30.48
N GLU A 214 11.27 14.14 29.65
CA GLU A 214 11.64 12.75 29.40
C GLU A 214 12.15 12.08 30.67
N ARG A 215 12.89 12.84 31.47
CA ARG A 215 13.37 12.34 32.76
C ARG A 215 12.32 12.25 33.84
N TYR A 216 11.39 13.21 33.86
CA TYR A 216 10.35 13.22 34.89
C TYR A 216 9.50 11.99 34.69
N LEU A 217 9.22 11.69 33.41
CA LEU A 217 8.33 10.60 33.07
C LEU A 217 9.01 9.26 33.32
N GLY A 218 10.29 9.20 33.03
CA GLY A 218 11.11 8.06 33.38
C GLY A 218 10.99 7.72 34.85
N ALA A 219 11.19 8.71 35.71
CA ALA A 219 11.18 8.48 37.15
C ALA A 219 9.80 8.11 37.65
N LYS A 220 8.76 8.79 37.15
CA LYS A 220 7.42 8.59 37.68
C LYS A 220 6.73 7.36 37.10
N PHE A 221 6.96 7.06 35.84
CA PHE A 221 6.31 5.93 35.18
C PHE A 221 7.32 5.07 34.44
N PRO A 222 8.03 4.20 35.16
CA PRO A 222 9.05 3.38 34.49
C PRO A 222 8.52 2.46 33.38
N GLY A 223 7.54 2.93 32.60
CA GLY A 223 7.06 2.18 31.45
C GLY A 223 6.70 3.07 30.26
N ARG A 226 9.84 4.95 27.69
CA ARG A 226 10.62 5.38 26.53
C ARG A 226 10.04 4.94 25.19
N PHE A 227 9.05 5.67 24.68
CA PHE A 227 9.15 6.24 23.36
C PHE A 227 9.77 7.63 23.45
N SER A 228 10.72 7.75 24.35
CA SER A 228 11.28 9.01 24.73
C SER A 228 11.97 9.64 23.56
N LEU A 229 12.01 10.97 23.53
CA LEU A 229 12.60 11.70 22.41
C LEU A 229 14.12 11.77 22.54
N GLU A 230 14.62 11.40 23.71
CA GLU A 230 16.07 11.42 23.96
C GLU A 230 16.81 10.56 22.96
N GLY A 231 18.00 11.01 22.57
CA GLY A 231 18.23 12.41 22.26
C GLY A 231 18.16 12.68 20.76
N GLY A 232 16.94 12.81 20.25
CA GLY A 232 16.63 13.81 19.24
C GLY A 232 15.96 15.04 19.83
N ASP A 233 16.50 15.51 20.95
CA ASP A 233 15.84 16.54 21.75
C ASP A 233 15.58 17.80 20.92
N ALA A 234 16.41 18.01 19.90
CA ALA A 234 16.41 19.27 19.17
C ALA A 234 15.13 19.42 18.34
N LEU A 235 14.30 18.39 18.34
CA LEU A 235 13.01 18.44 17.67
C LEU A 235 12.12 19.53 18.28
N ILE A 236 12.28 19.76 19.58
CA ILE A 236 11.43 20.71 20.30
C ILE A 236 11.77 22.14 19.93
N PRO A 237 13.03 22.52 20.12
CA PRO A 237 13.54 23.80 19.61
C PRO A 237 13.24 23.98 18.12
N MET A 238 13.27 22.88 17.37
CA MET A 238 13.07 22.94 15.93
C MET A 238 11.62 23.28 15.59
N LEU A 239 10.69 22.53 16.16
CA LEU A 239 9.27 22.79 15.98
C LEU A 239 8.90 24.16 16.53
N LYS A 240 9.44 24.52 17.68
CA LYS A 240 9.06 25.80 18.26
C LYS A 240 9.54 26.92 17.36
N GLU A 241 10.71 26.75 16.77
CA GLU A 241 11.23 27.79 15.88
C GLU A 241 10.46 27.81 14.59
N MET A 242 10.12 26.63 14.10
CA MET A 242 9.40 26.54 12.84
C MET A 242 8.13 27.35 12.95
N ILE A 243 7.46 27.20 14.08
CA ILE A 243 6.17 27.80 14.30
C ILE A 243 6.32 29.29 14.42
N ARG A 244 7.29 29.73 15.21
CA ARG A 244 7.59 31.17 15.32
C ARG A 244 7.84 31.78 13.93
N HIS A 245 8.64 31.10 13.12
CA HIS A 245 8.98 31.61 11.80
C HIS A 245 7.77 31.64 10.85
N ALA A 246 6.92 30.63 10.96
CA ALA A 246 5.63 30.61 10.28
C ALA A 246 4.81 31.85 10.65
N GLY A 247 4.79 32.16 11.94
CA GLY A 247 4.04 33.30 12.43
C GLY A 247 4.49 34.54 11.71
N ASN A 248 5.81 34.67 11.55
CA ASN A 248 6.40 35.93 11.09
C ASN A 248 6.35 35.99 9.58
N SER A 249 5.74 34.98 8.99
CA SER A 249 5.64 34.91 7.57
C SER A 249 4.17 34.74 7.16
N GLY A 250 3.26 35.06 8.06
CA GLY A 250 1.84 35.16 7.73
C GLY A 250 1.13 33.82 7.63
N THR A 251 1.76 32.75 8.10
CA THR A 251 1.08 31.48 8.27
C THR A 251 0.07 31.56 9.42
N ARG A 252 -1.11 30.99 9.22
CA ARG A 252 -2.22 31.15 10.17
C ARG A 252 -2.54 29.82 10.88
N GLU A 253 -2.36 28.72 10.16
CA GLU A 253 -2.46 27.37 10.73
C GLU A 253 -1.27 26.44 10.35
N VAL A 254 -0.97 25.52 11.25
CA VAL A 254 0.03 24.50 11.03
C VAL A 254 -0.60 23.15 11.35
N VAL A 255 -0.53 22.22 10.41
CA VAL A 255 -1.04 20.88 10.64
C VAL A 255 0.12 19.88 10.69
N LEU A 256 0.21 19.13 11.80
CA LEU A 256 1.30 18.18 12.02
C LEU A 256 0.81 16.74 12.01
N GLY A 257 1.64 15.86 11.49
CA GLY A 257 1.50 14.42 11.74
C GLY A 257 2.85 13.85 12.08
N MET A 258 2.87 13.01 13.11
CA MET A 258 4.07 12.26 13.46
C MET A 258 3.64 10.89 13.97
N ALA A 259 4.55 10.18 14.62
CA ALA A 259 4.26 8.85 15.14
C ALA A 259 4.49 8.83 16.67
N HIS A 260 5.16 7.80 17.16
CA HIS A 260 5.18 7.55 18.61
C HIS A 260 6.40 8.19 19.25
N ARG A 261 7.55 8.06 18.61
CA ARG A 261 8.77 8.58 19.19
C ARG A 261 8.68 10.10 19.31
N GLY A 262 8.83 10.62 20.52
CA GLY A 262 8.77 12.05 20.72
C GLY A 262 7.34 12.55 20.88
N ARG A 263 6.36 11.68 20.64
CA ARG A 263 4.97 12.13 20.61
C ARG A 263 4.54 12.89 21.88
N LEU A 264 4.90 12.38 23.05
CA LEU A 264 4.50 12.96 24.31
C LEU A 264 5.20 14.31 24.52
N ASN A 265 6.44 14.38 24.09
CA ASN A 265 7.18 15.61 24.17
C ASN A 265 6.53 16.72 23.35
N VAL A 266 6.17 16.37 22.12
CA VAL A 266 5.62 17.37 21.22
C VAL A 266 4.27 17.81 21.75
N LEU A 267 3.51 16.85 22.26
CA LEU A 267 2.23 17.17 22.86
C LEU A 267 2.40 18.21 23.96
N VAL A 268 3.28 17.94 24.91
CA VAL A 268 3.44 18.82 26.07
C VAL A 268 4.26 20.08 25.77
N ASN A 269 5.43 19.90 25.16
CA ASN A 269 6.36 21.01 25.02
C ASN A 269 6.21 21.83 23.74
N VAL A 270 5.38 21.39 22.80
CA VAL A 270 5.09 22.21 21.62
C VAL A 270 3.60 22.62 21.54
N LEU A 271 2.71 21.65 21.73
CA LEU A 271 1.28 21.87 21.47
C LEU A 271 0.59 22.42 22.71
N GLY A 272 1.13 22.09 23.88
CA GLY A 272 0.74 22.76 25.09
C GLY A 272 -0.22 21.96 25.94
N LYS A 273 -0.33 20.66 25.67
CA LYS A 273 -1.15 19.79 26.51
C LYS A 273 -0.69 19.85 27.96
N LYS A 274 -1.65 19.92 28.89
CA LYS A 274 -1.35 20.04 30.31
C LYS A 274 -0.62 18.80 30.84
N PRO A 275 0.59 18.98 31.40
CA PRO A 275 1.30 17.84 32.02
C PRO A 275 0.38 17.05 32.95
N GLN A 276 -0.39 17.74 33.77
CA GLN A 276 -1.34 17.06 34.66
C GLN A 276 -2.29 16.14 33.88
N ASP A 277 -2.82 16.62 32.75
CA ASP A 277 -3.64 15.75 31.91
C ASP A 277 -2.90 14.50 31.46
N LEU A 278 -1.63 14.65 31.09
CA LEU A 278 -0.82 13.53 30.67
C LEU A 278 -0.52 12.59 31.83
N PHE A 279 -0.20 13.16 32.99
CA PHE A 279 0.11 12.34 34.16
C PHE A 279 -1.10 11.52 34.53
N ASP A 280 -2.27 12.14 34.41
CA ASP A 280 -3.54 11.48 34.65
C ASP A 280 -3.76 10.31 33.72
N GLU A 281 -3.45 10.51 32.45
CA GLU A 281 -3.57 9.42 31.50
C GLU A 281 -2.79 8.20 31.98
N PHE A 282 -1.58 8.42 32.49
CA PHE A 282 -0.73 7.30 32.95
C PHE A 282 -1.30 6.57 34.16
N ALA A 283 -2.14 7.25 34.92
CA ALA A 283 -2.75 6.69 36.12
C ALA A 283 -4.12 6.09 35.79
N GLY A 284 -4.54 6.21 34.54
CA GLY A 284 -5.82 5.69 34.10
C GLY A 284 -7.02 6.58 34.42
N LYS A 285 -6.78 7.88 34.59
CA LYS A 285 -7.87 8.83 34.77
C LYS A 285 -8.21 9.56 33.47
N HIS A 286 -9.49 9.55 33.11
CA HIS A 286 -9.95 10.18 31.86
C HIS A 286 -11.17 11.06 32.14
N HIS A 289 -12.90 10.71 28.20
CA HIS A 289 -13.55 10.44 26.92
C HIS A 289 -14.84 9.66 27.13
N LEU A 290 -15.71 9.66 26.11
CA LEU A 290 -16.89 8.82 26.14
C LEU A 290 -17.16 8.12 24.79
N GLY A 291 -16.08 7.80 24.06
CA GLY A 291 -16.04 6.59 23.22
C GLY A 291 -15.06 5.57 23.80
N THR A 292 -14.58 4.65 22.99
CA THR A 292 -13.76 3.53 23.51
C THR A 292 -12.26 3.85 23.57
N GLY A 293 -11.82 4.89 22.88
CA GLY A 293 -10.50 5.44 23.15
C GLY A 293 -9.36 4.78 22.40
N ASP A 294 -8.17 5.26 22.66
CA ASP A 294 -6.97 4.68 22.08
C ASP A 294 -5.79 5.04 22.99
N VAL A 295 -4.59 4.63 22.61
CA VAL A 295 -3.47 4.72 23.53
C VAL A 295 -2.91 6.13 23.47
N LYS A 296 -2.13 6.52 24.46
CA LYS A 296 -1.77 7.93 24.65
C LYS A 296 -0.86 8.45 23.55
N TYR A 297 -0.12 7.55 22.91
CA TYR A 297 0.83 7.91 21.86
C TYR A 297 0.20 8.15 20.50
N HIS A 298 -1.11 7.93 20.41
CA HIS A 298 -1.84 8.23 19.18
C HIS A 298 -2.66 9.53 19.31
N MET A 299 -2.41 10.30 20.36
CA MET A 299 -3.28 11.43 20.65
C MET A 299 -2.93 12.64 19.82
N GLY A 300 -3.95 13.22 19.18
CA GLY A 300 -3.84 14.52 18.55
C GLY A 300 -4.16 15.64 19.52
N PHE A 301 -4.18 16.87 19.01
CA PHE A 301 -4.32 18.01 19.86
C PHE A 301 -4.48 19.24 19.05
N SER A 302 -5.30 20.16 19.55
CA SER A 302 -5.52 21.42 18.86
C SER A 302 -5.21 22.57 19.79
N SER A 303 -4.46 23.57 19.31
CA SER A 303 -4.29 24.78 20.11
C SER A 303 -3.95 26.00 19.30
N ASP A 304 -3.93 27.14 19.98
CA ASP A 304 -3.42 28.36 19.39
C ASP A 304 -2.10 28.66 20.04
N PHE A 305 -1.23 29.35 19.32
CA PHE A 305 0.14 29.60 19.75
C PHE A 305 0.48 31.02 19.34
N GLN A 306 0.86 31.84 20.30
CA GLN A 306 1.13 33.26 20.04
C GLN A 306 2.57 33.47 19.61
N THR A 307 2.75 33.96 18.38
CA THR A 307 4.07 34.39 17.92
C THR A 307 4.15 35.91 17.79
N ASP A 308 5.37 36.43 17.76
CA ASP A 308 5.58 37.84 17.47
C ASP A 308 4.77 38.28 16.26
N GLY A 309 4.65 37.40 15.27
CA GLY A 309 4.06 37.74 14.00
C GLY A 309 2.56 37.49 13.95
N GLY A 310 2.04 36.92 15.04
CA GLY A 310 0.60 36.80 15.22
C GLY A 310 0.19 35.46 15.78
N LEU A 311 -1.10 35.16 15.72
CA LEU A 311 -1.64 33.95 16.34
C LEU A 311 -1.75 32.83 15.31
N VAL A 312 -1.00 31.75 15.55
CA VAL A 312 -1.07 30.57 14.70
C VAL A 312 -1.95 29.49 15.35
N HIS A 313 -2.75 28.83 14.54
CA HIS A 313 -3.45 27.61 14.96
C HIS A 313 -2.57 26.39 14.75
N LEU A 314 -2.49 25.54 15.77
CA LEU A 314 -1.76 24.28 15.66
C LEU A 314 -2.73 23.12 15.68
N ALA A 315 -2.55 22.19 14.75
CA ALA A 315 -3.36 20.97 14.73
C ALA A 315 -2.50 19.75 14.49
N LEU A 316 -2.37 18.95 15.54
CA LEU A 316 -1.62 17.71 15.47
C LEU A 316 -2.61 16.56 15.30
N ALA A 317 -2.44 15.82 14.20
CA ALA A 317 -3.28 14.69 13.85
C ALA A 317 -3.37 13.53 14.89
N PHE A 318 -4.51 12.83 14.91
CA PHE A 318 -4.60 11.52 15.52
C PHE A 318 -4.12 10.50 14.53
N ASN A 319 -3.71 9.32 14.99
CA ASN A 319 -3.29 8.31 14.04
C ASN A 319 -3.26 6.93 14.66
N PRO A 320 -3.25 5.89 13.81
CA PRO A 320 -3.17 4.52 14.28
C PRO A 320 -1.69 4.11 14.38
N SER A 321 -1.43 2.87 14.79
CA SER A 321 -0.03 2.37 14.84
C SER A 321 0.61 2.13 13.46
N HIS A 322 -0.22 1.95 12.44
CA HIS A 322 0.26 1.87 11.07
C HIS A 322 1.04 3.12 10.68
N LEU A 323 2.30 2.93 10.29
CA LEU A 323 3.20 4.05 10.04
C LEU A 323 2.95 4.66 8.66
N GLU A 324 2.89 5.98 8.60
CA GLU A 324 3.19 6.71 7.38
C GLU A 324 1.91 7.09 6.63
N ILE A 325 0.77 6.71 7.20
CA ILE A 325 -0.51 6.86 6.51
C ILE A 325 -1.26 8.09 7.00
N VAL A 326 -0.83 8.62 8.15
CA VAL A 326 -1.35 9.90 8.63
C VAL A 326 -0.92 11.05 7.73
N SER A 327 0.08 10.80 6.89
CA SER A 327 0.69 11.84 6.08
C SER A 327 -0.32 12.44 5.11
N PRO A 328 -0.77 11.62 4.17
CA PRO A 328 -1.78 12.05 3.19
C PRO A 328 -3.07 12.51 3.87
N VAL A 329 -3.30 12.03 5.10
CA VAL A 329 -4.40 12.53 5.91
C VAL A 329 -4.18 14.00 6.28
N VAL A 330 -2.97 14.33 6.70
CA VAL A 330 -2.63 15.70 7.07
C VAL A 330 -2.84 16.66 5.91
N ILE A 331 -2.30 16.29 4.75
CA ILE A 331 -2.26 17.19 3.61
C ILE A 331 -3.64 17.33 2.96
N GLY A 332 -4.42 16.25 3.02
CA GLY A 332 -5.86 16.36 2.89
C GLY A 332 -6.46 17.39 3.83
N SER A 333 -6.04 17.33 5.09
CA SER A 333 -6.52 18.27 6.10
C SER A 333 -6.26 19.72 5.67
N VAL A 334 -5.04 19.98 5.20
CA VAL A 334 -4.65 21.32 4.81
C VAL A 334 -5.28 21.84 3.54
N ARG A 335 -5.67 20.97 2.61
CA ARG A 335 -6.32 21.47 1.39
C ARG A 335 -7.67 22.01 1.79
N ALA A 336 -8.36 21.29 2.65
CA ALA A 336 -9.64 21.76 3.20
C ALA A 336 -9.53 23.13 3.81
N ARG A 337 -8.49 23.33 4.62
CA ARG A 337 -8.32 24.57 5.38
C ARG A 337 -7.96 25.73 4.48
N LEU A 338 -7.23 25.42 3.41
CA LEU A 338 -6.89 26.40 2.41
C LEU A 338 -8.15 26.74 1.62
N ASP A 339 -9.04 25.77 1.51
CA ASP A 339 -10.19 25.93 0.62
C ASP A 339 -11.26 26.78 1.30
N ARG A 340 -11.02 27.17 2.55
CA ARG A 340 -12.01 27.97 3.27
C ARG A 340 -11.52 29.36 3.60
N LEU A 341 -10.30 29.67 3.15
CA LEU A 341 -9.82 31.05 3.14
C LEU A 341 -10.26 31.77 1.87
N ASP A 342 -10.16 33.10 1.90
CA ASP A 342 -10.89 33.93 0.94
C ASP A 342 -10.01 34.26 -0.27
N GLU A 343 -8.74 34.57 -0.02
CA GLU A 343 -7.68 34.27 -0.97
C GLU A 343 -6.64 33.34 -0.37
N PRO A 344 -6.46 32.18 -1.00
CA PRO A 344 -6.04 30.97 -0.27
C PRO A 344 -4.62 30.57 -0.63
N SER A 345 -3.66 31.43 -0.33
CA SER A 345 -2.27 31.19 -0.71
C SER A 345 -1.54 30.24 0.24
N SER A 346 -0.74 29.36 -0.35
CA SER A 346 -0.15 28.23 0.34
C SER A 346 0.53 28.59 1.65
N ASN A 347 1.21 29.73 1.70
CA ASN A 347 2.01 30.01 2.88
C ASN A 347 1.16 30.15 4.14
N LYS A 348 -0.15 30.11 3.97
CA LYS A 348 -1.07 30.47 5.06
C LYS A 348 -1.49 29.27 5.89
N VAL A 349 -1.27 28.09 5.34
CA VAL A 349 -1.40 26.86 6.10
C VAL A 349 -0.22 25.96 5.81
N LEU A 350 0.53 25.61 6.84
CA LEU A 350 1.74 24.82 6.65
C LEU A 350 1.57 23.35 7.08
N PRO A 351 1.77 22.40 6.15
CA PRO A 351 1.78 21.02 6.63
C PRO A 351 3.17 20.63 7.08
N ILE A 352 3.23 19.95 8.21
CA ILE A 352 4.49 19.41 8.72
C ILE A 352 4.29 17.93 8.95
N THR A 353 5.16 17.12 8.39
CA THR A 353 5.13 15.70 8.70
C THR A 353 6.47 15.23 9.23
N ILE A 354 6.42 14.44 10.29
CA ILE A 354 7.60 13.90 10.94
C ILE A 354 7.71 12.38 10.69
N HIS A 355 8.87 11.94 10.25
CA HIS A 355 9.05 10.54 9.88
C HIS A 355 10.24 9.94 10.56
N GLY A 356 10.26 8.61 10.64
CA GLY A 356 11.44 7.84 11.03
C GLY A 356 12.13 7.27 9.79
N ASP A 357 13.44 7.10 9.89
CA ASP A 357 14.27 6.66 8.75
C ASP A 357 13.73 5.43 8.00
N ALA A 358 13.40 4.38 8.73
CA ALA A 358 12.96 3.11 8.12
C ALA A 358 11.60 3.21 7.44
N ALA A 359 10.65 3.84 8.13
CA ALA A 359 9.28 3.90 7.67
C ALA A 359 9.24 4.61 6.31
N VAL A 360 10.10 5.60 6.16
CA VAL A 360 9.99 6.55 5.07
C VAL A 360 10.51 5.93 3.77
N THR A 361 11.51 5.05 3.88
CA THR A 361 11.95 4.28 2.72
C THR A 361 11.08 3.06 2.50
N GLY A 362 10.43 2.59 3.56
CA GLY A 362 9.86 1.25 3.60
C GLY A 362 8.35 1.23 3.41
N GLN A 363 7.71 2.39 3.52
CA GLN A 363 6.27 2.45 3.35
C GLN A 363 5.91 3.14 2.02
N GLY A 364 5.13 2.46 1.20
CA GLY A 364 4.90 2.92 -0.17
C GLY A 364 3.88 4.04 -0.29
N VAL A 365 3.18 4.32 0.80
CA VAL A 365 2.27 5.44 0.84
C VAL A 365 3.07 6.76 0.77
N VAL A 366 4.35 6.68 1.06
CA VAL A 366 5.20 7.84 0.84
C VAL A 366 5.30 8.18 -0.65
N GLN A 367 5.60 7.19 -1.48
CA GLN A 367 5.63 7.41 -2.92
C GLN A 367 4.28 7.98 -3.37
N GLU A 368 3.21 7.32 -2.95
CA GLU A 368 1.88 7.66 -3.41
C GLU A 368 1.56 9.11 -3.09
N THR A 369 1.98 9.52 -1.88
CA THR A 369 1.73 10.85 -1.36
C THR A 369 2.53 11.90 -2.12
N LEU A 370 3.77 11.60 -2.42
CA LEU A 370 4.62 12.50 -3.18
C LEU A 370 4.03 12.66 -4.56
N ASN A 371 3.66 11.54 -5.16
CA ASN A 371 3.13 11.54 -6.51
C ASN A 371 1.89 12.43 -6.56
N MET A 372 1.07 12.34 -5.53
CA MET A 372 -0.25 12.95 -5.55
C MET A 372 -0.19 14.44 -5.23
N SER A 373 0.72 14.83 -4.35
CA SER A 373 0.90 16.23 -4.00
C SER A 373 1.28 17.07 -5.23
N LYS A 374 1.37 16.42 -6.38
CA LYS A 374 1.76 17.09 -7.61
C LYS A 374 0.48 17.52 -8.35
N ALA A 375 -0.63 16.93 -7.94
CA ALA A 375 -1.82 16.86 -8.78
C ALA A 375 -2.80 17.96 -8.42
N ARG A 376 -3.46 18.50 -9.44
CA ARG A 376 -4.42 19.54 -9.21
C ARG A 376 -5.59 18.92 -8.43
N GLY A 377 -6.03 19.64 -7.40
CA GLY A 377 -7.07 19.16 -6.50
C GLY A 377 -6.48 18.51 -5.28
N TYR A 378 -5.14 18.44 -5.23
CA TYR A 378 -4.49 17.77 -4.12
C TYR A 378 -3.29 18.56 -3.60
N GLU A 379 -2.69 19.38 -4.45
CA GLU A 379 -1.50 20.16 -4.07
C GLU A 379 -1.75 21.12 -2.89
N VAL A 380 -0.76 21.37 -2.05
CA VAL A 380 -0.95 22.25 -0.91
C VAL A 380 0.22 23.20 -0.77
N GLY A 381 0.95 23.38 -1.87
CA GLY A 381 2.08 24.28 -1.85
C GLY A 381 3.24 23.66 -1.10
N GLY A 382 3.32 22.33 -1.11
CA GLY A 382 4.46 21.64 -0.57
C GLY A 382 4.42 21.39 0.94
N THR A 383 5.03 20.29 1.35
CA THR A 383 5.10 19.91 2.77
C THR A 383 6.53 20.00 3.31
N VAL A 384 6.68 20.46 4.55
CA VAL A 384 7.95 20.37 5.24
C VAL A 384 8.06 19.02 5.93
N ARG A 385 9.00 18.21 5.47
CA ARG A 385 9.14 16.85 5.94
C ARG A 385 10.36 16.71 6.85
N ILE A 386 10.11 16.35 8.10
CA ILE A 386 11.18 16.10 9.03
C ILE A 386 11.43 14.62 9.26
N VAL A 387 12.68 14.22 9.07
CA VAL A 387 13.07 12.81 9.21
C VAL A 387 13.91 12.67 10.46
N ILE A 388 13.44 11.86 11.39
CA ILE A 388 14.16 11.68 12.64
C ILE A 388 15.10 10.51 12.44
N ASN A 389 16.34 10.84 12.09
CA ASN A 389 17.29 9.85 11.62
C ASN A 389 18.14 9.20 12.74
N ASN A 390 17.80 7.96 13.10
CA ASN A 390 18.54 7.22 14.13
C ASN A 390 19.46 6.14 13.58
N GLN A 391 18.86 5.05 13.10
CA GLN A 391 19.50 3.73 13.04
C GLN A 391 20.40 3.58 11.81
N TYR A 407 20.71 8.12 1.27
CA TYR A 407 20.29 7.59 2.54
C TYR A 407 18.80 7.24 2.56
N CYS A 408 18.14 7.52 3.69
CA CYS A 408 16.70 7.30 3.86
C CYS A 408 15.87 8.38 3.15
N THR A 409 16.43 9.58 3.06
CA THR A 409 15.72 10.72 2.49
C THR A 409 15.79 10.65 0.96
N ASP A 410 16.15 9.48 0.45
CA ASP A 410 16.57 9.34 -0.94
C ASP A 410 15.37 9.16 -1.86
N ILE A 411 14.19 8.95 -1.27
CA ILE A 411 12.95 9.01 -2.02
C ILE A 411 12.67 10.42 -2.53
N GLY A 412 13.18 11.42 -1.82
CA GLY A 412 12.96 12.80 -2.18
C GLY A 412 13.73 13.21 -3.43
N LYS A 413 14.12 12.22 -4.22
CA LYS A 413 14.73 12.48 -5.52
C LYS A 413 13.93 11.83 -6.65
N MET A 414 12.98 10.98 -6.29
CA MET A 414 11.88 10.58 -7.20
C MET A 414 11.01 11.77 -7.63
N VAL A 415 10.69 12.65 -6.68
CA VAL A 415 10.56 14.07 -7.00
C VAL A 415 11.94 14.68 -6.96
N GLN A 416 12.03 16.00 -6.80
CA GLN A 416 13.36 16.62 -6.69
C GLN A 416 13.38 17.75 -5.71
N ALA A 417 13.65 17.43 -4.45
CA ALA A 417 13.54 18.39 -3.36
C ALA A 417 14.88 18.59 -2.64
N PRO A 418 15.11 19.79 -2.15
CA PRO A 418 16.27 20.04 -1.29
C PRO A 418 16.23 19.16 -0.06
N ILE A 419 17.37 18.65 0.35
CA ILE A 419 17.51 17.90 1.57
C ILE A 419 18.54 18.59 2.44
N PHE A 420 18.11 19.10 3.59
CA PHE A 420 19.01 19.66 4.57
C PHE A 420 19.24 18.69 5.71
N HIS A 421 20.47 18.18 5.78
CA HIS A 421 20.90 17.32 6.87
C HIS A 421 21.49 18.19 7.96
N VAL A 422 21.17 17.87 9.20
CA VAL A 422 21.73 18.63 10.28
C VAL A 422 21.92 17.81 11.57
N ASN A 423 22.91 18.23 12.34
CA ASN A 423 23.36 17.54 13.54
C ASN A 423 22.49 17.96 14.72
N ALA A 424 21.71 17.05 15.26
CA ALA A 424 20.77 17.40 16.36
C ALA A 424 21.45 18.05 17.56
N ASP A 425 22.76 17.93 17.65
CA ASP A 425 23.48 18.41 18.84
C ASP A 425 23.77 19.90 18.76
N ASP A 426 23.52 20.50 17.61
CA ASP A 426 23.65 21.95 17.46
C ASP A 426 22.32 22.64 17.25
N PRO A 427 21.73 23.17 18.32
CA PRO A 427 20.40 23.74 18.21
C PRO A 427 20.41 24.95 17.28
N GLU A 428 21.47 25.73 17.35
CA GLU A 428 21.62 26.89 16.46
C GLU A 428 21.66 26.52 14.99
N ALA A 429 22.44 25.52 14.62
CA ALA A 429 22.39 25.06 13.24
C ALA A 429 21.00 24.53 12.93
N VAL A 430 20.36 23.94 13.94
CA VAL A 430 19.04 23.37 13.71
C VAL A 430 18.02 24.47 13.44
N ALA A 431 18.07 25.53 14.24
CA ALA A 431 17.21 26.68 14.03
C ALA A 431 17.40 27.22 12.62
N PHE A 432 18.67 27.33 12.20
CA PHE A 432 18.96 27.99 10.94
C PHE A 432 18.37 27.18 9.82
N VAL A 433 18.62 25.88 9.84
CA VAL A 433 18.10 25.02 8.79
C VAL A 433 16.57 25.04 8.78
N THR A 434 15.97 25.14 9.97
CA THR A 434 14.52 25.22 10.06
C THR A 434 13.98 26.40 9.23
N ARG A 435 14.46 27.60 9.52
CA ARG A 435 14.09 28.79 8.72
C ARG A 435 14.37 28.59 7.24
N LEU A 436 15.57 28.13 6.93
CA LEU A 436 15.93 27.89 5.57
C LEU A 436 14.89 27.02 4.87
N ALA A 437 14.58 25.87 5.47
CA ALA A 437 13.64 24.95 4.86
C ALA A 437 12.24 25.58 4.71
N LEU A 438 11.80 26.28 5.74
CA LEU A 438 10.50 26.89 5.74
C LEU A 438 10.44 28.00 4.71
N ASP A 439 11.42 28.91 4.74
CA ASP A 439 11.52 29.98 3.71
C ASP A 439 11.46 29.37 2.32
N PHE A 440 12.16 28.26 2.13
CA PHE A 440 12.23 27.66 0.82
C PHE A 440 10.88 27.20 0.40
N ARG A 441 10.14 26.56 1.29
CA ARG A 441 8.85 26.00 0.92
C ARG A 441 7.79 27.09 0.67
N ASN A 442 7.77 28.10 1.54
CA ASN A 442 6.89 29.29 1.37
C ASN A 442 7.22 30.09 0.13
N THR A 443 8.49 30.07 -0.25
CA THR A 443 8.94 30.77 -1.43
C THR A 443 8.58 30.01 -2.71
N PHE A 444 8.92 28.73 -2.75
CA PHE A 444 8.89 27.94 -4.00
C PHE A 444 7.76 26.87 -4.06
N LYS A 445 6.97 26.73 -2.99
CA LYS A 445 5.75 25.93 -3.06
C LYS A 445 6.07 24.46 -3.32
N ARG A 446 7.17 24.00 -2.71
CA ARG A 446 7.69 22.68 -2.99
C ARG A 446 7.98 21.93 -1.70
N ASP A 447 7.80 20.61 -1.70
CA ASP A 447 8.29 19.77 -0.58
C ASP A 447 9.77 20.02 -0.30
N VAL A 448 10.11 20.16 0.97
CA VAL A 448 11.50 20.19 1.43
C VAL A 448 11.72 19.16 2.55
N PHE A 449 12.94 18.65 2.66
CA PHE A 449 13.27 17.61 3.66
C PHE A 449 14.30 18.12 4.65
N ILE A 450 14.02 17.95 5.93
CA ILE A 450 15.03 18.17 6.97
C ILE A 450 15.45 16.86 7.60
N ASP A 451 16.67 16.43 7.31
CA ASP A 451 17.23 15.21 7.90
C ASP A 451 17.85 15.49 9.26
N LEU A 452 17.08 15.25 10.31
CA LEU A 452 17.55 15.48 11.68
C LEU A 452 18.35 14.29 12.20
N VAL A 453 19.67 14.42 12.21
CA VAL A 453 20.55 13.30 12.47
C VAL A 453 20.87 13.19 13.96
N CYS A 454 20.46 12.10 14.58
CA CYS A 454 20.49 11.97 16.04
C CYS A 454 20.66 10.52 16.47
N TYR A 455 20.22 10.22 17.68
CA TYR A 455 20.27 8.86 18.19
C TYR A 455 19.09 8.57 19.12
N ARG A 456 18.97 7.32 19.54
CA ARG A 456 18.00 6.94 20.58
C ARG A 456 18.80 6.73 21.87
N ARG A 457 18.69 7.61 22.84
CA ARG A 457 19.36 7.35 24.10
C ARG A 457 18.91 6.02 24.69
N HIS A 458 17.68 5.62 24.42
CA HIS A 458 17.16 4.37 24.98
C HIS A 458 16.85 3.34 23.90
N GLN A 470 25.80 -4.34 17.81
CA GLN A 470 25.45 -2.93 17.99
C GLN A 470 25.14 -2.55 19.46
N PRO A 471 25.72 -3.30 20.42
CA PRO A 471 26.01 -2.74 21.75
C PRO A 471 27.39 -2.06 21.82
N LEU A 472 28.01 -1.86 20.66
CA LEU A 472 29.29 -1.14 20.54
C LEU A 472 29.07 0.38 20.55
N MET A 473 27.90 0.79 20.07
CA MET A 473 27.52 2.20 20.04
C MET A 473 26.70 2.56 21.27
N TYR A 474 25.95 1.59 21.79
CA TYR A 474 25.31 1.75 23.07
C TYR A 474 26.31 2.31 24.06
N GLN A 475 27.50 1.73 24.06
CA GLN A 475 28.59 2.21 24.88
C GLN A 475 29.02 3.62 24.46
N LYS A 476 28.97 3.88 23.16
CA LYS A 476 29.19 5.22 22.61
C LYS A 476 28.21 6.23 23.21
N ILE A 477 26.93 5.87 23.19
CA ILE A 477 25.86 6.76 23.62
C ILE A 477 25.93 7.10 25.11
N LYS A 478 26.26 6.11 25.94
CA LYS A 478 26.29 6.29 27.40
C LYS A 478 27.31 7.33 27.81
N LYS A 479 28.51 7.24 27.24
CA LYS A 479 29.58 8.21 27.49
C LYS A 479 29.32 9.58 26.81
N HIS A 480 28.29 9.67 25.98
CA HIS A 480 27.97 10.93 25.29
C HIS A 480 27.08 11.86 26.11
N PRO A 481 27.52 13.10 26.29
CA PRO A 481 26.70 14.12 26.95
C PRO A 481 25.42 14.41 26.16
N THR A 482 24.33 14.74 26.87
CA THR A 482 23.07 15.09 26.22
C THR A 482 23.12 16.50 25.61
N PRO A 483 22.18 16.79 24.69
CA PRO A 483 22.09 18.07 23.99
C PRO A 483 21.94 19.27 24.93
N ARG A 484 21.03 19.19 25.89
CA ARG A 484 21.00 20.22 26.92
C ARG A 484 22.41 20.45 27.44
N LYS A 485 23.10 19.37 27.83
CA LYS A 485 24.43 19.50 28.45
C LYS A 485 25.46 20.10 27.50
N ILE A 486 25.47 19.64 26.27
CA ILE A 486 26.43 20.11 25.31
C ILE A 486 26.27 21.61 25.11
N TYR A 487 25.01 22.05 25.08
CA TYR A 487 24.70 23.45 24.80
C TYR A 487 24.96 24.36 25.97
N ALA A 488 24.49 23.97 27.16
CA ALA A 488 24.79 24.74 28.36
C ALA A 488 26.29 24.91 28.60
N ASP A 489 27.07 23.88 28.31
CA ASP A 489 28.54 24.00 28.41
C ASP A 489 29.03 25.08 27.45
N LYS A 490 28.50 25.09 26.23
CA LYS A 490 28.88 26.09 25.23
C LYS A 490 28.47 27.53 25.62
N LEU A 491 27.22 27.70 26.05
CA LEU A 491 26.74 29.00 26.50
C LEU A 491 27.49 29.47 27.75
N GLU A 492 28.21 28.56 28.38
CA GLU A 492 29.07 28.92 29.51
C GLU A 492 30.45 29.39 29.05
N GLN A 493 31.00 28.74 28.02
CA GLN A 493 32.25 29.16 27.38
C GLN A 493 31.98 30.23 26.34
N GLU A 494 30.91 30.98 26.55
CA GLU A 494 30.59 32.15 25.75
C GLU A 494 30.11 33.22 26.72
N LYS A 495 30.12 32.87 28.00
CA LYS A 495 29.64 33.76 29.05
C LYS A 495 28.22 34.25 28.74
N VAL A 496 27.41 33.38 28.16
CA VAL A 496 26.01 33.71 27.93
C VAL A 496 25.04 33.16 28.98
N ALA A 497 25.36 31.99 29.54
CA ALA A 497 24.71 31.53 30.78
C ALA A 497 25.64 30.74 31.71
N THR A 498 25.62 31.09 32.99
CA THR A 498 26.40 30.36 33.96
C THR A 498 25.79 28.99 34.18
N LEU A 499 26.59 28.09 34.72
CA LEU A 499 26.08 26.91 35.39
C LEU A 499 24.82 27.23 36.18
N GLU A 500 24.84 28.33 36.91
CA GLU A 500 23.81 28.62 37.87
C GLU A 500 22.54 28.97 37.08
N ASP A 501 22.75 29.50 35.89
CA ASP A 501 21.65 29.79 35.00
C ASP A 501 21.02 28.47 34.50
N ALA A 502 21.86 27.62 33.88
CA ALA A 502 21.42 26.34 33.35
C ALA A 502 20.70 25.51 34.40
N THR A 503 21.33 25.38 35.56
CA THR A 503 20.78 24.63 36.67
C THR A 503 19.41 25.13 37.04
N GLU A 504 19.20 26.44 37.00
CA GLU A 504 17.92 26.94 37.44
C GLU A 504 16.82 26.78 36.37
N MET A 505 17.18 26.84 35.09
CA MET A 505 16.24 26.40 34.06
C MET A 505 15.74 24.99 34.35
N VAL A 506 16.64 24.14 34.80
CA VAL A 506 16.31 22.74 35.05
C VAL A 506 15.45 22.60 36.29
N ASN A 507 15.67 23.46 37.28
CA ASN A 507 14.85 23.42 38.49
C ASN A 507 13.48 23.99 38.22
N LEU A 508 13.46 25.11 37.50
CA LEU A 508 12.20 25.76 37.16
C LEU A 508 11.24 24.83 36.42
N TYR A 509 11.79 24.04 35.49
CA TYR A 509 10.96 23.18 34.65
C TYR A 509 10.40 22.00 35.46
N ARG A 510 11.29 21.30 36.18
CA ARG A 510 10.85 20.29 37.14
C ARG A 510 9.70 20.79 38.03
N ASP A 511 9.82 22.00 38.57
CA ASP A 511 8.75 22.60 39.44
C ASP A 511 7.44 22.76 38.69
N ALA A 512 7.54 23.25 37.45
CA ALA A 512 6.38 23.44 36.60
C ALA A 512 5.65 22.12 36.31
N LEU A 513 6.42 21.07 35.97
CA LEU A 513 5.84 19.73 35.92
C LEU A 513 5.13 19.35 37.21
N ASP A 514 5.81 19.52 38.33
CA ASP A 514 5.20 19.24 39.64
C ASP A 514 3.89 20.00 39.83
N ALA A 515 3.80 21.20 39.26
CA ALA A 515 2.58 21.96 39.40
C ALA A 515 1.50 21.45 38.45
N GLY A 516 1.92 20.98 37.28
CA GLY A 516 1.02 20.27 36.37
C GLY A 516 0.32 21.14 35.32
N ASP A 517 0.57 22.44 35.37
CA ASP A 517 0.02 23.34 34.37
C ASP A 517 0.79 23.47 33.07
N CYS A 518 0.12 24.05 32.08
CA CYS A 518 0.72 24.27 30.79
C CYS A 518 2.11 24.87 30.93
N VAL A 519 3.01 24.45 30.05
CA VAL A 519 4.42 24.76 30.19
C VAL A 519 4.91 25.46 28.93
N VAL A 520 3.98 25.71 28.01
CA VAL A 520 4.28 26.48 26.83
C VAL A 520 3.75 27.90 26.96
N ALA A 521 4.66 28.80 27.29
CA ALA A 521 4.33 30.18 27.55
C ALA A 521 3.46 30.78 26.43
N GLU A 522 3.57 30.26 25.22
CA GLU A 522 2.91 30.91 24.12
C GLU A 522 1.60 30.20 23.70
N TRP A 523 1.26 29.13 24.41
CA TRP A 523 -0.05 28.52 24.26
C TRP A 523 -1.18 29.50 24.60
N ARG A 524 -2.18 29.59 23.73
CA ARG A 524 -3.42 30.30 24.06
C ARG A 524 -4.60 29.40 23.77
N PRO A 525 -5.61 29.42 24.66
CA PRO A 525 -6.87 28.70 24.43
C PRO A 525 -7.55 29.17 23.14
N MET A 526 -8.17 28.24 22.42
CA MET A 526 -8.82 28.58 21.16
C MET A 526 -10.04 29.47 21.36
N ASN A 527 -10.33 30.28 20.36
CA ASN A 527 -11.59 31.04 20.31
C ASN A 527 -12.76 30.19 19.88
N MET A 528 -13.96 30.60 20.29
CA MET A 528 -15.19 29.98 19.81
C MET A 528 -15.16 29.65 18.30
N HIS A 529 -14.75 30.61 17.48
CA HIS A 529 -14.84 30.42 16.04
C HIS A 529 -13.94 29.30 15.53
N SER A 530 -12.95 28.91 16.33
CA SER A 530 -12.07 27.81 15.95
C SER A 530 -12.72 26.44 16.07
N PHE A 531 -13.91 26.37 16.70
CA PHE A 531 -14.55 25.08 16.95
C PHE A 531 -15.57 24.79 15.86
N THR A 532 -15.07 24.32 14.73
CA THR A 532 -15.83 24.27 13.50
C THR A 532 -16.82 23.10 13.53
N TRP A 533 -16.56 22.15 14.43
CA TRP A 533 -17.33 20.92 14.49
C TRP A 533 -18.53 20.93 15.47
N SER A 534 -18.62 21.94 16.34
CA SER A 534 -19.56 21.86 17.46
C SER A 534 -21.03 21.65 17.05
N PRO A 535 -21.47 22.29 15.93
CA PRO A 535 -22.85 22.08 15.47
C PRO A 535 -23.13 20.63 15.05
N TYR A 536 -22.10 19.83 14.84
CA TYR A 536 -22.29 18.55 14.13
C TYR A 536 -22.12 17.36 15.02
N LEU A 537 -22.03 17.59 16.33
CA LEU A 537 -21.90 16.49 17.28
C LEU A 537 -23.24 16.01 17.79
N ASN A 538 -23.30 14.73 18.16
CA ASN A 538 -24.48 14.18 18.84
C ASN A 538 -25.76 14.28 18.02
N HIS A 539 -25.70 13.77 16.80
CA HIS A 539 -26.89 13.65 15.96
C HIS A 539 -27.15 12.18 15.56
N GLU A 540 -28.41 11.86 15.37
CA GLU A 540 -28.77 10.50 15.04
C GLU A 540 -29.13 10.42 13.59
N TRP A 541 -29.10 9.21 13.05
CA TRP A 541 -29.24 9.05 11.61
C TRP A 541 -30.63 9.43 11.12
N ASP A 542 -31.63 9.19 11.98
CA ASP A 542 -33.04 9.34 11.60
C ASP A 542 -33.62 10.69 11.98
N GLU A 543 -32.77 11.69 12.19
CA GLU A 543 -33.28 13.01 12.47
C GLU A 543 -33.91 13.60 11.22
N GLU A 544 -34.86 14.49 11.42
CA GLU A 544 -35.53 15.15 10.33
C GLU A 544 -34.62 16.18 9.63
N TYR A 545 -34.83 16.39 8.33
CA TYR A 545 -34.04 17.37 7.63
C TYR A 545 -34.88 17.85 6.46
N PRO A 546 -34.56 19.03 5.94
CA PRO A 546 -35.32 19.63 4.85
C PRO A 546 -35.22 18.85 3.55
N ASN A 547 -35.97 17.76 3.47
CA ASN A 547 -35.93 16.91 2.30
C ASN A 547 -36.55 17.55 1.06
N LYS A 548 -37.65 18.28 1.24
CA LYS A 548 -38.42 18.79 0.10
C LYS A 548 -37.77 20.01 -0.52
N VAL A 549 -37.94 20.18 -1.83
CA VAL A 549 -37.46 21.39 -2.50
C VAL A 549 -38.56 21.87 -3.38
N GLU A 550 -38.80 23.18 -3.38
CA GLU A 550 -40.01 23.69 -4.01
C GLU A 550 -39.91 23.53 -5.52
N MET A 551 -40.96 22.99 -6.12
CA MET A 551 -40.89 22.55 -7.51
C MET A 551 -40.36 23.62 -8.45
N LYS A 552 -40.78 24.85 -8.24
CA LYS A 552 -40.39 25.92 -9.11
C LYS A 552 -38.87 25.97 -9.13
N ARG A 553 -38.25 25.98 -7.94
CA ARG A 553 -36.82 26.20 -7.89
C ARG A 553 -36.08 24.98 -8.46
N LEU A 554 -36.62 23.79 -8.19
CA LEU A 554 -36.06 22.54 -8.72
C LEU A 554 -35.98 22.62 -10.22
N GLN A 555 -37.10 22.89 -10.87
CA GLN A 555 -37.08 22.93 -12.32
C GLN A 555 -36.15 24.03 -12.83
N GLU A 556 -36.12 25.19 -12.16
CA GLU A 556 -35.19 26.27 -12.51
CA GLU A 556 -35.19 26.23 -12.56
C GLU A 556 -33.74 25.76 -12.54
N LEU A 557 -33.36 24.95 -11.55
CA LEU A 557 -31.98 24.43 -11.44
C LEU A 557 -31.76 23.31 -12.45
N ALA A 558 -32.76 22.45 -12.56
CA ALA A 558 -32.73 21.39 -13.55
C ALA A 558 -32.45 21.99 -14.90
N LYS A 559 -32.94 23.20 -15.12
CA LYS A 559 -32.86 23.80 -16.44
C LYS A 559 -31.51 24.49 -16.61
N ARG A 560 -31.08 25.24 -15.59
CA ARG A 560 -29.76 25.87 -15.65
C ARG A 560 -28.58 24.88 -15.86
N ILE A 561 -28.59 23.73 -15.17
CA ILE A 561 -27.46 22.80 -15.32
C ILE A 561 -27.58 21.93 -16.57
N SER A 562 -28.64 22.15 -17.34
CA SER A 562 -28.88 21.38 -18.55
C SER A 562 -28.55 22.25 -19.73
N THR A 563 -28.27 23.51 -19.43
CA THR A 563 -28.17 24.52 -20.44
C THR A 563 -26.73 25.03 -20.59
N VAL A 564 -26.15 24.77 -21.77
CA VAL A 564 -24.74 25.01 -22.05
C VAL A 564 -24.57 26.15 -23.06
N PRO A 565 -23.82 27.20 -22.68
CA PRO A 565 -23.61 28.31 -23.60
C PRO A 565 -23.16 27.80 -24.96
N GLU A 566 -23.69 28.38 -26.04
CA GLU A 566 -23.50 27.83 -27.38
C GLU A 566 -22.00 27.78 -27.73
N ALA A 567 -21.24 28.69 -27.09
CA ALA A 567 -19.77 28.71 -27.15
C ALA A 567 -19.10 27.35 -27.01
N VAL A 568 -19.74 26.44 -26.27
CA VAL A 568 -19.12 25.18 -25.91
C VAL A 568 -19.54 24.10 -26.91
N GLU A 569 -18.60 23.63 -27.72
CA GLU A 569 -18.93 22.59 -28.69
C GLU A 569 -18.95 21.28 -27.96
N MET A 570 -20.11 20.63 -27.95
CA MET A 570 -20.24 19.31 -27.35
C MET A 570 -20.01 18.17 -28.33
N GLN A 571 -19.24 17.18 -27.91
CA GLN A 571 -19.26 15.86 -28.54
C GLN A 571 -20.71 15.38 -28.75
N SER A 572 -20.89 14.50 -29.71
CA SER A 572 -22.22 14.21 -30.22
C SER A 572 -23.03 13.46 -29.17
N ARG A 573 -22.41 12.50 -28.51
CA ARG A 573 -23.14 11.64 -27.56
C ARG A 573 -23.54 12.46 -26.35
N VAL A 574 -22.69 13.41 -25.99
CA VAL A 574 -22.93 14.27 -24.85
C VAL A 574 -24.06 15.23 -25.11
N ALA A 575 -24.02 15.89 -26.26
CA ALA A 575 -25.05 16.87 -26.60
C ALA A 575 -26.44 16.26 -26.49
N LYS A 576 -26.55 15.01 -26.93
CA LYS A 576 -27.76 14.22 -26.75
C LYS A 576 -28.14 14.12 -25.27
N ILE A 577 -27.20 13.69 -24.46
CA ILE A 577 -27.47 13.44 -23.06
C ILE A 577 -27.97 14.73 -22.45
N TYR A 578 -27.37 15.83 -22.84
CA TYR A 578 -27.83 17.13 -22.36
C TYR A 578 -29.23 17.53 -22.83
N GLY A 579 -29.57 17.17 -24.06
CA GLY A 579 -30.92 17.41 -24.56
C GLY A 579 -31.95 16.67 -23.73
N ASP A 580 -31.64 15.41 -23.46
CA ASP A 580 -32.38 14.64 -22.47
C ASP A 580 -32.60 15.36 -21.13
N ARG A 581 -31.57 16.03 -20.60
CA ARG A 581 -31.68 16.56 -19.26
C ARG A 581 -32.50 17.84 -19.23
N GLN A 582 -32.48 18.58 -20.34
CA GLN A 582 -33.44 19.66 -20.56
C GLN A 582 -34.88 19.15 -20.61
N ALA A 583 -35.06 17.92 -21.06
CA ALA A 583 -36.40 17.35 -21.17
C ALA A 583 -36.85 16.78 -19.84
N MET A 584 -35.90 16.26 -19.06
CA MET A 584 -36.19 15.89 -17.69
C MET A 584 -36.62 17.15 -16.89
N ALA A 585 -35.90 18.25 -17.10
CA ALA A 585 -36.18 19.49 -16.38
C ALA A 585 -37.60 19.99 -16.62
N ALA A 586 -38.16 19.67 -17.78
CA ALA A 586 -39.39 20.30 -18.23
C ALA A 586 -40.58 19.36 -18.03
N GLY A 587 -40.31 18.20 -17.47
CA GLY A 587 -41.37 17.27 -17.12
C GLY A 587 -41.69 16.34 -18.27
N GLU A 588 -40.98 16.51 -19.39
CA GLU A 588 -41.23 15.74 -20.59
C GLU A 588 -40.50 14.40 -20.63
N LYS A 589 -39.76 14.08 -19.57
CA LYS A 589 -39.02 12.81 -19.52
C LYS A 589 -38.51 12.54 -18.11
N LEU A 590 -38.57 11.28 -17.70
CA LEU A 590 -38.15 10.85 -16.36
C LEU A 590 -36.62 10.97 -16.18
N PHE A 591 -36.19 11.29 -14.95
CA PHE A 591 -34.75 11.38 -14.66
C PHE A 591 -34.17 9.99 -14.61
N ASP A 592 -33.04 9.81 -15.29
CA ASP A 592 -32.09 8.73 -15.01
C ASP A 592 -31.08 9.12 -13.91
N TRP A 593 -30.11 8.26 -13.66
CA TRP A 593 -29.27 8.39 -12.48
C TRP A 593 -28.45 9.68 -12.57
N GLY A 594 -27.83 9.90 -13.71
CA GLY A 594 -26.91 11.02 -13.86
C GLY A 594 -27.69 12.30 -13.79
N GLY A 595 -28.83 12.37 -14.47
CA GLY A 595 -29.68 13.55 -14.38
C GLY A 595 -30.04 13.91 -12.94
N ALA A 596 -30.46 12.91 -12.15
CA ALA A 596 -30.85 13.16 -10.75
C ALA A 596 -29.64 13.47 -9.86
N GLU A 597 -28.55 12.73 -10.06
CA GLU A 597 -27.37 12.93 -9.22
C GLU A 597 -26.89 14.38 -9.30
N ASN A 598 -26.76 14.88 -10.53
CA ASN A 598 -26.25 16.23 -10.72
C ASN A 598 -27.27 17.23 -10.17
N LEU A 599 -28.54 16.85 -10.17
CA LEU A 599 -29.56 17.76 -9.70
C LEU A 599 -29.44 17.90 -8.17
N ALA A 600 -29.12 16.80 -7.51
CA ALA A 600 -28.77 16.87 -6.10
C ALA A 600 -27.70 17.92 -5.82
N TYR A 601 -26.58 17.83 -6.54
CA TYR A 601 -25.50 18.79 -6.29
C TYR A 601 -26.00 20.21 -6.51
N ALA A 602 -26.78 20.40 -7.56
CA ALA A 602 -27.32 21.75 -7.83
C ALA A 602 -28.06 22.27 -6.60
N THR A 603 -28.93 21.44 -6.04
CA THR A 603 -29.73 21.90 -4.92
C THR A 603 -28.89 22.21 -3.70
N LEU A 604 -27.70 21.64 -3.62
CA LEU A 604 -26.83 21.89 -2.48
C LEU A 604 -26.01 23.15 -2.69
N VAL A 605 -25.42 23.30 -3.87
CA VAL A 605 -24.60 24.48 -4.05
C VAL A 605 -25.50 25.70 -4.13
N ASP A 606 -26.69 25.53 -4.69
CA ASP A 606 -27.66 26.61 -4.77
C ASP A 606 -27.84 27.30 -3.44
N GLU A 607 -27.82 26.52 -2.37
CA GLU A 607 -28.01 27.09 -1.05
C GLU A 607 -26.72 27.26 -0.25
N GLY A 608 -25.58 27.22 -0.93
CA GLY A 608 -24.32 27.63 -0.32
C GLY A 608 -23.43 26.51 0.16
N ILE A 609 -23.90 25.27 0.02
CA ILE A 609 -23.14 24.08 0.44
C ILE A 609 -22.19 23.62 -0.66
N PRO A 610 -20.89 23.69 -0.40
CA PRO A 610 -19.93 23.29 -1.43
C PRO A 610 -19.86 21.76 -1.56
N VAL A 611 -19.47 21.30 -2.74
CA VAL A 611 -19.27 19.88 -3.00
C VAL A 611 -17.85 19.65 -3.52
N ARG A 612 -17.21 18.58 -3.04
CA ARG A 612 -15.95 18.15 -3.59
C ARG A 612 -16.08 16.69 -4.02
N LEU A 613 -15.95 16.46 -5.30
CA LEU A 613 -16.03 15.10 -5.83
C LEU A 613 -14.69 14.69 -6.42
N SER A 614 -14.23 13.49 -6.07
CA SER A 614 -12.87 13.07 -6.34
C SER A 614 -12.88 11.59 -6.70
N GLY A 615 -12.18 11.24 -7.78
CA GLY A 615 -12.16 9.85 -8.23
C GLY A 615 -11.64 9.69 -9.64
N GLU A 616 -11.26 8.46 -9.99
CA GLU A 616 -10.82 8.14 -11.33
C GLU A 616 -11.90 8.54 -12.30
N ASP A 617 -11.60 9.49 -13.19
CA ASP A 617 -12.48 9.82 -14.33
C ASP A 617 -13.85 10.33 -13.86
N SER A 618 -13.87 10.97 -12.71
CA SER A 618 -15.13 11.31 -12.08
C SER A 618 -15.95 12.46 -12.73
N GLY A 619 -15.28 13.41 -13.37
CA GLY A 619 -16.00 14.45 -14.13
C GLY A 619 -17.01 13.94 -15.14
N ARG A 620 -16.61 12.95 -15.93
CA ARG A 620 -17.47 12.31 -16.92
C ARG A 620 -18.18 11.11 -16.30
N GLY A 621 -17.41 10.28 -15.59
CA GLY A 621 -17.91 9.03 -15.06
C GLY A 621 -17.27 7.84 -15.75
N THR A 622 -16.81 6.88 -14.97
CA THR A 622 -16.23 5.67 -15.52
C THR A 622 -17.22 5.03 -16.49
N PHE A 623 -18.50 5.17 -16.19
CA PHE A 623 -19.56 4.51 -16.95
C PHE A 623 -20.34 5.54 -17.78
N PHE A 624 -19.80 6.74 -17.89
CA PHE A 624 -20.32 7.69 -18.87
CA PHE A 624 -20.29 7.75 -18.81
C PHE A 624 -21.68 8.25 -18.43
N HIS A 625 -21.88 8.42 -17.13
CA HIS A 625 -23.21 8.61 -16.57
C HIS A 625 -23.37 10.02 -16.01
N ARG A 626 -22.26 10.66 -15.68
CA ARG A 626 -22.28 11.90 -14.91
C ARG A 626 -22.20 13.11 -15.82
N HIS A 627 -21.15 13.19 -16.62
CA HIS A 627 -20.93 14.34 -17.49
C HIS A 627 -21.14 15.65 -16.74
N ALA A 628 -20.57 15.74 -15.54
CA ALA A 628 -20.56 16.97 -14.81
C ALA A 628 -19.62 17.95 -15.47
N VAL A 629 -18.59 17.42 -16.12
CA VAL A 629 -17.65 18.26 -16.85
C VAL A 629 -17.73 17.98 -18.33
N ILE A 630 -17.85 19.05 -19.11
CA ILE A 630 -18.07 18.95 -20.53
C ILE A 630 -16.81 19.41 -21.22
N HIS A 631 -16.28 18.57 -22.11
CA HIS A 631 -15.04 18.89 -22.78
C HIS A 631 -15.35 19.65 -24.06
N ASN A 632 -14.85 20.88 -24.15
CA ASN A 632 -15.00 21.67 -25.36
C ASN A 632 -14.17 21.13 -26.52
N GLN A 633 -14.76 21.08 -27.70
CA GLN A 633 -14.06 20.60 -28.89
C GLN A 633 -13.49 21.77 -29.68
N SER A 634 -13.72 22.99 -29.21
CA SER A 634 -13.19 24.18 -29.85
C SER A 634 -11.89 24.63 -29.18
N ASN A 635 -11.96 24.91 -27.89
CA ASN A 635 -10.80 25.39 -27.15
C ASN A 635 -9.97 24.24 -26.57
N GLY A 636 -10.56 23.04 -26.58
CA GLY A 636 -10.01 21.92 -25.84
C GLY A 636 -10.14 22.11 -24.34
N SER A 637 -10.75 23.22 -23.93
CA SER A 637 -10.99 23.48 -22.53
C SER A 637 -12.22 22.72 -22.02
N THR A 638 -12.61 23.00 -20.78
CA THR A 638 -13.83 22.42 -20.21
C THR A 638 -14.79 23.44 -19.67
N TYR A 639 -16.03 23.01 -19.51
CA TYR A 639 -17.06 23.81 -18.88
C TYR A 639 -17.83 22.91 -17.94
N THR A 640 -18.06 23.41 -16.74
CA THR A 640 -18.72 22.63 -15.69
C THR A 640 -19.96 23.35 -15.20
N PRO A 641 -21.12 22.94 -15.72
CA PRO A 641 -22.40 23.62 -15.45
C PRO A 641 -22.61 23.89 -13.99
N LEU A 642 -22.27 22.94 -13.11
CA LEU A 642 -22.63 23.12 -11.71
C LEU A 642 -21.88 24.26 -11.12
N GLN A 643 -20.93 24.80 -11.85
CA GLN A 643 -20.16 25.94 -11.34
C GLN A 643 -20.79 27.28 -11.71
N HIS A 644 -21.92 27.24 -12.42
CA HIS A 644 -22.50 28.46 -13.02
C HIS A 644 -23.98 28.63 -12.72
N ILE A 645 -24.32 28.48 -11.45
CA ILE A 645 -25.70 28.57 -11.04
C ILE A 645 -26.04 30.00 -10.62
N HIS A 646 -25.37 30.49 -9.58
CA HIS A 646 -25.44 31.90 -9.22
C HIS A 646 -24.27 32.35 -8.39
N ASN A 647 -23.97 33.65 -8.48
CA ASN A 647 -22.92 34.24 -7.65
C ASN A 647 -23.15 33.89 -6.19
N GLY A 648 -22.09 33.42 -5.53
CA GLY A 648 -22.19 33.11 -4.10
C GLY A 648 -22.76 31.74 -3.80
N GLN A 649 -22.73 30.84 -4.78
CA GLN A 649 -23.11 29.45 -4.56
C GLN A 649 -22.00 28.74 -3.84
N GLY A 650 -22.29 27.57 -3.29
CA GLY A 650 -21.22 26.70 -2.85
C GLY A 650 -20.30 26.44 -4.04
N ALA A 651 -19.01 26.31 -3.78
CA ALA A 651 -18.11 25.84 -4.82
C ALA A 651 -18.44 24.40 -5.17
N PHE A 652 -18.25 24.07 -6.43
CA PHE A 652 -18.37 22.70 -6.85
C PHE A 652 -17.09 22.33 -7.58
N ARG A 653 -16.39 21.33 -7.07
CA ARG A 653 -15.14 20.91 -7.70
C ARG A 653 -15.05 19.42 -7.92
N VAL A 654 -14.69 19.02 -9.13
CA VAL A 654 -14.49 17.59 -9.45
C VAL A 654 -13.07 17.37 -9.80
N TRP A 655 -12.46 16.32 -9.24
CA TRP A 655 -11.05 16.08 -9.46
C TRP A 655 -10.85 14.67 -9.92
N ASP A 656 -10.13 14.51 -11.02
CA ASP A 656 -9.78 13.19 -11.53
C ASP A 656 -8.45 12.71 -10.96
N SER A 657 -8.50 11.99 -9.85
CA SER A 657 -7.43 11.08 -9.47
C SER A 657 -6.71 10.53 -10.69
N VAL A 658 -5.60 9.84 -10.46
CA VAL A 658 -5.43 8.47 -10.94
C VAL A 658 -4.50 7.68 -10.03
N LEU A 659 -4.75 6.38 -9.93
CA LEU A 659 -4.02 5.53 -9.00
C LEU A 659 -3.73 6.26 -7.69
N SER A 660 -2.68 5.84 -7.00
CA SER A 660 -2.35 6.39 -5.69
C SER A 660 -3.52 6.26 -4.72
N GLU A 661 -4.16 5.10 -4.73
CA GLU A 661 -5.54 4.99 -4.24
C GLU A 661 -5.59 5.02 -2.73
N GLU A 662 -4.55 4.48 -2.09
CA GLU A 662 -4.41 4.56 -0.64
C GLU A 662 -4.21 6.00 -0.18
N ALA A 663 -3.33 6.72 -0.88
CA ALA A 663 -3.04 8.11 -0.53
C ALA A 663 -4.26 9.00 -0.74
N VAL A 664 -4.99 8.74 -1.81
CA VAL A 664 -6.15 9.53 -2.14
C VAL A 664 -7.27 9.42 -1.12
N LEU A 665 -7.66 8.21 -0.78
CA LEU A 665 -8.75 8.06 0.17
C LEU A 665 -8.36 8.66 1.53
N ALA A 666 -7.10 8.46 1.94
CA ALA A 666 -6.60 9.10 3.14
C ALA A 666 -6.78 10.62 3.04
N PHE A 667 -6.43 11.17 1.90
CA PHE A 667 -6.54 12.61 1.67
C PHE A 667 -7.99 13.07 1.84
N GLU A 668 -8.92 12.38 1.20
CA GLU A 668 -10.33 12.74 1.30
C GLU A 668 -10.84 12.52 2.70
N TYR A 669 -10.28 11.54 3.41
CA TYR A 669 -10.71 11.34 4.78
C TYR A 669 -10.31 12.55 5.59
N GLY A 670 -9.06 12.98 5.42
CA GLY A 670 -8.54 14.19 6.08
C GLY A 670 -9.35 15.42 5.73
N TYR A 671 -9.73 15.53 4.46
CA TYR A 671 -10.48 16.68 3.99
C TYR A 671 -11.85 16.77 4.66
N ALA A 672 -12.63 15.72 4.56
CA ALA A 672 -13.95 15.62 5.20
C ALA A 672 -13.87 15.85 6.71
N THR A 673 -12.79 15.39 7.29
CA THR A 673 -12.48 15.58 8.71
C THR A 673 -12.22 17.02 9.14
N ALA A 674 -11.76 17.85 8.22
CA ALA A 674 -11.41 19.21 8.59
C ALA A 674 -12.57 20.13 8.33
N GLU A 675 -13.46 19.71 7.43
CA GLU A 675 -14.46 20.57 6.83
C GLU A 675 -15.88 19.93 6.76
N PRO A 676 -16.68 20.12 7.80
CA PRO A 676 -17.95 19.40 7.83
C PRO A 676 -19.03 20.08 6.97
N ARG A 677 -18.76 21.28 6.49
CA ARG A 677 -19.76 22.01 5.71
C ARG A 677 -19.77 21.52 4.27
N THR A 678 -18.72 20.85 3.87
CA THR A 678 -18.60 20.48 2.48
C THR A 678 -19.05 19.05 2.31
N LEU A 679 -19.72 18.76 1.19
CA LEU A 679 -20.08 17.38 0.92
C LEU A 679 -18.93 16.83 0.15
N THR A 680 -18.25 15.84 0.74
CA THR A 680 -17.02 15.32 0.20
C THR A 680 -17.22 13.89 -0.27
N ILE A 681 -17.00 13.65 -1.55
CA ILE A 681 -17.33 12.35 -2.15
C ILE A 681 -16.10 11.75 -2.77
N TRP A 682 -15.86 10.49 -2.47
CA TRP A 682 -14.78 9.81 -3.13
C TRP A 682 -15.36 8.65 -3.88
N GLU A 683 -15.02 8.54 -5.17
CA GLU A 683 -15.57 7.47 -6.00
C GLU A 683 -14.51 6.53 -6.51
N ALA A 684 -14.56 5.28 -6.09
CA ALA A 684 -13.70 4.25 -6.67
C ALA A 684 -14.15 3.97 -8.11
N GLN A 685 -13.19 3.68 -8.98
CA GLN A 685 -13.49 3.23 -10.34
C GLN A 685 -14.52 2.09 -10.31
N PHE A 686 -14.06 1.08 -9.58
CA PHE A 686 -14.84 -0.08 -9.21
C PHE A 686 -14.57 -0.32 -7.75
N GLY A 687 -15.59 -0.78 -7.03
CA GLY A 687 -15.48 -1.04 -5.57
C GLY A 687 -14.38 -2.05 -5.26
N ASP A 688 -14.27 -3.06 -6.11
CA ASP A 688 -13.21 -4.07 -6.01
C ASP A 688 -11.83 -3.47 -5.72
N PHE A 689 -11.55 -2.28 -6.20
CA PHE A 689 -10.19 -1.73 -6.00
C PHE A 689 -9.99 -1.07 -4.65
N ALA A 690 -11.06 -0.84 -3.90
CA ALA A 690 -10.95 0.00 -2.72
C ALA A 690 -10.10 -0.66 -1.64
N ASN A 691 -9.97 -1.98 -1.73
CA ASN A 691 -9.12 -2.69 -0.77
C ASN A 691 -7.67 -2.27 -0.86
N GLY A 692 -7.32 -1.58 -1.95
CA GLY A 692 -6.02 -0.92 -1.99
C GLY A 692 -5.88 0.11 -0.88
N ALA A 693 -6.99 0.43 -0.20
CA ALA A 693 -7.00 1.48 0.82
C ALA A 693 -7.53 0.95 2.15
N GLN A 694 -7.43 -0.36 2.32
CA GLN A 694 -7.98 -1.03 3.48
C GLN A 694 -7.56 -0.34 4.77
N VAL A 695 -6.29 0.04 4.87
CA VAL A 695 -5.83 0.64 6.11
C VAL A 695 -6.63 1.91 6.44
N VAL A 696 -6.92 2.71 5.42
CA VAL A 696 -7.73 3.89 5.65
C VAL A 696 -9.11 3.52 6.09
N ILE A 697 -9.70 2.55 5.39
CA ILE A 697 -11.04 2.14 5.75
C ILE A 697 -11.08 1.59 7.19
N ASP A 698 -10.04 0.84 7.54
CA ASP A 698 -10.08 0.08 8.79
C ASP A 698 -9.68 0.96 9.96
N GLN A 699 -8.59 1.73 9.80
CA GLN A 699 -7.98 2.45 10.92
C GLN A 699 -8.53 3.87 11.14
N PHE A 700 -9.25 4.41 10.16
CA PHE A 700 -9.66 5.80 10.21
C PHE A 700 -11.17 5.92 10.07
N ILE A 701 -11.64 5.64 8.87
CA ILE A 701 -13.03 5.89 8.48
C ILE A 701 -14.01 5.19 9.42
N SER A 702 -13.78 3.92 9.70
CA SER A 702 -14.85 3.14 10.34
C SER A 702 -14.74 3.15 11.84
N SER A 703 -13.61 3.63 12.33
CA SER A 703 -13.29 3.45 13.72
C SER A 703 -12.84 4.77 14.39
N GLY A 704 -12.60 5.80 13.59
CA GLY A 704 -12.05 7.07 14.13
C GLY A 704 -12.95 7.76 15.16
N GLU A 705 -14.26 7.64 15.00
CA GLU A 705 -15.15 8.25 16.00
C GLU A 705 -14.96 7.69 17.40
N GLN A 706 -14.73 6.38 17.50
CA GLN A 706 -14.78 5.73 18.79
C GLN A 706 -13.42 5.82 19.42
N LYS A 707 -12.41 5.70 18.58
CA LYS A 707 -11.04 5.77 19.03
C LYS A 707 -10.70 7.21 19.46
N TRP A 708 -11.14 8.20 18.68
CA TRP A 708 -10.58 9.56 18.77
C TRP A 708 -11.60 10.68 18.91
N GLY A 709 -12.89 10.36 18.83
CA GLY A 709 -13.93 11.41 18.85
C GLY A 709 -14.05 12.15 17.51
N ARG A 710 -13.50 11.56 16.45
CA ARG A 710 -13.36 12.27 15.20
C ARG A 710 -14.52 11.94 14.26
N MET A 711 -15.37 12.93 14.00
CA MET A 711 -16.48 12.76 13.06
C MET A 711 -15.99 12.92 11.63
N CYS A 712 -16.78 12.43 10.69
CA CYS A 712 -16.40 12.47 9.30
C CYS A 712 -17.61 12.12 8.45
N GLY A 713 -17.98 13.00 7.53
CA GLY A 713 -19.12 12.74 6.65
C GLY A 713 -18.74 12.32 5.24
N LEU A 714 -17.51 11.83 5.09
CA LEU A 714 -17.03 11.33 3.81
C LEU A 714 -18.05 10.37 3.20
N VAL A 715 -18.31 10.55 1.92
CA VAL A 715 -19.17 9.63 1.16
C VAL A 715 -18.28 8.84 0.23
N MET A 716 -18.47 7.53 0.23
CA MET A 716 -17.70 6.65 -0.66
C MET A 716 -18.61 6.01 -1.70
N LEU A 717 -18.44 6.42 -2.96
CA LEU A 717 -19.12 5.75 -4.08
C LEU A 717 -18.33 4.55 -4.60
N LEU A 718 -18.87 3.37 -4.36
CA LEU A 718 -18.22 2.14 -4.76
C LEU A 718 -19.10 1.42 -5.77
N PRO A 719 -18.73 1.51 -7.04
CA PRO A 719 -19.50 0.79 -8.04
C PRO A 719 -19.47 -0.67 -7.73
N HIS A 720 -20.61 -1.31 -7.88
CA HIS A 720 -20.82 -2.62 -7.34
C HIS A 720 -21.98 -3.24 -8.05
N GLY A 721 -21.88 -4.51 -8.39
CA GLY A 721 -22.96 -5.17 -9.11
C GLY A 721 -22.49 -6.29 -10.02
N TYR A 722 -23.17 -7.43 -9.92
CA TYR A 722 -22.78 -8.66 -10.62
C TYR A 722 -23.33 -8.68 -12.04
N GLU A 723 -22.43 -8.54 -13.00
CA GLU A 723 -22.80 -8.29 -14.38
C GLU A 723 -21.98 -9.15 -15.34
N GLY A 724 -21.18 -10.06 -14.80
CA GLY A 724 -20.41 -10.96 -15.63
C GLY A 724 -19.05 -10.44 -16.08
N GLN A 725 -18.56 -9.38 -15.48
CA GLN A 725 -17.22 -8.88 -15.84
C GLN A 725 -16.08 -9.37 -14.94
N GLY A 726 -16.36 -10.34 -14.08
CA GLY A 726 -15.29 -11.05 -13.37
C GLY A 726 -14.95 -10.53 -11.99
N PRO A 727 -14.02 -11.21 -11.32
CA PRO A 727 -13.64 -11.04 -9.94
C PRO A 727 -13.30 -9.62 -9.49
N GLU A 728 -12.71 -8.79 -10.34
CA GLU A 728 -12.41 -7.41 -9.94
C GLU A 728 -13.28 -6.34 -10.57
N HIS A 729 -14.43 -6.75 -11.09
CA HIS A 729 -15.34 -5.79 -11.67
C HIS A 729 -16.79 -6.12 -11.35
N SER A 730 -16.99 -6.67 -10.16
CA SER A 730 -18.28 -7.21 -9.77
C SER A 730 -18.67 -6.83 -8.34
N SER A 731 -17.70 -6.84 -7.43
CA SER A 731 -17.99 -6.78 -6.01
C SER A 731 -17.23 -5.65 -5.32
N ALA A 732 -17.96 -4.72 -4.69
CA ALA A 732 -17.37 -3.79 -3.73
C ALA A 732 -17.02 -4.41 -2.36
N ARG A 733 -17.29 -5.70 -2.18
CA ARG A 733 -17.17 -6.39 -0.88
C ARG A 733 -18.03 -5.77 0.20
N LEU A 734 -19.29 -5.56 -0.15
CA LEU A 734 -20.35 -5.12 0.76
C LEU A 734 -20.19 -5.72 2.14
N GLU A 735 -19.92 -7.02 2.18
CA GLU A 735 -19.93 -7.74 3.43
C GLU A 735 -18.80 -7.26 4.33
N ARG A 736 -17.70 -6.80 3.73
CA ARG A 736 -16.60 -6.28 4.55
C ARG A 736 -16.97 -4.99 5.26
N TYR A 737 -17.72 -4.12 4.59
CA TYR A 737 -18.24 -2.94 5.25
C TYR A 737 -19.28 -3.27 6.30
N LEU A 738 -20.09 -4.29 6.06
CA LEU A 738 -21.12 -4.61 7.04
C LEU A 738 -20.52 -5.13 8.35
N GLN A 739 -19.52 -6.00 8.26
CA GLN A 739 -18.82 -6.49 9.45
C GLN A 739 -18.09 -5.38 10.23
N LEU A 740 -17.68 -4.33 9.53
CA LEU A 740 -17.07 -3.18 10.16
C LEU A 740 -18.10 -2.28 10.86
N CYS A 741 -19.38 -2.49 10.60
CA CYS A 741 -20.42 -1.63 11.17
C CYS A 741 -20.72 -2.00 12.61
N ALA A 742 -20.84 -0.99 13.47
CA ALA A 742 -21.21 -1.20 14.85
C ALA A 742 -21.26 0.13 15.59
N GLU A 743 -22.11 0.24 16.62
CA GLU A 743 -22.16 1.47 17.41
C GLU A 743 -22.46 2.67 16.51
N GLN A 744 -23.17 2.44 15.41
CA GLN A 744 -23.67 3.53 14.59
C GLN A 744 -22.53 4.21 13.85
N ASN A 745 -21.48 3.46 13.57
CA ASN A 745 -20.27 4.07 13.11
C ASN A 745 -20.33 4.57 11.67
N MET A 746 -21.04 3.83 10.81
CA MET A 746 -21.08 4.11 9.36
C MET A 746 -22.51 3.96 8.83
N GLN A 747 -22.76 4.43 7.62
CA GLN A 747 -24.02 4.10 6.95
C GLN A 747 -23.67 3.29 5.73
N VAL A 748 -24.39 2.23 5.51
CA VAL A 748 -24.19 1.45 4.33
C VAL A 748 -25.48 1.46 3.53
N CYS A 749 -25.43 2.04 2.33
CA CYS A 749 -26.64 2.18 1.51
C CYS A 749 -26.52 1.53 0.14
N VAL A 750 -27.64 1.01 -0.34
CA VAL A 750 -27.71 0.50 -1.71
C VAL A 750 -28.89 1.10 -2.46
N PRO A 751 -28.69 2.28 -3.01
CA PRO A 751 -29.81 2.99 -3.57
C PRO A 751 -30.26 2.34 -4.86
N SER A 752 -31.57 2.19 -5.05
CA SER A 752 -32.07 1.56 -6.26
C SER A 752 -32.63 2.51 -7.33
N THR A 753 -32.75 3.80 -7.02
CA THR A 753 -33.41 4.75 -7.93
C THR A 753 -32.65 6.02 -8.03
N PRO A 754 -32.84 6.72 -9.14
CA PRO A 754 -32.37 8.09 -9.21
C PRO A 754 -32.87 8.92 -8.05
N ALA A 755 -34.16 8.81 -7.71
CA ALA A 755 -34.69 9.64 -6.59
C ALA A 755 -33.92 9.31 -5.34
N GLN A 756 -33.73 8.01 -5.08
CA GLN A 756 -32.97 7.57 -3.92
C GLN A 756 -31.57 8.14 -3.86
N VAL A 757 -30.83 8.06 -4.95
CA VAL A 757 -29.47 8.61 -4.92
C VAL A 757 -29.55 10.10 -4.62
N TYR A 758 -30.59 10.74 -5.15
CA TYR A 758 -30.70 12.20 -5.05
C TYR A 758 -31.00 12.60 -3.61
N HIS A 759 -31.95 11.90 -3.00
CA HIS A 759 -32.32 12.14 -1.62
C HIS A 759 -31.20 11.69 -0.67
N MET A 760 -30.58 10.58 -1.02
CA MET A 760 -29.52 10.05 -0.18
C MET A 760 -28.40 11.06 0.00
N LEU A 761 -27.99 11.68 -1.10
CA LEU A 761 -26.84 12.59 -1.08
C LEU A 761 -27.24 13.86 -0.36
N ARG A 762 -28.43 14.34 -0.65
CA ARG A 762 -28.90 15.52 0.04
C ARG A 762 -29.01 15.29 1.56
N ARG A 763 -29.55 14.13 1.96
CA ARG A 763 -29.63 13.80 3.40
C ARG A 763 -28.26 13.91 4.01
N GLN A 764 -27.26 13.29 3.38
CA GLN A 764 -25.92 13.32 3.92
C GLN A 764 -25.46 14.74 4.19
N ALA A 765 -25.76 15.65 3.26
CA ALA A 765 -25.34 17.05 3.39
C ALA A 765 -26.19 17.88 4.37
N LEU A 766 -27.50 17.63 4.38
CA LEU A 766 -28.42 18.58 4.94
C LEU A 766 -28.65 18.27 6.40
N ARG A 767 -28.13 17.16 6.86
CA ARG A 767 -28.70 16.59 8.04
C ARG A 767 -27.83 16.36 9.22
N GLY A 768 -26.89 17.26 9.50
CA GLY A 768 -26.44 17.36 10.92
C GLY A 768 -25.38 16.33 11.31
N MET A 769 -25.79 15.08 11.46
CA MET A 769 -24.81 13.98 11.60
C MET A 769 -23.67 14.02 10.60
N ARG A 770 -22.52 13.56 11.04
CA ARG A 770 -21.36 13.48 10.15
C ARG A 770 -20.66 12.15 10.33
N ARG A 771 -21.07 11.17 9.54
CA ARG A 771 -20.55 9.83 9.62
C ARG A 771 -20.45 9.28 8.21
N PRO A 772 -19.45 8.43 7.97
CA PRO A 772 -19.18 7.94 6.62
C PRO A 772 -20.40 7.31 5.99
N LEU A 773 -20.60 7.61 4.72
CA LEU A 773 -21.65 7.01 3.93
C LEU A 773 -21.01 6.11 2.87
N VAL A 774 -21.09 4.80 3.08
CA VAL A 774 -20.63 3.81 2.13
C VAL A 774 -21.75 3.44 1.17
N VAL A 775 -21.54 3.72 -0.11
CA VAL A 775 -22.59 3.50 -1.10
C VAL A 775 -22.21 2.43 -2.11
N MET A 776 -23.00 1.37 -2.17
CA MET A 776 -22.95 0.45 -3.29
C MET A 776 -23.54 1.12 -4.54
N SER A 777 -22.67 1.65 -5.39
CA SER A 777 -23.10 2.46 -6.51
C SER A 777 -23.36 1.56 -7.74
N PRO A 778 -24.31 1.95 -8.59
CA PRO A 778 -24.73 1.04 -9.64
C PRO A 778 -23.88 1.25 -10.89
N LYS A 779 -23.84 0.24 -11.75
CA LYS A 779 -23.18 0.37 -13.06
C LYS A 779 -24.21 0.29 -14.21
N SER A 780 -24.86 -0.87 -14.34
CA SER A 780 -25.88 -1.05 -15.37
C SER A 780 -27.22 -0.35 -15.07
N LEU A 781 -27.55 -0.20 -13.78
CA LEU A 781 -28.77 0.55 -13.40
C LEU A 781 -28.72 1.97 -13.91
N LEU A 782 -27.51 2.46 -14.13
CA LEU A 782 -27.31 3.78 -14.69
C LEU A 782 -28.10 4.00 -15.98
N ARG A 783 -28.56 2.91 -16.62
CA ARG A 783 -29.25 3.01 -17.91
C ARG A 783 -30.38 2.01 -17.98
N HIS A 784 -30.86 1.56 -16.85
CA HIS A 784 -31.92 0.62 -16.84
C HIS A 784 -33.19 1.35 -17.08
N PRO A 785 -34.04 0.82 -17.93
CA PRO A 785 -35.23 1.55 -18.33
C PRO A 785 -36.27 1.66 -17.27
N LEU A 786 -36.22 0.83 -16.25
CA LEU A 786 -37.08 0.96 -15.13
C LEU A 786 -36.55 1.84 -14.01
N ALA A 787 -35.27 2.12 -14.02
CA ALA A 787 -34.61 2.91 -13.01
C ALA A 787 -34.70 4.40 -13.19
N VAL A 788 -35.82 4.95 -12.79
CA VAL A 788 -36.26 6.16 -13.43
C VAL A 788 -37.22 6.88 -12.46
N SER A 789 -37.21 8.20 -12.46
CA SER A 789 -37.85 8.94 -11.36
C SER A 789 -38.44 10.27 -11.85
N SER A 790 -39.54 10.68 -11.21
CA SER A 790 -40.27 11.89 -11.59
C SER A 790 -39.91 13.09 -10.74
N LEU A 791 -40.26 14.28 -11.26
CA LEU A 791 -40.06 15.52 -10.51
C LEU A 791 -40.79 15.49 -9.17
N GLU A 792 -41.96 14.88 -9.17
CA GLU A 792 -42.75 14.86 -7.96
C GLU A 792 -42.01 14.03 -6.91
N GLU A 793 -41.44 12.91 -7.34
CA GLU A 793 -40.61 12.07 -6.48
C GLU A 793 -39.39 12.84 -5.98
N LEU A 794 -38.79 13.68 -6.82
CA LEU A 794 -37.65 14.47 -6.37
C LEU A 794 -38.06 15.57 -5.38
N ALA A 795 -39.00 16.42 -5.81
CA ALA A 795 -39.28 17.66 -5.06
C ALA A 795 -39.98 17.38 -3.73
N ASN A 796 -40.90 16.43 -3.72
CA ASN A 796 -41.69 16.17 -2.52
C ASN A 796 -41.37 14.87 -1.83
N GLY A 797 -40.34 14.20 -2.32
CA GLY A 797 -39.99 12.86 -1.84
C GLY A 797 -39.00 12.93 -0.69
N THR A 798 -38.49 11.77 -0.26
CA THR A 798 -37.43 11.75 0.71
C THR A 798 -36.61 10.48 0.57
N PHE A 799 -35.47 10.38 1.26
CA PHE A 799 -34.74 9.13 1.25
C PHE A 799 -35.50 8.06 1.99
N LEU A 800 -35.71 6.93 1.33
CA LEU A 800 -36.49 5.84 1.91
C LEU A 800 -35.59 4.67 2.29
N PRO A 801 -35.37 4.50 3.59
CA PRO A 801 -34.57 3.38 4.10
C PRO A 801 -35.04 2.04 3.54
N ALA A 802 -36.34 1.91 3.31
CA ALA A 802 -36.89 0.74 2.65
C ALA A 802 -37.97 1.12 1.64
N ILE A 803 -38.17 0.27 0.65
CA ILE A 803 -39.21 0.48 -0.35
C ILE A 803 -40.14 -0.72 -0.45
N GLY A 804 -41.44 -0.47 -0.33
CA GLY A 804 -42.42 -1.53 -0.32
C GLY A 804 -42.73 -2.08 -1.70
N GLU A 805 -43.62 -3.06 -1.76
CA GLU A 805 -44.10 -3.57 -3.04
C GLU A 805 -44.73 -2.46 -3.88
N ILE A 806 -44.24 -2.29 -5.09
CA ILE A 806 -44.75 -1.25 -6.00
C ILE A 806 -45.94 -1.62 -6.91
N ASP A 807 -46.20 -2.91 -7.09
CA ASP A 807 -47.30 -3.33 -7.97
C ASP A 807 -48.53 -3.66 -7.13
N GLU A 808 -49.71 -3.61 -7.73
CA GLU A 808 -50.90 -4.15 -7.08
C GLU A 808 -50.82 -5.68 -7.02
N LEU A 809 -50.70 -6.21 -5.81
CA LEU A 809 -51.06 -7.60 -5.54
C LEU A 809 -52.12 -7.64 -4.46
N ASP A 810 -53.05 -8.56 -4.59
CA ASP A 810 -53.93 -8.86 -3.48
C ASP A 810 -53.12 -9.52 -2.38
N PRO A 811 -52.94 -8.82 -1.25
CA PRO A 811 -52.05 -9.28 -0.17
C PRO A 811 -52.51 -10.62 0.42
N LYS A 812 -53.81 -10.87 0.30
CA LYS A 812 -54.40 -12.12 0.78
C LYS A 812 -53.92 -13.27 -0.08
N GLY A 813 -53.48 -12.95 -1.31
CA GLY A 813 -53.00 -13.97 -2.24
C GLY A 813 -51.49 -14.17 -2.19
N VAL A 814 -50.82 -13.43 -1.30
CA VAL A 814 -49.36 -13.45 -1.25
C VAL A 814 -48.78 -14.52 -0.32
N LYS A 815 -47.99 -15.43 -0.89
CA LYS A 815 -47.52 -16.61 -0.17
C LYS A 815 -46.07 -16.44 0.24
N ARG A 816 -45.45 -15.37 -0.23
CA ARG A 816 -44.01 -15.18 -0.07
C ARG A 816 -43.61 -13.72 -0.17
N VAL A 817 -42.78 -13.27 0.75
CA VAL A 817 -42.09 -11.98 0.58
C VAL A 817 -40.62 -12.21 0.30
N VAL A 818 -40.15 -11.65 -0.80
CA VAL A 818 -38.72 -11.56 -1.07
C VAL A 818 -38.22 -10.20 -0.67
N MET A 819 -37.11 -10.19 0.05
CA MET A 819 -36.44 -8.91 0.39
C MET A 819 -35.10 -8.88 -0.30
N CYS A 820 -34.68 -7.69 -0.69
CA CYS A 820 -33.42 -7.60 -1.41
C CYS A 820 -32.95 -6.14 -1.44
N SER A 821 -31.75 -5.93 -1.98
CA SER A 821 -31.24 -4.56 -2.23
C SER A 821 -30.60 -4.46 -3.63
N GLY A 822 -30.76 -3.30 -4.27
CA GLY A 822 -29.95 -2.96 -5.44
C GLY A 822 -30.44 -3.64 -6.71
N LYS A 823 -29.54 -3.85 -7.65
CA LYS A 823 -29.96 -4.19 -9.00
C LYS A 823 -30.76 -5.49 -9.08
N VAL A 824 -30.47 -6.45 -8.22
CA VAL A 824 -31.15 -7.72 -8.32
C VAL A 824 -32.64 -7.54 -8.18
N TYR A 825 -33.05 -6.45 -7.52
CA TYR A 825 -34.46 -6.11 -7.45
C TYR A 825 -35.13 -6.14 -8.82
N TYR A 826 -34.53 -5.42 -9.77
CA TYR A 826 -35.10 -5.29 -11.12
C TYR A 826 -35.15 -6.61 -11.86
N ASP A 827 -34.14 -7.46 -11.67
CA ASP A 827 -34.23 -8.80 -12.27
C ASP A 827 -35.40 -9.58 -11.70
N LEU A 828 -35.60 -9.51 -10.40
CA LEU A 828 -36.75 -10.18 -9.81
C LEU A 828 -38.08 -9.57 -10.30
N LEU A 829 -38.14 -8.25 -10.37
CA LEU A 829 -39.35 -7.59 -10.82
C LEU A 829 -39.70 -7.98 -12.25
N GLU A 830 -38.73 -7.88 -13.15
CA GLU A 830 -39.01 -8.16 -14.55
C GLU A 830 -39.44 -9.61 -14.74
N GLN A 831 -38.84 -10.50 -13.95
CA GLN A 831 -39.08 -11.93 -14.09
C GLN A 831 -40.47 -12.30 -13.57
N ARG A 832 -40.93 -11.57 -12.57
CA ARG A 832 -42.20 -11.87 -11.92
C ARG A 832 -43.38 -11.34 -12.73
N ARG A 833 -43.23 -10.14 -13.27
CA ARG A 833 -44.14 -9.63 -14.29
C ARG A 833 -44.21 -10.57 -15.49
N LYS A 834 -43.04 -10.99 -15.97
CA LYS A 834 -42.96 -11.92 -17.09
C LYS A 834 -43.75 -13.20 -16.81
N ASN A 835 -43.62 -13.70 -15.58
CA ASN A 835 -44.28 -14.97 -15.19
C ASN A 835 -45.80 -14.76 -14.94
N ASN A 836 -46.26 -13.53 -15.09
CA ASN A 836 -47.60 -13.17 -14.65
C ASN A 836 -47.93 -13.54 -13.20
N GLN A 837 -47.02 -13.20 -12.28
CA GLN A 837 -47.06 -13.78 -10.94
C GLN A 837 -47.48 -12.73 -9.91
N HIS A 838 -48.40 -13.12 -9.03
CA HIS A 838 -49.06 -12.17 -8.14
C HIS A 838 -48.99 -12.64 -6.70
N ASP A 839 -48.39 -13.81 -6.50
CA ASP A 839 -48.32 -14.45 -5.20
C ASP A 839 -46.95 -14.30 -4.48
N VAL A 840 -46.08 -13.44 -5.00
CA VAL A 840 -44.83 -13.16 -4.32
C VAL A 840 -44.47 -11.67 -4.36
N ALA A 841 -44.41 -11.04 -3.19
CA ALA A 841 -44.02 -9.63 -3.12
C ALA A 841 -42.52 -9.46 -2.97
N ILE A 842 -42.02 -8.31 -3.44
CA ILE A 842 -40.60 -8.03 -3.46
C ILE A 842 -40.28 -6.67 -2.86
N VAL A 843 -39.58 -6.66 -1.75
CA VAL A 843 -39.31 -5.43 -1.04
C VAL A 843 -37.82 -5.10 -1.09
N ARG A 844 -37.50 -3.82 -1.28
CA ARG A 844 -36.11 -3.36 -1.13
C ARG A 844 -35.73 -2.86 0.28
N ILE A 845 -34.54 -3.22 0.72
CA ILE A 845 -33.88 -2.55 1.84
C ILE A 845 -32.74 -1.70 1.31
N GLU A 846 -32.90 -0.37 1.38
CA GLU A 846 -31.98 0.56 0.70
C GLU A 846 -30.83 0.99 1.60
N GLN A 847 -31.09 0.98 2.91
CA GLN A 847 -30.05 1.24 3.94
C GLN A 847 -29.90 0.01 4.81
N LEU A 848 -28.76 -0.65 4.71
CA LEU A 848 -28.55 -1.87 5.47
C LEU A 848 -28.04 -1.56 6.87
N TYR A 849 -27.44 -0.40 7.05
CA TYR A 849 -26.89 0.01 8.32
C TYR A 849 -26.77 1.54 8.38
N PRO A 850 -27.11 2.13 9.53
CA PRO A 850 -27.94 1.54 10.59
C PRO A 850 -29.24 0.91 10.06
N PHE A 851 -29.55 -0.29 10.54
CA PHE A 851 -30.71 -1.01 10.04
C PHE A 851 -32.01 -0.30 10.40
N PRO A 852 -32.84 -0.09 9.40
CA PRO A 852 -34.03 0.78 9.48
C PRO A 852 -35.27 0.01 9.92
N HIS A 853 -35.37 -0.26 11.23
CA HIS A 853 -36.51 -1.05 11.76
C HIS A 853 -37.88 -0.45 11.44
N LYS A 854 -38.08 0.82 11.80
CA LYS A 854 -39.33 1.52 11.49
C LYS A 854 -39.73 1.30 10.04
N ALA A 855 -38.93 1.79 9.12
CA ALA A 855 -39.19 1.61 7.69
C ALA A 855 -39.53 0.15 7.33
N MET A 856 -38.78 -0.79 7.90
CA MET A 856 -39.05 -2.19 7.63
C MET A 856 -40.45 -2.62 8.04
N GLN A 857 -40.92 -2.16 9.20
CA GLN A 857 -42.27 -2.52 9.64
C GLN A 857 -43.36 -1.81 8.83
N GLU A 858 -43.10 -0.60 8.37
CA GLU A 858 -44.01 0.02 7.40
C GLU A 858 -44.21 -0.84 6.13
N VAL A 859 -43.12 -1.33 5.53
CA VAL A 859 -43.25 -1.97 4.22
C VAL A 859 -43.70 -3.43 4.38
N LEU A 860 -43.68 -3.91 5.61
CA LEU A 860 -43.97 -5.30 5.89
C LEU A 860 -45.35 -5.50 6.51
N GLN A 861 -46.01 -4.41 6.90
CA GLN A 861 -47.25 -4.56 7.67
C GLN A 861 -48.34 -5.26 6.86
N GLN A 862 -48.44 -4.92 5.59
CA GLN A 862 -49.46 -5.57 4.77
C GLN A 862 -49.16 -7.06 4.65
N PHE A 863 -47.97 -7.50 5.08
CA PHE A 863 -47.61 -8.91 5.00
C PHE A 863 -47.49 -9.67 6.32
N ALA A 864 -48.05 -9.09 7.38
CA ALA A 864 -48.06 -9.72 8.73
C ALA A 864 -48.41 -11.21 8.72
N HIS A 865 -49.18 -11.64 7.73
CA HIS A 865 -49.75 -12.97 7.77
C HIS A 865 -48.89 -13.92 6.95
N VAL A 866 -47.90 -13.39 6.22
CA VAL A 866 -47.01 -14.25 5.43
C VAL A 866 -45.97 -14.98 6.28
N LYS A 867 -45.71 -16.24 5.98
CA LYS A 867 -44.87 -17.06 6.85
C LYS A 867 -43.56 -17.41 6.14
N ASP A 868 -43.55 -17.18 4.83
CA ASP A 868 -42.41 -17.57 3.98
C ASP A 868 -41.67 -16.31 3.52
N PHE A 869 -40.55 -16.01 4.18
CA PHE A 869 -39.73 -14.83 3.84
C PHE A 869 -38.41 -15.27 3.25
N VAL A 870 -37.97 -14.61 2.20
CA VAL A 870 -36.69 -14.96 1.57
C VAL A 870 -35.84 -13.70 1.47
N TRP A 871 -34.58 -13.83 1.85
CA TRP A 871 -33.59 -12.82 1.44
C TRP A 871 -32.95 -13.30 0.16
N CYS A 872 -32.89 -12.42 -0.83
CA CYS A 872 -32.30 -12.78 -2.11
C CYS A 872 -31.17 -11.83 -2.40
N GLN A 873 -30.00 -12.35 -2.78
CA GLN A 873 -28.89 -11.49 -3.17
C GLN A 873 -28.11 -12.05 -4.35
N GLU A 874 -27.74 -11.17 -5.28
CA GLU A 874 -26.81 -11.48 -6.34
C GLU A 874 -25.53 -12.08 -5.75
N GLU A 875 -25.07 -11.51 -4.64
CA GLU A 875 -23.70 -11.80 -4.24
C GLU A 875 -23.62 -13.22 -3.62
N PRO A 876 -22.44 -13.84 -3.64
CA PRO A 876 -22.28 -15.21 -3.10
C PRO A 876 -22.62 -15.31 -1.60
N LEU A 877 -23.00 -16.51 -1.15
CA LEU A 877 -23.44 -16.78 0.24
C LEU A 877 -22.53 -16.19 1.36
N ASN A 878 -21.23 -16.36 1.23
CA ASN A 878 -20.27 -15.83 2.23
C ASN A 878 -20.04 -14.33 2.03
N GLN A 879 -20.83 -13.74 1.16
CA GLN A 879 -20.60 -12.35 0.80
C GLN A 879 -21.92 -11.60 0.87
N GLY A 880 -21.94 -10.39 0.33
CA GLY A 880 -23.12 -9.53 0.47
C GLY A 880 -23.60 -9.48 1.91
N ALA A 881 -24.91 -9.46 2.11
CA ALA A 881 -25.46 -9.07 3.41
C ALA A 881 -25.90 -10.24 4.32
N TRP A 882 -25.98 -11.44 3.75
CA TRP A 882 -26.62 -12.56 4.44
C TRP A 882 -26.06 -12.78 5.85
N TYR A 883 -24.75 -12.92 5.96
CA TYR A 883 -24.20 -13.38 7.22
C TYR A 883 -24.27 -12.29 8.27
N CYS A 884 -24.04 -11.06 7.82
CA CYS A 884 -24.03 -9.90 8.69
C CYS A 884 -25.38 -9.33 9.09
N SER A 885 -26.39 -9.52 8.25
CA SER A 885 -27.66 -8.85 8.43
C SER A 885 -28.81 -9.85 8.54
N GLN A 886 -28.46 -11.14 8.51
CA GLN A 886 -29.34 -12.17 9.03
C GLN A 886 -30.14 -11.68 10.22
N HIS A 887 -29.45 -11.33 11.30
CA HIS A 887 -30.08 -11.19 12.60
C HIS A 887 -31.06 -10.02 12.62
N HIS A 888 -30.81 -9.03 11.77
CA HIS A 888 -31.74 -7.93 11.57
C HIS A 888 -33.01 -8.41 10.86
N PHE A 889 -32.83 -9.20 9.82
CA PHE A 889 -33.96 -9.68 9.01
C PHE A 889 -34.89 -10.42 9.96
N ARG A 890 -34.33 -11.37 10.70
CA ARG A 890 -35.08 -12.06 11.76
C ARG A 890 -35.84 -11.13 12.74
N GLU A 891 -35.29 -9.95 13.07
CA GLU A 891 -35.99 -9.05 14.03
C GLU A 891 -37.23 -8.40 13.42
N VAL A 892 -37.44 -8.59 12.14
CA VAL A 892 -38.28 -7.68 11.40
C VAL A 892 -39.41 -8.39 10.70
N ILE A 893 -39.25 -9.70 10.48
CA ILE A 893 -40.31 -10.52 9.91
C ILE A 893 -41.24 -10.99 11.01
N PRO A 894 -42.47 -11.34 10.65
CA PRO A 894 -43.53 -11.69 11.59
C PRO A 894 -43.12 -12.84 12.48
N PHE A 895 -43.82 -12.99 13.60
CA PHE A 895 -43.48 -14.00 14.60
C PHE A 895 -43.54 -15.44 14.07
N GLY A 896 -44.57 -15.76 13.29
CA GLY A 896 -44.62 -17.04 12.57
C GLY A 896 -43.42 -17.39 11.67
N ALA A 897 -42.85 -16.40 11.00
CA ALA A 897 -42.22 -16.60 9.69
C ALA A 897 -40.89 -17.32 9.75
N SER A 898 -40.67 -18.18 8.77
CA SER A 898 -39.33 -18.65 8.47
C SER A 898 -38.59 -17.72 7.48
N LEU A 899 -37.30 -17.93 7.34
CA LEU A 899 -36.45 -17.06 6.56
C LEU A 899 -35.35 -17.88 5.93
N ARG A 900 -35.24 -17.79 4.62
CA ARG A 900 -34.27 -18.59 3.93
C ARG A 900 -33.59 -17.80 2.83
N TYR A 901 -32.48 -18.34 2.37
CA TYR A 901 -31.57 -17.66 1.47
C TYR A 901 -31.84 -18.04 0.01
N ALA A 902 -31.87 -17.04 -0.86
CA ALA A 902 -31.78 -17.26 -2.28
C ALA A 902 -30.67 -16.37 -2.85
N GLY A 903 -29.76 -16.96 -3.61
CA GLY A 903 -28.63 -16.22 -4.16
C GLY A 903 -27.52 -17.12 -4.65
N ARG A 904 -26.35 -16.55 -4.91
CA ARG A 904 -25.25 -17.35 -5.44
C ARG A 904 -24.66 -18.21 -4.37
N PRO A 905 -24.07 -19.33 -4.75
CA PRO A 905 -23.39 -20.18 -3.78
C PRO A 905 -22.17 -19.48 -3.23
N ALA A 906 -21.69 -19.90 -2.07
CA ALA A 906 -20.45 -19.39 -1.52
C ALA A 906 -19.31 -19.60 -2.49
N SER A 907 -18.30 -18.73 -2.46
CA SER A 907 -17.21 -18.82 -3.41
C SER A 907 -15.95 -18.05 -2.99
N ALA A 908 -14.81 -18.57 -3.39
CA ALA A 908 -13.53 -18.07 -2.95
C ALA A 908 -13.19 -16.82 -3.72
N SER A 909 -13.59 -16.81 -4.98
CA SER A 909 -13.46 -15.62 -5.80
C SER A 909 -14.83 -14.94 -5.79
N PRO A 910 -14.83 -13.60 -5.75
CA PRO A 910 -16.10 -12.85 -5.76
C PRO A 910 -16.98 -13.23 -6.93
N ALA A 911 -16.38 -13.44 -8.10
CA ALA A 911 -17.14 -13.58 -9.35
C ALA A 911 -16.49 -14.55 -10.32
N VAL A 912 -17.30 -15.35 -11.01
CA VAL A 912 -16.75 -16.30 -12.01
C VAL A 912 -16.10 -15.55 -13.17
N GLY A 913 -15.18 -16.21 -13.86
CA GLY A 913 -14.48 -15.58 -14.97
C GLY A 913 -15.34 -15.39 -16.22
N HIS A 914 -16.38 -16.21 -16.37
CA HIS A 914 -16.92 -16.47 -17.70
C HIS A 914 -18.38 -16.03 -17.79
N MET A 915 -18.69 -15.23 -18.79
CA MET A 915 -20.01 -14.58 -18.87
C MET A 915 -21.21 -15.55 -18.90
N SER A 916 -21.09 -16.65 -19.64
CA SER A 916 -22.21 -17.60 -19.72
C SER A 916 -22.52 -18.22 -18.36
N VAL A 917 -21.47 -18.45 -17.56
CA VAL A 917 -21.67 -18.99 -16.22
C VAL A 917 -22.39 -17.99 -15.32
N HIS A 918 -21.95 -16.74 -15.36
CA HIS A 918 -22.66 -15.67 -14.67
C HIS A 918 -24.16 -15.67 -14.99
N GLN A 919 -24.48 -15.65 -16.28
CA GLN A 919 -25.87 -15.53 -16.71
C GLN A 919 -26.73 -16.64 -16.17
N LYS A 920 -26.22 -17.87 -16.25
CA LYS A 920 -26.93 -19.00 -15.64
C LYS A 920 -27.17 -18.78 -14.14
N GLN A 921 -26.13 -18.32 -13.42
CA GLN A 921 -26.30 -18.09 -11.97
C GLN A 921 -27.38 -17.02 -11.67
N GLN A 922 -27.38 -15.92 -12.43
CA GLN A 922 -28.37 -14.87 -12.27
C GLN A 922 -29.76 -15.47 -12.47
N GLN A 923 -29.94 -16.19 -13.56
CA GLN A 923 -31.25 -16.78 -13.82
C GLN A 923 -31.62 -17.74 -12.72
N ASP A 924 -30.68 -18.57 -12.29
CA ASP A 924 -31.04 -19.58 -11.29
C ASP A 924 -31.45 -18.99 -9.94
N LEU A 925 -30.74 -17.95 -9.48
CA LEU A 925 -31.06 -17.38 -8.19
C LEU A 925 -32.36 -16.63 -8.22
N VAL A 926 -32.58 -15.88 -9.30
CA VAL A 926 -33.90 -15.27 -9.54
C VAL A 926 -35.09 -16.26 -9.56
N ASN A 927 -35.02 -17.28 -10.40
CA ASN A 927 -36.11 -18.26 -10.43
C ASN A 927 -36.31 -18.87 -9.07
N ASP A 928 -35.21 -19.15 -8.39
CA ASP A 928 -35.28 -19.78 -7.08
C ASP A 928 -36.01 -18.88 -6.08
N ALA A 929 -35.78 -17.59 -6.16
CA ALA A 929 -36.46 -16.66 -5.28
C ALA A 929 -37.94 -16.63 -5.60
N LEU A 930 -38.27 -16.55 -6.88
CA LEU A 930 -39.68 -16.46 -7.30
C LEU A 930 -40.44 -17.79 -7.20
N ASN A 931 -39.73 -18.89 -7.01
CA ASN A 931 -40.37 -20.18 -7.12
C ASN A 931 -41.01 -20.62 -5.84
N VAL A 932 -42.32 -20.44 -5.74
CA VAL A 932 -43.12 -21.17 -4.75
C VAL A 932 -43.85 -22.35 -5.40
N GLU A 933 -43.23 -23.53 -5.36
CA GLU A 933 -43.82 -24.73 -5.94
C GLU A 933 -43.47 -25.96 -5.09
N THR B 85 44.99 26.60 -24.52
CA THR B 85 45.16 25.28 -25.22
C THR B 85 45.42 24.11 -24.23
N ASN B 86 46.14 24.39 -23.15
CA ASN B 86 45.97 23.63 -21.93
C ASN B 86 44.55 23.77 -21.37
N VAL B 87 44.05 25.00 -21.35
CA VAL B 87 42.71 25.30 -20.87
C VAL B 87 41.63 24.61 -21.71
N LYS B 88 41.77 24.64 -23.02
CA LYS B 88 40.76 24.03 -23.86
C LYS B 88 40.68 22.54 -23.62
N GLN B 89 41.79 21.95 -23.19
CA GLN B 89 41.88 20.51 -22.98
C GLN B 89 41.02 20.15 -21.79
N VAL B 90 41.12 20.94 -20.73
CA VAL B 90 40.27 20.74 -19.58
C VAL B 90 38.80 20.86 -19.96
N LYS B 91 38.51 21.74 -20.90
CA LYS B 91 37.14 22.07 -21.19
C LYS B 91 36.47 21.05 -22.09
N VAL B 92 37.25 20.47 -22.99
CA VAL B 92 36.78 19.37 -23.83
C VAL B 92 36.37 18.18 -22.97
N LEU B 93 37.13 17.96 -21.90
CA LEU B 93 36.79 16.90 -20.95
C LEU B 93 35.47 17.17 -20.24
N GLN B 94 35.19 18.45 -19.99
CA GLN B 94 33.94 18.82 -19.35
C GLN B 94 32.82 18.68 -20.32
N LEU B 95 33.14 18.88 -21.60
CA LEU B 95 32.13 18.76 -22.63
C LEU B 95 31.67 17.31 -22.70
N ILE B 96 32.63 16.40 -22.63
CA ILE B 96 32.34 14.97 -22.69
C ILE B 96 31.48 14.57 -21.51
N ASN B 97 31.90 15.02 -20.34
CA ASN B 97 31.19 14.75 -19.11
C ASN B 97 29.75 15.26 -19.18
N ALA B 98 29.54 16.38 -19.87
CA ALA B 98 28.21 16.93 -20.04
C ALA B 98 27.31 16.00 -20.85
N TYR B 99 27.86 15.48 -21.95
CA TYR B 99 27.12 14.53 -22.77
C TYR B 99 26.79 13.23 -22.02
N ARG B 100 27.76 12.74 -21.25
CA ARG B 100 27.54 11.56 -20.42
C ARG B 100 26.36 11.75 -19.48
N PHE B 101 26.24 12.96 -18.92
CA PHE B 101 25.27 13.22 -17.86
C PHE B 101 23.88 13.47 -18.45
N ARG B 102 23.83 14.22 -19.56
CA ARG B 102 22.64 14.97 -19.91
C ARG B 102 22.31 14.80 -21.39
N GLY B 103 23.22 14.18 -22.13
CA GLY B 103 23.00 13.92 -23.55
C GLY B 103 21.61 13.40 -23.84
N HIS B 104 21.01 12.73 -22.85
CA HIS B 104 19.82 11.95 -23.08
C HIS B 104 18.61 12.85 -23.13
N GLN B 105 18.75 14.06 -22.60
CA GLN B 105 17.66 15.04 -22.68
C GLN B 105 17.48 15.55 -24.09
N HIS B 106 18.45 15.28 -24.97
CA HIS B 106 18.38 15.73 -26.36
C HIS B 106 18.39 14.55 -27.33
N ALA B 107 18.16 13.34 -26.80
CA ALA B 107 18.19 12.16 -27.65
C ALA B 107 16.91 12.07 -28.45
N ASN B 108 16.97 11.40 -29.60
CA ASN B 108 15.78 11.24 -30.42
C ASN B 108 14.98 10.01 -30.01
N LEU B 109 14.02 10.22 -29.12
CA LEU B 109 13.43 9.12 -28.37
C LEU B 109 11.98 8.90 -28.73
N ASP B 110 11.24 9.99 -28.90
CA ASP B 110 9.82 9.89 -29.21
C ASP B 110 9.63 9.51 -30.66
N PRO B 111 9.01 8.33 -30.90
CA PRO B 111 8.79 7.81 -32.26
C PRO B 111 8.09 8.87 -33.09
N LEU B 112 7.28 9.70 -32.43
CA LEU B 112 6.41 10.66 -33.10
C LEU B 112 7.18 11.91 -33.44
N GLY B 113 8.07 12.30 -32.55
CA GLY B 113 8.77 13.57 -32.68
C GLY B 113 7.94 14.72 -32.15
N LEU B 114 6.79 14.39 -31.57
CA LEU B 114 5.96 15.41 -30.96
C LEU B 114 6.44 15.75 -29.56
N TRP B 115 7.72 15.48 -29.26
CA TRP B 115 8.22 15.68 -27.90
C TRP B 115 8.54 17.14 -27.59
N LYS B 119 15.84 22.12 -24.16
CA LYS B 119 17.08 22.69 -24.67
C LYS B 119 18.08 22.88 -23.54
N VAL B 120 19.33 22.48 -23.78
CA VAL B 120 20.26 22.14 -22.71
C VAL B 120 21.58 22.80 -23.00
N ALA B 121 21.96 23.75 -22.16
CA ALA B 121 23.07 24.64 -22.47
C ALA B 121 24.40 23.90 -22.35
N ASP B 122 24.49 23.01 -21.37
CA ASP B 122 25.65 22.12 -21.16
C ASP B 122 26.10 21.42 -22.46
N LEU B 123 25.18 21.16 -23.35
CA LEU B 123 25.46 20.33 -24.53
C LEU B 123 26.13 21.09 -25.67
N ASP B 124 26.27 22.39 -25.50
CA ASP B 124 26.79 23.28 -26.55
C ASP B 124 28.27 23.56 -26.30
N PRO B 125 29.12 23.29 -27.30
CA PRO B 125 30.52 23.63 -27.24
C PRO B 125 30.76 25.08 -26.75
N SER B 126 29.96 26.01 -27.22
CA SER B 126 30.10 27.39 -26.79
C SER B 126 29.95 27.58 -25.30
N PHE B 127 29.03 26.85 -24.69
CA PHE B 127 28.88 26.89 -23.23
C PHE B 127 30.22 26.63 -22.54
N HIS B 128 31.05 25.82 -23.16
CA HIS B 128 32.28 25.36 -22.54
C HIS B 128 33.45 26.18 -23.04
N ASP B 129 33.15 27.30 -23.67
CA ASP B 129 34.17 28.21 -24.22
C ASP B 129 35.00 27.61 -25.34
N LEU B 130 34.36 26.79 -26.17
CA LEU B 130 34.97 26.26 -27.38
C LEU B 130 34.29 26.80 -28.66
N THR B 131 35.07 26.96 -29.72
CA THR B 131 34.60 27.62 -30.92
C THR B 131 34.62 26.71 -32.15
N GLU B 132 33.85 27.08 -33.16
CA GLU B 132 33.91 26.44 -34.46
C GLU B 132 35.36 26.14 -34.92
N ALA B 133 36.27 27.07 -34.67
CA ALA B 133 37.64 26.94 -35.14
C ALA B 133 38.43 25.94 -34.31
N ASP B 134 38.02 25.77 -33.07
CA ASP B 134 38.54 24.70 -32.25
C ASP B 134 38.24 23.29 -32.82
N PHE B 135 37.20 23.16 -33.65
CA PHE B 135 36.81 21.84 -34.14
C PHE B 135 37.94 21.12 -34.90
N GLN B 136 38.81 21.89 -35.53
CA GLN B 136 39.89 21.30 -36.30
C GLN B 136 41.12 20.98 -35.46
N GLU B 137 41.17 21.52 -34.25
CA GLU B 137 42.22 21.17 -33.32
C GLU B 137 41.96 19.81 -32.67
N THR B 138 43.02 19.18 -32.16
CA THR B 138 42.91 17.82 -31.67
C THR B 138 43.25 17.64 -30.17
N PHE B 139 42.49 16.80 -29.49
CA PHE B 139 42.60 16.69 -28.04
C PHE B 139 42.73 15.26 -27.57
N ASN B 140 43.40 15.07 -26.44
CA ASN B 140 43.17 13.91 -25.61
C ASN B 140 41.72 13.85 -25.18
N VAL B 141 41.12 12.67 -25.24
CA VAL B 141 39.72 12.52 -24.88
C VAL B 141 39.51 11.75 -23.57
N GLY B 142 40.48 11.88 -22.66
CA GLY B 142 40.46 11.18 -21.37
C GLY B 142 39.89 9.77 -21.46
N SER B 143 38.89 9.49 -20.64
CA SER B 143 38.34 8.14 -20.60
C SER B 143 37.32 7.82 -21.69
N PHE B 144 37.13 8.67 -22.67
CA PHE B 144 36.08 8.44 -23.64
C PHE B 144 36.44 7.31 -24.55
N ALA B 145 35.55 6.33 -24.64
CA ALA B 145 35.95 4.93 -24.71
C ALA B 145 35.85 4.41 -26.13
N SER B 146 36.71 4.90 -27.01
CA SER B 146 36.36 5.09 -28.41
C SER B 146 37.25 4.27 -29.32
N GLY B 147 38.32 3.72 -28.75
CA GLY B 147 39.38 4.52 -28.18
C GLY B 147 40.60 4.62 -29.07
N LYS B 148 40.39 5.11 -30.30
CA LYS B 148 40.99 6.36 -30.73
C LYS B 148 41.21 7.31 -29.56
N GLU B 149 42.48 7.53 -29.22
CA GLU B 149 42.84 8.02 -27.91
C GLU B 149 43.14 9.51 -27.93
N THR B 150 43.25 10.07 -29.13
CA THR B 150 43.05 11.50 -29.33
C THR B 150 42.21 11.76 -30.59
N MET B 151 41.34 12.75 -30.50
CA MET B 151 40.47 13.12 -31.62
C MET B 151 40.51 14.62 -31.90
N LYS B 152 40.16 15.00 -33.12
CA LYS B 152 39.77 16.36 -33.40
C LYS B 152 38.44 16.61 -32.71
N LEU B 153 38.26 17.82 -32.19
CA LEU B 153 37.05 18.13 -31.46
C LEU B 153 35.79 17.98 -32.32
N GLY B 154 35.85 18.47 -33.57
CA GLY B 154 34.70 18.43 -34.47
C GLY B 154 34.10 17.05 -34.50
N GLU B 155 34.90 16.08 -34.10
CA GLU B 155 34.74 14.71 -34.52
C GLU B 155 34.32 13.92 -33.27
N LEU B 156 35.02 14.19 -32.18
CA LEU B 156 34.51 13.90 -30.84
C LEU B 156 33.05 14.31 -30.69
N LEU B 157 32.70 15.47 -31.26
CA LEU B 157 31.36 15.99 -31.11
C LEU B 157 30.36 15.14 -31.85
N GLU B 158 30.71 14.74 -33.07
CA GLU B 158 29.89 13.82 -33.86
C GLU B 158 29.65 12.51 -33.09
N ALA B 159 30.72 11.97 -32.52
CA ALA B 159 30.66 10.75 -31.75
C ALA B 159 29.80 10.88 -30.49
N LEU B 160 30.04 11.93 -29.71
CA LEU B 160 29.24 12.14 -28.51
C LEU B 160 27.77 12.18 -28.88
N LYS B 161 27.46 12.88 -29.95
CA LYS B 161 26.07 13.03 -30.33
C LYS B 161 25.52 11.69 -30.83
N GLN B 162 26.31 10.97 -31.63
CA GLN B 162 25.86 9.70 -32.18
C GLN B 162 25.69 8.69 -31.04
N THR B 163 26.49 8.83 -30.00
CA THR B 163 26.35 8.01 -28.83
C THR B 163 25.16 8.38 -27.93
N TYR B 164 25.08 9.63 -27.51
CA TYR B 164 24.21 9.94 -26.40
C TYR B 164 22.93 10.66 -26.80
N CYS B 165 22.76 10.95 -28.09
CA CYS B 165 21.61 11.75 -28.51
C CYS B 165 20.89 11.12 -29.69
N GLY B 166 21.24 9.88 -30.01
CA GLY B 166 20.56 9.10 -31.05
C GLY B 166 19.27 8.48 -30.55
N PRO B 167 19.02 7.21 -30.92
CA PRO B 167 17.77 6.61 -30.50
C PRO B 167 17.84 6.00 -29.11
N ILE B 168 18.98 6.12 -28.45
CA ILE B 168 19.13 5.65 -27.06
C ILE B 168 19.48 6.77 -26.10
N GLY B 169 18.75 6.88 -25.00
CA GLY B 169 19.15 7.80 -23.95
C GLY B 169 19.62 7.09 -22.70
N ALA B 170 20.89 7.27 -22.37
CA ALA B 170 21.46 6.63 -21.20
C ALA B 170 21.55 7.60 -20.02
N GLU B 171 20.76 7.35 -18.96
CA GLU B 171 21.11 7.92 -17.66
C GLU B 171 21.74 6.98 -16.71
N TYR B 172 23.01 7.23 -16.42
CA TYR B 172 23.79 6.33 -15.62
C TYR B 172 24.77 7.05 -14.69
N MET B 173 25.08 8.31 -15.00
CA MET B 173 26.19 9.00 -14.31
C MET B 173 25.84 9.40 -12.88
N HIS B 174 24.57 9.29 -12.50
CA HIS B 174 24.17 9.47 -11.11
C HIS B 174 24.58 8.28 -10.23
N ILE B 175 24.87 7.16 -10.86
CA ILE B 175 25.36 6.00 -10.14
C ILE B 175 26.70 6.34 -9.55
N THR B 176 26.95 5.85 -8.34
CA THR B 176 28.18 6.19 -7.62
C THR B 176 29.42 5.33 -8.01
N SER B 177 29.19 4.13 -8.53
CA SER B 177 30.27 3.16 -8.69
C SER B 177 31.11 3.42 -9.93
N THR B 178 32.37 3.78 -9.71
CA THR B 178 33.25 4.05 -10.84
C THR B 178 33.20 2.92 -11.86
N GLU B 179 33.31 1.69 -11.39
CA GLU B 179 33.57 0.59 -12.29
C GLU B 179 32.34 0.34 -13.15
N GLU B 180 31.17 0.60 -12.54
CA GLU B 180 29.90 0.46 -13.25
C GLU B 180 29.83 1.48 -14.38
N LYS B 181 30.11 2.74 -14.05
CA LYS B 181 30.06 3.79 -15.04
C LYS B 181 31.10 3.57 -16.12
N ARG B 182 32.27 3.11 -15.74
CA ARG B 182 33.31 2.83 -16.73
C ARG B 182 32.86 1.66 -17.57
N TRP B 183 32.22 0.70 -16.93
CA TRP B 183 31.72 -0.47 -17.63
C TRP B 183 30.72 -0.04 -18.65
N ILE B 184 29.78 0.79 -18.23
CA ILE B 184 28.77 1.23 -19.17
C ILE B 184 29.43 1.99 -20.31
N GLN B 185 30.44 2.81 -19.98
CA GLN B 185 31.08 3.64 -21.04
C GLN B 185 31.75 2.76 -22.08
N GLN B 186 32.51 1.76 -21.63
CA GLN B 186 33.14 0.81 -22.54
C GLN B 186 32.19 0.22 -23.59
N ARG B 187 30.93 0.00 -23.25
CA ARG B 187 30.04 -0.71 -24.14
CA ARG B 187 30.03 -0.72 -24.15
C ARG B 187 29.17 0.18 -25.02
N ILE B 188 29.17 1.48 -24.72
CA ILE B 188 28.27 2.41 -25.38
C ILE B 188 29.05 3.45 -26.19
N GLU B 189 30.27 3.73 -25.77
CA GLU B 189 31.03 4.84 -26.30
C GLU B 189 31.99 4.38 -27.40
N SER B 190 31.60 3.33 -28.11
CA SER B 190 32.57 2.38 -28.66
C SER B 190 32.54 2.37 -30.18
N GLY B 191 31.41 2.82 -30.74
CA GLY B 191 30.55 1.96 -31.51
C GLY B 191 29.12 2.44 -31.55
N ARG B 192 28.20 1.56 -31.93
CA ARG B 192 27.32 0.92 -30.96
C ARG B 192 27.09 -0.55 -31.32
N ALA B 193 26.60 -0.78 -32.54
CA ALA B 193 25.70 -1.90 -32.79
C ALA B 193 25.67 -2.25 -34.28
N THR B 194 26.39 -3.31 -34.65
CA THR B 194 26.21 -3.93 -35.95
C THR B 194 25.47 -5.26 -35.85
N PHE B 195 24.27 -5.31 -36.40
CA PHE B 195 23.54 -6.58 -36.54
C PHE B 195 23.68 -7.16 -37.94
N ASN B 196 23.77 -8.48 -38.04
CA ASN B 196 23.85 -9.11 -39.35
C ASN B 196 22.49 -9.29 -40.01
N SER B 197 22.50 -9.68 -41.28
CA SER B 197 21.28 -9.65 -42.07
C SER B 197 20.29 -10.69 -41.60
N GLU B 198 20.81 -11.75 -41.00
CA GLU B 198 19.97 -12.81 -40.46
C GLU B 198 19.15 -12.28 -39.26
N GLU B 199 19.79 -11.47 -38.41
CA GLU B 199 19.13 -10.86 -37.26
C GLU B 199 18.15 -9.76 -37.67
N LYS B 200 18.56 -8.94 -38.63
CA LYS B 200 17.73 -7.83 -39.06
C LYS B 200 16.41 -8.37 -39.56
N LYS B 201 16.48 -9.44 -40.37
CA LYS B 201 15.28 -10.03 -40.92
C LYS B 201 14.45 -10.75 -39.85
N ARG B 202 15.12 -11.18 -38.79
CA ARG B 202 14.43 -11.75 -37.64
C ARG B 202 13.62 -10.71 -36.83
N PHE B 203 14.17 -9.50 -36.68
CA PHE B 203 13.44 -8.37 -36.09
C PHE B 203 12.19 -8.04 -36.89
N LEU B 204 12.38 -7.81 -38.18
CA LEU B 204 11.27 -7.55 -39.07
C LEU B 204 10.23 -8.64 -38.89
N SER B 205 10.70 -9.87 -38.84
CA SER B 205 9.83 -11.01 -38.67
C SER B 205 9.01 -10.86 -37.38
N GLU B 206 9.68 -10.45 -36.31
CA GLU B 206 9.05 -10.40 -35.00
C GLU B 206 8.09 -9.24 -34.88
N LEU B 207 8.45 -8.10 -35.47
CA LEU B 207 7.51 -6.98 -35.60
C LEU B 207 6.28 -7.33 -36.43
N THR B 208 6.49 -8.11 -37.48
CA THR B 208 5.40 -8.49 -38.33
C THR B 208 4.42 -9.32 -37.53
N ALA B 209 4.93 -10.29 -36.78
CA ALA B 209 4.10 -11.08 -35.86
C ALA B 209 3.30 -10.19 -34.90
N ALA B 210 3.97 -9.18 -34.34
CA ALA B 210 3.30 -8.31 -33.37
C ALA B 210 2.15 -7.54 -34.01
N GLU B 211 2.41 -6.96 -35.17
CA GLU B 211 1.38 -6.18 -35.90
C GLU B 211 0.28 -7.11 -36.35
N GLY B 212 0.71 -8.24 -36.92
CA GLY B 212 -0.19 -9.20 -37.55
C GLY B 212 -1.24 -9.68 -36.58
N LEU B 213 -0.79 -10.20 -35.45
CA LEU B 213 -1.69 -10.73 -34.43
C LEU B 213 -2.73 -9.72 -34.02
N GLU B 214 -2.31 -8.46 -33.95
CA GLU B 214 -3.17 -7.42 -33.39
C GLU B 214 -4.22 -7.02 -34.42
N ARG B 215 -3.83 -6.94 -35.69
CA ARG B 215 -4.83 -6.71 -36.76
C ARG B 215 -5.75 -7.91 -36.95
N TYR B 216 -5.20 -9.12 -36.80
CA TYR B 216 -6.01 -10.34 -36.94
C TYR B 216 -7.09 -10.42 -35.86
N LEU B 217 -6.72 -10.11 -34.62
CA LEU B 217 -7.70 -10.02 -33.54
C LEU B 217 -8.72 -8.90 -33.76
N GLY B 218 -8.24 -7.73 -34.14
CA GLY B 218 -9.12 -6.57 -34.35
C GLY B 218 -10.19 -6.85 -35.39
N ALA B 219 -9.84 -7.63 -36.40
CA ALA B 219 -10.78 -7.96 -37.48
C ALA B 219 -11.81 -9.00 -37.02
N LYS B 220 -11.34 -10.05 -36.35
CA LYS B 220 -12.19 -11.20 -35.98
C LYS B 220 -13.08 -10.92 -34.77
N PHE B 221 -12.59 -10.12 -33.82
CA PHE B 221 -13.30 -9.84 -32.59
C PHE B 221 -13.27 -8.36 -32.23
N PRO B 222 -14.09 -7.56 -32.94
CA PRO B 222 -14.10 -6.11 -32.73
C PRO B 222 -14.97 -5.71 -31.54
N ARG B 226 -9.96 -6.20 -26.90
CA ARG B 226 -8.50 -6.25 -27.13
C ARG B 226 -7.77 -5.04 -26.52
N PHE B 227 -6.59 -5.30 -25.93
CA PHE B 227 -5.74 -4.24 -25.30
C PHE B 227 -4.43 -4.08 -26.03
N SER B 228 -4.49 -3.61 -27.27
CA SER B 228 -3.53 -3.97 -28.27
C SER B 228 -2.17 -3.38 -27.97
N LEU B 229 -1.12 -4.12 -28.34
CA LEU B 229 0.26 -3.66 -28.19
C LEU B 229 0.63 -2.57 -29.20
N GLU B 230 -0.25 -2.35 -30.20
CA GLU B 230 0.10 -1.56 -31.40
C GLU B 230 0.67 -0.19 -31.02
N GLY B 231 1.81 0.14 -31.61
CA GLY B 231 2.58 1.32 -31.20
C GLY B 231 3.76 1.00 -30.29
N GLY B 232 3.69 -0.14 -29.59
CA GLY B 232 4.84 -0.70 -28.89
C GLY B 232 5.17 -2.10 -29.37
N ASP B 233 5.11 -2.32 -30.69
CA ASP B 233 5.33 -3.64 -31.25
C ASP B 233 6.70 -4.16 -30.84
N ALA B 234 7.65 -3.25 -30.67
CA ALA B 234 8.99 -3.64 -30.32
C ALA B 234 9.12 -4.41 -29.00
N LEU B 235 8.09 -4.38 -28.16
CA LEU B 235 8.08 -5.23 -26.95
C LEU B 235 8.40 -6.68 -27.30
N ILE B 236 7.85 -7.16 -28.41
CA ILE B 236 8.06 -8.52 -28.87
C ILE B 236 9.50 -8.88 -29.25
N PRO B 237 10.07 -8.23 -30.26
CA PRO B 237 11.47 -8.56 -30.52
C PRO B 237 12.35 -8.35 -29.30
N MET B 238 11.97 -7.40 -28.45
CA MET B 238 12.75 -7.13 -27.23
C MET B 238 12.80 -8.36 -26.32
N LEU B 239 11.65 -8.95 -26.05
CA LEU B 239 11.55 -10.06 -25.14
C LEU B 239 12.23 -11.28 -25.76
N LYS B 240 12.04 -11.48 -27.07
CA LYS B 240 12.62 -12.63 -27.73
C LYS B 240 14.13 -12.54 -27.75
N GLU B 241 14.63 -11.31 -27.89
CA GLU B 241 16.07 -11.05 -27.78
C GLU B 241 16.56 -11.18 -26.35
N MET B 242 15.78 -10.65 -25.42
CA MET B 242 16.05 -10.86 -24.01
C MET B 242 16.20 -12.36 -23.72
N ILE B 243 15.28 -13.15 -24.24
CA ILE B 243 15.31 -14.59 -23.98
C ILE B 243 16.51 -15.26 -24.67
N ARG B 244 16.71 -14.95 -25.94
CA ARG B 244 17.90 -15.43 -26.67
C ARG B 244 19.20 -15.06 -26.00
N HIS B 245 19.31 -13.82 -25.56
CA HIS B 245 20.55 -13.37 -24.94
C HIS B 245 20.77 -14.03 -23.58
N ALA B 246 19.68 -14.38 -22.90
CA ALA B 246 19.77 -14.98 -21.57
C ALA B 246 20.25 -16.40 -21.73
N GLY B 247 19.70 -17.08 -22.73
CA GLY B 247 20.20 -18.40 -23.12
C GLY B 247 21.70 -18.46 -23.31
N ASN B 248 22.26 -17.55 -24.11
CA ASN B 248 23.71 -17.56 -24.32
C ASN B 248 24.45 -17.19 -23.04
N SER B 249 23.72 -16.69 -22.05
CA SER B 249 24.32 -16.26 -20.77
C SER B 249 24.23 -17.36 -19.71
N GLY B 250 23.75 -18.54 -20.08
CA GLY B 250 23.55 -19.63 -19.12
C GLY B 250 22.38 -19.42 -18.16
N THR B 251 21.47 -18.50 -18.52
CA THR B 251 20.19 -18.39 -17.83
C THR B 251 19.29 -19.60 -18.15
N ARG B 252 18.74 -20.23 -17.12
CA ARG B 252 17.88 -21.39 -17.36
C ARG B 252 16.39 -21.14 -17.19
N GLU B 253 16.03 -20.11 -16.43
CA GLU B 253 14.64 -19.75 -16.26
C GLU B 253 14.43 -18.25 -16.39
N VAL B 254 13.34 -17.88 -17.03
CA VAL B 254 12.89 -16.52 -17.05
C VAL B 254 11.48 -16.38 -16.47
N VAL B 255 11.32 -15.48 -15.51
CA VAL B 255 10.00 -15.25 -14.90
C VAL B 255 9.53 -13.82 -15.20
N LEU B 256 8.35 -13.70 -15.82
CA LEU B 256 7.78 -12.42 -16.18
C LEU B 256 6.49 -12.15 -15.48
N GLY B 257 6.30 -10.91 -15.06
CA GLY B 257 4.96 -10.42 -14.82
C GLY B 257 4.70 -9.16 -15.59
N MET B 258 3.47 -8.97 -16.00
CA MET B 258 3.10 -7.79 -16.74
C MET B 258 1.62 -7.56 -16.55
N ALA B 259 1.06 -6.64 -17.31
CA ALA B 259 -0.35 -6.31 -17.13
C ALA B 259 -1.16 -6.61 -18.39
N HIS B 260 -2.04 -5.69 -18.78
CA HIS B 260 -3.07 -6.00 -19.77
C HIS B 260 -2.66 -5.60 -21.20
N ARG B 261 -2.14 -4.40 -21.36
CA ARG B 261 -1.59 -3.96 -22.62
C ARG B 261 -0.50 -4.94 -23.05
N GLY B 262 -0.68 -5.54 -24.23
CA GLY B 262 0.35 -6.38 -24.84
C GLY B 262 0.27 -7.84 -24.40
N ARG B 263 -0.66 -8.15 -23.51
CA ARG B 263 -0.64 -9.45 -22.85
C ARG B 263 -0.93 -10.56 -23.86
N LEU B 264 -1.98 -10.40 -24.64
CA LEU B 264 -2.32 -11.40 -25.64
C LEU B 264 -1.13 -11.61 -26.58
N ASN B 265 -0.46 -10.54 -26.93
CA ASN B 265 0.64 -10.62 -27.87
C ASN B 265 1.85 -11.36 -27.31
N VAL B 266 2.19 -11.07 -26.07
CA VAL B 266 3.30 -11.73 -25.43
C VAL B 266 2.95 -13.21 -25.27
N LEU B 267 1.70 -13.50 -24.95
CA LEU B 267 1.31 -14.88 -24.69
C LEU B 267 1.53 -15.68 -25.95
N VAL B 268 1.21 -15.08 -27.08
CA VAL B 268 1.21 -15.81 -28.35
C VAL B 268 2.54 -15.76 -29.10
N ASN B 269 3.13 -14.58 -29.19
CA ASN B 269 4.36 -14.41 -29.96
C ASN B 269 5.64 -14.52 -29.15
N VAL B 270 5.53 -14.70 -27.85
CA VAL B 270 6.72 -14.98 -27.05
C VAL B 270 6.62 -16.30 -26.31
N LEU B 271 5.53 -16.50 -25.58
CA LEU B 271 5.43 -17.63 -24.69
C LEU B 271 5.08 -18.90 -25.44
N GLY B 272 4.22 -18.76 -26.45
CA GLY B 272 3.91 -19.88 -27.32
C GLY B 272 2.48 -20.38 -27.24
N LYS B 273 1.60 -19.62 -26.62
CA LYS B 273 0.21 -20.04 -26.51
C LYS B 273 -0.33 -20.22 -27.92
N LYS B 274 -1.10 -21.28 -28.13
CA LYS B 274 -1.68 -21.54 -29.46
C LYS B 274 -2.74 -20.50 -29.79
N PRO B 275 -2.57 -19.83 -30.93
CA PRO B 275 -3.61 -18.91 -31.42
C PRO B 275 -5.00 -19.49 -31.31
N GLN B 276 -5.14 -20.79 -31.57
CA GLN B 276 -6.44 -21.46 -31.45
C GLN B 276 -7.03 -21.39 -30.05
N ASP B 277 -6.22 -21.72 -29.05
CA ASP B 277 -6.64 -21.52 -27.64
C ASP B 277 -7.16 -20.09 -27.38
N LEU B 278 -6.43 -19.08 -27.86
CA LEU B 278 -6.86 -17.68 -27.68
C LEU B 278 -8.20 -17.40 -28.37
N PHE B 279 -8.36 -17.95 -29.58
CA PHE B 279 -9.57 -17.74 -30.37
C PHE B 279 -10.76 -18.43 -29.70
N ASP B 280 -10.57 -19.67 -29.29
CA ASP B 280 -11.59 -20.34 -28.51
C ASP B 280 -12.00 -19.48 -27.31
N GLU B 281 -11.02 -18.91 -26.62
CA GLU B 281 -11.31 -18.13 -25.44
C GLU B 281 -12.24 -16.98 -25.74
N PHE B 282 -12.00 -16.29 -26.86
CA PHE B 282 -12.88 -15.20 -27.27
C PHE B 282 -14.27 -15.71 -27.59
N ALA B 283 -14.37 -17.01 -27.86
CA ALA B 283 -15.64 -17.63 -28.21
C ALA B 283 -16.33 -18.31 -27.02
N GLY B 284 -15.70 -18.24 -25.85
CA GLY B 284 -16.30 -18.75 -24.61
C GLY B 284 -16.34 -20.27 -24.53
N LYS B 285 -15.62 -20.93 -25.42
CA LYS B 285 -15.29 -22.34 -25.24
C LYS B 285 -14.10 -22.44 -24.31
N HIS B 286 -14.29 -23.04 -23.13
CA HIS B 286 -13.28 -22.95 -22.09
C HIS B 286 -12.62 -24.27 -21.67
N GLY B 291 -12.10 -24.80 -12.03
CA GLY B 291 -12.45 -23.74 -11.09
C GLY B 291 -13.26 -22.63 -11.73
N THR B 292 -13.35 -21.50 -11.06
CA THR B 292 -14.26 -20.43 -11.51
C THR B 292 -13.67 -19.45 -12.54
N GLY B 293 -12.35 -19.43 -12.66
CA GLY B 293 -11.69 -18.81 -13.80
C GLY B 293 -11.52 -17.30 -13.73
N ASP B 294 -11.07 -16.71 -14.83
CA ASP B 294 -10.76 -15.30 -14.83
C ASP B 294 -10.56 -14.84 -16.26
N VAL B 295 -10.35 -13.55 -16.47
CA VAL B 295 -10.42 -13.01 -17.83
C VAL B 295 -9.10 -13.25 -18.55
N LYS B 296 -9.15 -13.36 -19.87
CA LYS B 296 -7.99 -13.82 -20.63
C LYS B 296 -6.78 -12.92 -20.44
N TYR B 297 -7.02 -11.66 -20.13
CA TYR B 297 -5.89 -10.73 -19.97
C TYR B 297 -5.14 -10.95 -18.64
N HIS B 298 -5.61 -11.87 -17.79
CA HIS B 298 -4.86 -12.21 -16.56
C HIS B 298 -4.07 -13.52 -16.65
N MET B 299 -4.18 -14.23 -17.76
CA MET B 299 -3.61 -15.55 -17.86
C MET B 299 -2.09 -15.52 -17.85
N GLY B 300 -1.49 -16.48 -17.17
CA GLY B 300 -0.07 -16.68 -17.26
C GLY B 300 0.16 -17.93 -18.06
N PHE B 301 1.40 -18.36 -18.14
CA PHE B 301 1.75 -19.39 -19.07
C PHE B 301 3.15 -19.87 -18.78
N SER B 302 3.36 -21.17 -18.93
CA SER B 302 4.65 -21.77 -18.78
C SER B 302 5.02 -22.46 -20.08
N SER B 303 6.29 -22.40 -20.42
CA SER B 303 6.75 -23.04 -21.62
C SER B 303 8.28 -23.08 -21.67
N ASP B 304 8.83 -23.92 -22.55
CA ASP B 304 10.27 -24.00 -22.74
C ASP B 304 10.57 -23.40 -24.08
N PHE B 305 11.79 -22.93 -24.24
CA PHE B 305 12.14 -22.09 -25.39
C PHE B 305 13.57 -22.50 -25.79
N GLN B 306 13.72 -23.11 -26.97
CA GLN B 306 15.06 -23.49 -27.43
C GLN B 306 15.84 -22.29 -27.97
N THR B 307 16.91 -21.91 -27.27
CA THR B 307 17.87 -20.94 -27.80
C THR B 307 19.20 -21.60 -28.16
N ASP B 308 20.06 -20.85 -28.85
CA ASP B 308 21.38 -21.33 -29.27
C ASP B 308 22.22 -21.78 -28.10
N GLY B 309 21.89 -21.30 -26.92
CA GLY B 309 22.78 -21.44 -25.78
C GLY B 309 22.27 -22.52 -24.86
N GLY B 310 21.04 -22.98 -25.14
CA GLY B 310 20.40 -23.98 -24.30
C GLY B 310 18.91 -23.76 -24.18
N LEU B 311 18.22 -24.77 -23.67
CA LEU B 311 16.81 -24.65 -23.35
C LEU B 311 16.63 -23.58 -22.27
N VAL B 312 15.58 -22.79 -22.36
CA VAL B 312 15.23 -21.81 -21.31
C VAL B 312 13.77 -21.95 -20.89
N HIS B 313 13.52 -22.13 -19.59
CA HIS B 313 12.13 -22.17 -19.11
C HIS B 313 11.56 -20.76 -18.98
N LEU B 314 10.33 -20.56 -19.44
CA LEU B 314 9.64 -19.27 -19.31
C LEU B 314 8.38 -19.41 -18.46
N ALA B 315 8.24 -18.52 -17.49
CA ALA B 315 7.07 -18.57 -16.63
C ALA B 315 6.52 -17.18 -16.53
N LEU B 316 5.33 -17.01 -17.08
CA LEU B 316 4.65 -15.74 -17.07
C LEU B 316 3.55 -15.82 -16.03
N ALA B 317 3.52 -14.84 -15.14
CA ALA B 317 2.65 -14.87 -13.96
C ALA B 317 1.18 -14.60 -14.29
N PHE B 318 0.29 -15.24 -13.53
CA PHE B 318 -1.09 -14.77 -13.40
C PHE B 318 -1.13 -13.51 -12.54
N ASN B 319 -2.10 -12.65 -12.79
CA ASN B 319 -2.28 -11.51 -11.90
C ASN B 319 -3.72 -11.00 -11.94
N PRO B 320 -4.11 -10.20 -10.94
CA PRO B 320 -5.44 -9.59 -10.94
C PRO B 320 -5.46 -8.25 -11.68
N SER B 321 -6.60 -7.57 -11.68
CA SER B 321 -6.73 -6.28 -12.32
C SER B 321 -5.83 -5.24 -11.65
N HIS B 322 -5.58 -5.42 -10.36
CA HIS B 322 -4.73 -4.52 -9.61
C HIS B 322 -3.33 -4.43 -10.22
N LEU B 323 -2.86 -3.20 -10.42
CA LEU B 323 -1.59 -2.98 -11.09
C LEU B 323 -0.42 -3.10 -10.13
N GLU B 324 0.62 -3.82 -10.54
CA GLU B 324 1.97 -3.58 -10.06
C GLU B 324 2.28 -4.44 -8.84
N ILE B 325 1.26 -5.12 -8.33
CA ILE B 325 1.41 -5.98 -7.16
C ILE B 325 1.91 -7.36 -7.55
N VAL B 326 1.87 -7.64 -8.86
CA VAL B 326 2.42 -8.89 -9.38
C VAL B 326 3.94 -8.86 -9.40
N SER B 327 4.50 -7.66 -9.28
CA SER B 327 5.95 -7.47 -9.37
C SER B 327 6.67 -8.26 -8.27
N PRO B 328 6.36 -7.95 -7.02
CA PRO B 328 7.00 -8.61 -5.88
C PRO B 328 6.69 -10.10 -5.85
N VAL B 329 5.56 -10.49 -6.44
CA VAL B 329 5.19 -11.92 -6.56
C VAL B 329 6.20 -12.65 -7.46
N VAL B 330 6.49 -12.07 -8.61
CA VAL B 330 7.47 -12.64 -9.52
C VAL B 330 8.84 -12.80 -8.86
N ILE B 331 9.24 -11.77 -8.11
CA ILE B 331 10.54 -11.77 -7.49
C ILE B 331 10.64 -12.87 -6.42
N GLY B 332 9.58 -13.05 -5.65
CA GLY B 332 9.49 -14.20 -4.76
C GLY B 332 9.65 -15.53 -5.49
N SER B 333 8.91 -15.68 -6.57
CA SER B 333 9.04 -16.83 -7.43
C SER B 333 10.52 -17.09 -7.77
N VAL B 334 11.20 -16.04 -8.19
CA VAL B 334 12.59 -16.19 -8.59
C VAL B 334 13.50 -16.62 -7.44
N ARG B 335 13.31 -16.05 -6.26
CA ARG B 335 14.18 -16.43 -5.14
C ARG B 335 13.99 -17.93 -4.88
N ALA B 336 12.75 -18.39 -4.97
CA ALA B 336 12.48 -19.80 -4.79
C ALA B 336 13.20 -20.66 -5.85
N ARG B 337 13.11 -20.26 -7.11
CA ARG B 337 13.82 -20.95 -8.18
C ARG B 337 15.34 -20.96 -7.99
N LEU B 338 15.87 -19.88 -7.43
CA LEU B 338 17.30 -19.82 -7.17
C LEU B 338 17.65 -20.70 -5.99
N ASP B 339 16.73 -20.83 -5.06
CA ASP B 339 17.00 -21.57 -3.84
C ASP B 339 17.03 -23.08 -4.11
N ARG B 340 16.53 -23.51 -5.26
CA ARG B 340 16.61 -24.93 -5.60
C ARG B 340 17.76 -25.29 -6.52
N LEU B 341 18.67 -24.35 -6.76
CA LEU B 341 19.87 -24.66 -7.51
C LEU B 341 20.97 -25.10 -6.58
N ASP B 342 21.75 -26.09 -7.00
CA ASP B 342 22.97 -26.45 -6.30
C ASP B 342 23.91 -25.28 -6.48
N GLU B 343 23.85 -24.68 -7.67
CA GLU B 343 24.83 -23.72 -8.13
C GLU B 343 24.21 -22.32 -8.16
N PRO B 344 24.01 -21.70 -6.99
CA PRO B 344 23.06 -20.57 -6.83
C PRO B 344 23.48 -19.23 -7.52
N SER B 345 24.15 -19.33 -8.66
CA SER B 345 24.54 -18.15 -9.41
C SER B 345 23.35 -17.45 -10.07
N SER B 346 23.31 -16.12 -9.95
CA SER B 346 22.08 -15.34 -10.16
C SER B 346 21.77 -15.04 -11.63
N ASN B 347 22.76 -15.19 -12.50
CA ASN B 347 22.47 -15.18 -13.93
C ASN B 347 21.58 -16.35 -14.33
N LYS B 348 21.49 -17.35 -13.45
CA LYS B 348 20.80 -18.58 -13.81
C LYS B 348 19.28 -18.44 -13.83
N VAL B 349 18.73 -17.51 -13.05
CA VAL B 349 17.29 -17.17 -13.11
C VAL B 349 17.02 -15.67 -13.26
N LEU B 350 16.21 -15.29 -14.25
CA LEU B 350 16.01 -13.89 -14.61
C LEU B 350 14.59 -13.41 -14.38
N PRO B 351 14.41 -12.43 -13.46
CA PRO B 351 13.12 -11.78 -13.28
C PRO B 351 12.96 -10.63 -14.24
N ILE B 352 11.79 -10.53 -14.86
CA ILE B 352 11.46 -9.41 -15.72
C ILE B 352 10.08 -8.91 -15.34
N THR B 353 9.97 -7.63 -15.06
CA THR B 353 8.67 -7.03 -14.84
C THR B 353 8.42 -5.94 -15.87
N ILE B 354 7.19 -5.88 -16.35
CA ILE B 354 6.80 -4.90 -17.37
C ILE B 354 5.77 -3.96 -16.80
N HIS B 355 6.07 -2.67 -16.84
CA HIS B 355 5.28 -1.68 -16.10
C HIS B 355 4.71 -0.65 -17.09
N GLY B 356 3.53 -0.10 -16.79
CA GLY B 356 3.07 1.16 -17.43
C GLY B 356 3.66 2.36 -16.75
N ASP B 357 3.72 3.51 -17.43
CA ASP B 357 4.31 4.71 -16.82
C ASP B 357 3.46 5.39 -15.72
N ALA B 358 2.15 5.43 -15.93
CA ALA B 358 1.19 5.80 -14.87
C ALA B 358 1.39 4.91 -13.62
N ALA B 359 1.27 3.61 -13.81
CA ALA B 359 1.27 2.71 -12.69
C ALA B 359 2.58 2.77 -11.93
N VAL B 360 3.68 2.91 -12.67
CA VAL B 360 5.00 2.81 -12.07
C VAL B 360 5.25 3.92 -11.04
N THR B 361 4.65 5.10 -11.25
CA THR B 361 4.85 6.20 -10.29
C THR B 361 3.69 6.38 -9.32
N GLY B 362 2.59 5.69 -9.57
CA GLY B 362 1.35 5.90 -8.83
C GLY B 362 1.05 4.83 -7.80
N GLN B 363 1.80 3.73 -7.84
CA GLN B 363 1.58 2.61 -6.93
C GLN B 363 2.73 2.44 -5.96
N GLY B 364 2.41 2.26 -4.68
CA GLY B 364 3.43 2.24 -3.64
C GLY B 364 4.28 0.99 -3.64
N VAL B 365 3.71 -0.12 -4.10
CA VAL B 365 4.43 -1.39 -4.14
C VAL B 365 5.76 -1.26 -4.88
N VAL B 366 5.82 -0.36 -5.85
CA VAL B 366 7.10 -0.18 -6.57
C VAL B 366 8.24 0.23 -5.64
N GLN B 367 8.03 1.31 -4.88
CA GLN B 367 8.92 1.67 -3.77
C GLN B 367 9.18 0.44 -2.88
N GLU B 368 8.09 -0.21 -2.44
CA GLU B 368 8.21 -1.24 -1.41
C GLU B 368 9.09 -2.36 -1.96
N THR B 369 8.82 -2.73 -3.20
CA THR B 369 9.58 -3.76 -3.87
C THR B 369 11.04 -3.37 -4.10
N LEU B 370 11.26 -2.15 -4.57
CA LEU B 370 12.62 -1.63 -4.75
C LEU B 370 13.43 -1.67 -3.44
N ASN B 371 12.76 -1.34 -2.34
CA ASN B 371 13.42 -1.27 -1.05
C ASN B 371 13.65 -2.64 -0.43
N MET B 372 12.82 -3.61 -0.81
CA MET B 372 12.94 -4.97 -0.31
C MET B 372 13.99 -5.76 -1.08
N SER B 373 14.19 -5.39 -2.34
CA SER B 373 15.12 -6.10 -3.21
C SER B 373 16.56 -5.86 -2.79
N LYS B 374 16.75 -5.00 -1.80
CA LYS B 374 18.08 -4.76 -1.23
C LYS B 374 18.40 -5.76 -0.13
N ALA B 375 17.36 -6.33 0.47
CA ALA B 375 17.51 -7.05 1.73
C ALA B 375 18.00 -8.47 1.49
N ARG B 376 18.79 -8.99 2.43
CA ARG B 376 18.98 -10.43 2.55
C ARG B 376 17.69 -11.13 2.97
N GLY B 377 17.57 -12.41 2.62
CA GLY B 377 17.35 -12.81 1.25
C GLY B 377 15.91 -12.60 0.80
N TYR B 378 15.60 -11.39 0.34
CA TYR B 378 14.62 -11.21 -0.72
C TYR B 378 15.29 -10.82 -2.03
N GLU B 379 16.55 -10.40 -1.94
CA GLU B 379 17.34 -10.05 -3.13
C GLU B 379 17.48 -11.25 -4.06
N VAL B 380 17.57 -10.97 -5.36
CA VAL B 380 17.65 -12.02 -6.37
C VAL B 380 18.58 -11.62 -7.51
N GLY B 381 19.58 -10.81 -7.20
CA GLY B 381 20.59 -10.44 -8.16
C GLY B 381 20.08 -9.47 -9.21
N GLY B 382 19.04 -8.72 -8.85
CA GLY B 382 18.53 -7.66 -9.70
C GLY B 382 17.51 -8.17 -10.71
N THR B 383 16.44 -7.40 -10.89
CA THR B 383 15.49 -7.65 -11.95
C THR B 383 15.52 -6.53 -13.00
N VAL B 384 15.17 -6.87 -14.23
CA VAL B 384 15.15 -5.90 -15.32
C VAL B 384 13.73 -5.47 -15.50
N ARG B 385 13.55 -4.16 -15.56
CA ARG B 385 12.22 -3.58 -15.59
C ARG B 385 12.02 -2.84 -16.88
N ILE B 386 11.00 -3.26 -17.61
CA ILE B 386 10.64 -2.61 -18.82
C ILE B 386 9.46 -1.71 -18.53
N VAL B 387 9.64 -0.43 -18.80
CA VAL B 387 8.55 0.51 -18.76
C VAL B 387 8.02 0.78 -20.15
N ILE B 388 6.76 0.46 -20.34
CA ILE B 388 6.08 0.78 -21.57
C ILE B 388 5.54 2.21 -21.52
N ASN B 389 6.33 3.15 -21.99
CA ASN B 389 6.10 4.55 -21.73
C ASN B 389 5.36 5.25 -22.87
N ASN B 390 4.15 5.75 -22.60
CA ASN B 390 3.30 6.42 -23.61
C ASN B 390 3.20 7.94 -23.51
N GLN B 391 3.61 8.50 -22.36
CA GLN B 391 3.51 9.94 -22.09
C GLN B 391 2.09 10.35 -21.65
N TYR B 407 10.80 10.34 -17.45
CA TYR B 407 10.36 10.99 -16.21
C TYR B 407 9.70 10.02 -15.23
N CYS B 408 8.79 9.17 -15.73
CA CYS B 408 8.09 8.18 -14.90
C CYS B 408 9.07 7.19 -14.28
N THR B 409 10.35 7.37 -14.59
CA THR B 409 11.36 6.36 -14.41
C THR B 409 12.32 6.84 -13.31
N ASP B 410 12.01 8.01 -12.75
CA ASP B 410 12.89 8.67 -11.80
C ASP B 410 12.90 7.93 -10.46
N ILE B 411 11.88 7.10 -10.25
CA ILE B 411 11.79 6.29 -9.04
C ILE B 411 12.96 5.34 -8.90
N GLY B 412 13.67 5.09 -9.98
CA GLY B 412 14.84 4.21 -9.97
C GLY B 412 16.12 4.87 -9.46
N LYS B 413 16.03 6.16 -9.17
CA LYS B 413 17.13 6.87 -8.52
C LYS B 413 17.00 6.81 -7.00
N MET B 414 15.80 6.47 -6.53
CA MET B 414 15.63 5.93 -5.19
C MET B 414 16.63 4.81 -4.91
N VAL B 415 16.96 4.06 -5.96
CA VAL B 415 17.80 2.87 -5.80
C VAL B 415 18.97 2.89 -6.78
N GLN B 416 19.03 3.94 -7.60
CA GLN B 416 20.25 4.36 -8.17
C GLN B 416 20.51 3.39 -9.27
N ALA B 417 19.48 3.19 -10.08
CA ALA B 417 19.51 2.20 -11.14
C ALA B 417 19.83 2.86 -12.49
N PRO B 418 20.72 2.25 -13.27
CA PRO B 418 20.96 2.81 -14.59
C PRO B 418 19.67 2.75 -15.35
N ILE B 419 19.44 3.73 -16.22
CA ILE B 419 18.19 3.80 -16.97
C ILE B 419 18.47 4.02 -18.45
N PHE B 420 17.96 3.12 -19.27
CA PHE B 420 18.17 3.22 -20.70
C PHE B 420 16.84 3.51 -21.41
N HIS B 421 16.72 4.71 -21.96
CA HIS B 421 15.57 5.05 -22.76
C HIS B 421 15.92 4.70 -24.21
N VAL B 422 14.91 4.33 -24.98
CA VAL B 422 15.16 3.87 -26.33
C VAL B 422 13.93 4.07 -27.16
N ASN B 423 14.13 4.48 -28.41
CA ASN B 423 13.04 4.80 -29.33
C ASN B 423 12.44 3.53 -29.89
N ALA B 424 11.19 3.23 -29.53
CA ALA B 424 10.56 1.96 -29.92
C ALA B 424 10.39 1.73 -31.43
N ASP B 425 10.60 2.77 -32.23
CA ASP B 425 10.54 2.61 -33.69
C ASP B 425 11.87 2.13 -34.25
N ASP B 426 12.86 1.94 -33.38
CA ASP B 426 14.13 1.41 -33.85
C ASP B 426 14.50 0.09 -33.18
N PRO B 427 14.18 -1.03 -33.85
CA PRO B 427 14.27 -2.33 -33.16
C PRO B 427 15.72 -2.70 -32.89
N GLU B 428 16.66 -2.09 -33.61
CA GLU B 428 18.07 -2.44 -33.40
C GLU B 428 18.60 -1.72 -32.19
N ALA B 429 18.21 -0.45 -32.05
CA ALA B 429 18.36 0.26 -30.78
C ALA B 429 17.81 -0.58 -29.61
N VAL B 430 16.58 -1.04 -29.74
CA VAL B 430 15.95 -1.78 -28.67
C VAL B 430 16.76 -3.04 -28.32
N ALA B 431 17.29 -3.70 -29.34
CA ALA B 431 17.96 -4.96 -29.09
C ALA B 431 19.25 -4.68 -28.40
N PHE B 432 19.90 -3.61 -28.81
CA PHE B 432 21.21 -3.32 -28.26
C PHE B 432 21.05 -3.01 -26.77
N VAL B 433 19.99 -2.28 -26.45
CA VAL B 433 19.76 -1.83 -25.10
C VAL B 433 19.37 -3.01 -24.25
N THR B 434 18.61 -3.92 -24.85
CA THR B 434 18.23 -5.17 -24.21
C THR B 434 19.45 -5.96 -23.77
N ARG B 435 20.35 -6.26 -24.70
CA ARG B 435 21.60 -6.94 -24.35
C ARG B 435 22.34 -6.19 -23.25
N LEU B 436 22.55 -4.90 -23.45
CA LEU B 436 23.27 -4.08 -22.50
C LEU B 436 22.69 -4.22 -21.07
N ALA B 437 21.37 -4.04 -20.95
CA ALA B 437 20.67 -4.18 -19.69
C ALA B 437 20.90 -5.54 -19.03
N LEU B 438 20.70 -6.61 -19.80
CA LEU B 438 20.94 -7.94 -19.28
C LEU B 438 22.35 -8.09 -18.79
N ASP B 439 23.32 -7.67 -19.60
CA ASP B 439 24.73 -7.87 -19.25
C ASP B 439 25.06 -7.15 -17.93
N PHE B 440 24.42 -6.01 -17.72
CA PHE B 440 24.70 -5.22 -16.57
C PHE B 440 24.09 -5.88 -15.36
N ARG B 441 22.94 -6.50 -15.53
CA ARG B 441 22.25 -7.10 -14.40
C ARG B 441 22.92 -8.41 -14.02
N ASN B 442 23.18 -9.23 -15.02
CA ASN B 442 24.11 -10.33 -14.87
C ASN B 442 25.45 -9.98 -14.23
N THR B 443 25.99 -8.80 -14.56
CA THR B 443 27.35 -8.46 -14.12
C THR B 443 27.41 -7.86 -12.70
N PHE B 444 26.47 -6.97 -12.40
CA PHE B 444 26.54 -6.16 -11.20
C PHE B 444 25.36 -6.42 -10.27
N LYS B 445 24.52 -7.38 -10.66
CA LYS B 445 23.56 -7.98 -9.74
C LYS B 445 22.63 -6.92 -9.16
N ARG B 446 22.25 -5.95 -10.00
CA ARG B 446 21.36 -4.87 -9.56
C ARG B 446 20.22 -4.66 -10.56
N ASP B 447 19.12 -4.09 -10.08
CA ASP B 447 18.01 -3.72 -10.95
C ASP B 447 18.49 -2.84 -12.11
N VAL B 448 17.80 -2.95 -13.24
CA VAL B 448 17.98 -2.00 -14.34
C VAL B 448 16.68 -1.68 -15.04
N PHE B 449 16.53 -0.41 -15.44
CA PHE B 449 15.33 0.02 -16.17
C PHE B 449 15.63 0.18 -17.65
N ILE B 450 14.75 -0.38 -18.48
CA ILE B 450 14.64 0.04 -19.86
C ILE B 450 13.35 0.82 -20.06
N ASP B 451 13.48 2.06 -20.54
CA ASP B 451 12.31 2.91 -20.84
C ASP B 451 12.00 2.81 -22.34
N LEU B 452 10.94 2.09 -22.67
CA LEU B 452 10.59 1.89 -24.05
C LEU B 452 9.65 3.01 -24.45
N VAL B 453 10.20 3.98 -25.16
CA VAL B 453 9.43 5.14 -25.59
C VAL B 453 8.62 4.84 -26.85
N CYS B 454 7.31 4.94 -26.73
CA CYS B 454 6.42 4.50 -27.79
C CYS B 454 5.08 5.21 -27.61
N TYR B 455 4.03 4.68 -28.25
CA TYR B 455 2.74 5.39 -28.30
C TYR B 455 1.60 4.37 -28.37
N ARG B 456 0.38 4.81 -28.11
CA ARG B 456 -0.79 3.94 -28.20
C ARG B 456 -1.47 4.22 -29.51
N ARG B 457 -1.40 3.27 -30.43
CA ARG B 457 -1.99 3.45 -31.72
C ARG B 457 -3.51 3.53 -31.63
N HIS B 458 -4.10 2.84 -30.66
CA HIS B 458 -5.54 3.04 -30.32
C HIS B 458 -5.70 3.60 -28.90
N TYR B 474 -3.24 12.34 -32.20
CA TYR B 474 -4.19 11.44 -32.85
C TYR B 474 -4.13 11.70 -34.33
N GLN B 475 -4.00 12.96 -34.70
CA GLN B 475 -3.73 13.28 -36.09
C GLN B 475 -2.33 12.80 -36.48
N LYS B 476 -1.33 13.21 -35.70
CA LYS B 476 0.06 12.86 -35.96
C LYS B 476 0.26 11.34 -35.89
N ILE B 477 -0.54 10.68 -35.05
CA ILE B 477 -0.45 9.24 -34.89
C ILE B 477 -0.95 8.51 -36.12
N LYS B 478 -1.99 9.06 -36.74
CA LYS B 478 -2.72 8.36 -37.79
C LYS B 478 -1.98 8.27 -39.13
N LYS B 479 -1.20 9.31 -39.46
CA LYS B 479 -0.34 9.27 -40.64
C LYS B 479 1.12 8.93 -40.31
N HIS B 480 1.36 8.52 -39.06
CA HIS B 480 2.62 7.86 -38.69
C HIS B 480 2.59 6.39 -39.12
N PRO B 481 3.62 5.95 -39.84
CA PRO B 481 3.65 4.55 -40.26
C PRO B 481 3.94 3.59 -39.07
N THR B 482 3.36 2.38 -39.09
CA THR B 482 3.64 1.40 -38.04
C THR B 482 5.14 1.05 -38.01
N PRO B 483 5.60 0.44 -36.90
CA PRO B 483 7.00 0.09 -36.74
C PRO B 483 7.47 -1.02 -37.70
N ARG B 484 6.56 -1.93 -38.05
CA ARG B 484 6.80 -2.86 -39.15
C ARG B 484 7.13 -2.09 -40.41
N LYS B 485 6.22 -1.20 -40.80
CA LYS B 485 6.42 -0.40 -42.01
C LYS B 485 7.77 0.28 -41.97
N ILE B 486 8.04 0.99 -40.88
CA ILE B 486 9.25 1.79 -40.84
C ILE B 486 10.49 0.92 -41.05
N TYR B 487 10.48 -0.28 -40.47
CA TYR B 487 11.70 -1.11 -40.49
C TYR B 487 11.80 -1.93 -41.78
N ALA B 488 10.66 -2.31 -42.36
CA ALA B 488 10.64 -2.95 -43.67
C ALA B 488 11.22 -2.02 -44.74
N ASP B 489 10.66 -0.81 -44.84
CA ASP B 489 11.29 0.27 -45.60
C ASP B 489 12.81 0.24 -45.47
N LYS B 490 13.28 0.30 -44.24
CA LYS B 490 14.68 0.58 -43.98
C LYS B 490 15.57 -0.58 -44.40
N LEU B 491 14.97 -1.75 -44.50
CA LEU B 491 15.70 -2.92 -44.89
C LEU B 491 15.70 -3.04 -46.42
N GLU B 492 14.66 -2.49 -47.04
CA GLU B 492 14.64 -2.27 -48.49
C GLU B 492 15.79 -1.39 -48.93
N GLN B 493 15.76 -0.12 -48.51
CA GLN B 493 16.90 0.79 -48.65
C GLN B 493 18.23 0.07 -48.53
N GLU B 494 18.32 -0.88 -47.58
CA GLU B 494 19.58 -1.54 -47.28
C GLU B 494 19.77 -2.79 -48.10
N LYS B 495 18.85 -3.00 -49.05
CA LYS B 495 18.84 -4.23 -49.84
C LYS B 495 19.11 -5.47 -48.96
N VAL B 496 18.54 -5.47 -47.75
CA VAL B 496 18.53 -6.66 -46.89
C VAL B 496 17.22 -7.45 -47.06
N ALA B 497 16.15 -6.77 -47.48
CA ALA B 497 14.87 -7.44 -47.73
C ALA B 497 13.88 -6.59 -48.55
N THR B 498 13.19 -7.24 -49.48
CA THR B 498 12.48 -6.53 -50.53
C THR B 498 10.97 -6.49 -50.28
N LEU B 499 10.28 -5.52 -50.87
CA LEU B 499 8.84 -5.47 -50.80
C LEU B 499 8.27 -6.89 -50.71
N GLU B 500 8.78 -7.77 -51.55
CA GLU B 500 8.21 -9.09 -51.71
C GLU B 500 8.51 -9.94 -50.46
N ASP B 501 9.78 -9.95 -50.04
CA ASP B 501 10.16 -10.49 -48.74
C ASP B 501 9.22 -10.03 -47.62
N ALA B 502 9.22 -8.73 -47.36
CA ALA B 502 8.45 -8.20 -46.24
C ALA B 502 7.04 -8.72 -46.38
N THR B 503 6.53 -8.64 -47.61
CA THR B 503 5.14 -8.93 -47.83
C THR B 503 4.81 -10.37 -47.50
N GLU B 504 5.74 -11.27 -47.78
CA GLU B 504 5.46 -12.68 -47.57
C GLU B 504 5.57 -13.03 -46.09
N MET B 505 6.40 -12.30 -45.36
CA MET B 505 6.32 -12.35 -43.91
C MET B 505 4.90 -12.10 -43.42
N VAL B 506 4.33 -10.96 -43.83
CA VAL B 506 2.95 -10.68 -43.47
C VAL B 506 2.05 -11.87 -43.79
N ASN B 507 2.12 -12.36 -45.03
CA ASN B 507 1.20 -13.40 -45.48
C ASN B 507 1.46 -14.76 -44.82
N LEU B 508 2.72 -15.09 -44.59
CA LEU B 508 3.02 -16.35 -43.91
C LEU B 508 2.41 -16.30 -42.51
N TYR B 509 2.52 -15.16 -41.86
CA TYR B 509 2.07 -15.06 -40.50
C TYR B 509 0.56 -15.13 -40.39
N ARG B 510 -0.15 -14.38 -41.24
CA ARG B 510 -1.61 -14.47 -41.27
C ARG B 510 -2.08 -15.89 -41.53
N ASP B 511 -1.38 -16.56 -42.44
CA ASP B 511 -1.72 -17.95 -42.76
C ASP B 511 -1.57 -18.80 -41.51
N ALA B 512 -0.43 -18.63 -40.82
CA ALA B 512 -0.18 -19.37 -39.56
C ALA B 512 -1.29 -19.18 -38.54
N LEU B 513 -1.70 -17.93 -38.34
CA LEU B 513 -2.84 -17.69 -37.46
C LEU B 513 -4.05 -18.51 -37.90
N ASP B 514 -4.28 -18.58 -39.20
CA ASP B 514 -5.48 -19.26 -39.73
C ASP B 514 -5.44 -20.73 -39.35
N ALA B 515 -4.24 -21.30 -39.36
CA ALA B 515 -4.05 -22.71 -39.06
C ALA B 515 -4.13 -22.97 -37.55
N GLY B 516 -3.77 -21.96 -36.78
CA GLY B 516 -4.10 -21.95 -35.34
C GLY B 516 -3.09 -22.64 -34.44
N ASP B 517 -1.94 -23.02 -34.98
CA ASP B 517 -0.93 -23.72 -34.20
C ASP B 517 0.16 -22.77 -33.72
N CYS B 518 0.90 -23.19 -32.70
CA CYS B 518 1.97 -22.36 -32.15
C CYS B 518 2.74 -21.63 -33.26
N VAL B 519 3.00 -20.35 -33.04
CA VAL B 519 3.72 -19.56 -34.03
C VAL B 519 5.11 -19.18 -33.53
N VAL B 520 5.49 -19.70 -32.36
CA VAL B 520 6.85 -19.49 -31.88
C VAL B 520 7.74 -20.69 -32.17
N ALA B 521 8.57 -20.56 -33.20
CA ALA B 521 9.39 -21.67 -33.63
C ALA B 521 10.18 -22.28 -32.46
N GLU B 522 10.63 -21.45 -31.54
CA GLU B 522 11.61 -21.91 -30.56
C GLU B 522 10.94 -22.57 -29.38
N TRP B 523 9.61 -22.53 -29.38
CA TRP B 523 8.79 -23.23 -28.36
C TRP B 523 9.07 -24.72 -28.30
N ARG B 524 9.06 -25.27 -27.09
CA ARG B 524 9.10 -26.72 -26.89
C ARG B 524 8.22 -27.13 -25.69
N PRO B 525 7.57 -28.28 -25.80
CA PRO B 525 6.80 -28.85 -24.67
C PRO B 525 7.73 -29.13 -23.52
N MET B 526 7.27 -28.94 -22.29
CA MET B 526 8.17 -29.04 -21.16
C MET B 526 8.46 -30.51 -20.87
N ASN B 527 9.59 -30.76 -20.23
CA ASN B 527 9.91 -32.06 -19.71
C ASN B 527 9.11 -32.40 -18.44
N MET B 528 8.77 -33.67 -18.28
CA MET B 528 8.23 -34.16 -17.00
C MET B 528 8.80 -33.47 -15.75
N HIS B 529 10.13 -33.35 -15.64
CA HIS B 529 10.73 -32.79 -14.43
C HIS B 529 10.43 -31.30 -14.17
N SER B 530 9.91 -30.62 -15.18
CA SER B 530 9.42 -29.26 -15.01
C SER B 530 8.06 -29.17 -14.37
N PHE B 531 7.41 -30.31 -14.12
CA PHE B 531 6.10 -30.25 -13.49
C PHE B 531 6.14 -30.40 -11.97
N THR B 532 6.58 -29.36 -11.30
CA THR B 532 7.00 -29.46 -9.92
C THR B 532 5.78 -29.61 -9.02
N TRP B 533 4.60 -29.40 -9.58
CA TRP B 533 3.39 -29.42 -8.76
C TRP B 533 2.55 -30.67 -8.84
N SER B 534 2.90 -31.58 -9.75
CA SER B 534 1.96 -32.63 -10.07
C SER B 534 1.63 -33.48 -8.83
N PRO B 535 2.61 -33.68 -7.93
CA PRO B 535 2.37 -34.40 -6.67
C PRO B 535 1.37 -33.75 -5.70
N TYR B 536 1.07 -32.46 -5.86
CA TYR B 536 0.42 -31.75 -4.77
C TYR B 536 -0.99 -31.34 -5.10
N LEU B 537 -1.54 -31.91 -6.17
CA LEU B 537 -2.54 -31.22 -6.98
C LEU B 537 -3.94 -31.44 -6.43
N ASN B 538 -4.25 -32.67 -6.06
CA ASN B 538 -5.61 -33.05 -5.68
C ASN B 538 -5.66 -33.71 -4.32
N HIS B 539 -5.68 -32.89 -3.27
CA HIS B 539 -5.60 -33.39 -1.90
C HIS B 539 -6.67 -32.75 -1.02
N GLU B 540 -7.26 -33.54 -0.13
CA GLU B 540 -8.18 -33.03 0.88
C GLU B 540 -7.47 -32.80 2.21
N TRP B 541 -8.12 -32.09 3.12
CA TRP B 541 -7.46 -31.52 4.28
C TRP B 541 -7.34 -32.55 5.40
N ASP B 542 -8.32 -33.43 5.48
CA ASP B 542 -8.34 -34.46 6.52
C ASP B 542 -7.63 -35.73 6.06
N GLU B 543 -6.71 -35.58 5.10
CA GLU B 543 -5.90 -36.69 4.63
C GLU B 543 -4.90 -37.13 5.69
N GLU B 544 -4.65 -38.43 5.75
CA GLU B 544 -3.67 -38.96 6.65
C GLU B 544 -2.28 -38.55 6.29
N TYR B 545 -1.51 -38.16 7.29
CA TYR B 545 -0.10 -37.72 7.14
C TYR B 545 0.73 -38.32 8.28
N PRO B 546 2.07 -38.42 8.10
CA PRO B 546 2.92 -39.02 9.14
C PRO B 546 3.17 -38.13 10.36
N ASN B 547 2.18 -38.08 11.24
CA ASN B 547 2.25 -37.33 12.49
C ASN B 547 3.30 -37.74 13.54
N LYS B 548 3.39 -39.03 13.87
CA LYS B 548 4.31 -39.52 14.91
C LYS B 548 5.77 -39.37 14.54
N VAL B 549 6.58 -38.99 15.52
CA VAL B 549 8.02 -39.12 15.42
C VAL B 549 8.49 -40.01 16.56
N GLU B 550 9.52 -40.81 16.29
CA GLU B 550 9.99 -41.78 17.28
C GLU B 550 10.69 -41.05 18.43
N MET B 551 10.31 -41.38 19.66
CA MET B 551 10.76 -40.62 20.82
C MET B 551 12.27 -40.43 20.85
N LYS B 552 13.01 -41.51 20.67
CA LYS B 552 14.46 -41.40 20.71
C LYS B 552 14.89 -40.22 19.86
N ARG B 553 14.27 -40.09 18.70
CA ARG B 553 14.74 -39.13 17.71
C ARG B 553 14.24 -37.71 18.00
N LEU B 554 13.00 -37.57 18.43
CA LEU B 554 12.53 -36.29 18.89
C LEU B 554 13.50 -35.75 19.93
N GLN B 555 13.93 -36.61 20.84
CA GLN B 555 14.70 -36.13 21.98
C GLN B 555 16.10 -35.82 21.50
N GLU B 556 16.61 -36.60 20.57
CA GLU B 556 17.92 -36.33 20.03
C GLU B 556 17.90 -34.93 19.43
N LEU B 557 16.85 -34.64 18.66
CA LEU B 557 16.74 -33.38 17.94
C LEU B 557 16.55 -32.24 18.92
N ALA B 558 15.70 -32.47 19.91
CA ALA B 558 15.39 -31.42 20.87
C ALA B 558 16.65 -31.02 21.59
N LYS B 559 17.54 -31.99 21.81
CA LYS B 559 18.79 -31.73 22.52
C LYS B 559 19.76 -31.00 21.61
N ARG B 560 19.83 -31.43 20.35
CA ARG B 560 20.73 -30.84 19.37
CA ARG B 560 20.73 -30.84 19.38
C ARG B 560 20.49 -29.34 19.20
N ILE B 561 19.25 -28.96 19.00
CA ILE B 561 18.94 -27.57 18.66
C ILE B 561 18.93 -26.72 19.90
N SER B 562 19.15 -27.32 21.06
CA SER B 562 19.14 -26.55 22.30
C SER B 562 20.53 -26.59 22.92
N THR B 563 21.45 -27.26 22.24
CA THR B 563 22.84 -27.30 22.63
C THR B 563 23.65 -26.42 21.66
N VAL B 564 24.48 -25.56 22.23
CA VAL B 564 25.16 -24.48 21.50
C VAL B 564 26.65 -24.60 21.74
N PRO B 565 27.48 -24.51 20.68
CA PRO B 565 28.91 -24.64 20.93
C PRO B 565 29.36 -23.59 21.92
N GLU B 566 30.40 -23.89 22.69
CA GLU B 566 30.74 -23.04 23.80
C GLU B 566 31.41 -21.74 23.33
N ALA B 567 32.07 -21.80 22.18
CA ALA B 567 32.50 -20.60 21.47
C ALA B 567 31.43 -19.51 21.32
N VAL B 568 30.17 -19.91 21.22
CA VAL B 568 29.09 -18.93 21.14
C VAL B 568 28.67 -18.44 22.53
N GLU B 569 28.83 -17.15 22.77
CA GLU B 569 28.60 -16.63 24.11
C GLU B 569 27.31 -15.85 24.16
N MET B 570 26.35 -16.34 24.94
CA MET B 570 24.96 -15.92 24.82
C MET B 570 24.62 -14.83 25.82
N GLN B 571 23.74 -13.90 25.45
CA GLN B 571 23.20 -12.96 26.46
C GLN B 571 22.52 -13.76 27.55
N SER B 572 22.63 -13.32 28.79
CA SER B 572 22.21 -14.15 29.90
C SER B 572 20.75 -14.66 29.78
N ARG B 573 19.84 -13.80 29.35
CA ARG B 573 18.43 -14.16 29.24
C ARG B 573 18.21 -15.28 28.17
N VAL B 574 18.99 -15.24 27.12
CA VAL B 574 18.90 -16.25 26.11
C VAL B 574 19.49 -17.58 26.62
N ALA B 575 20.59 -17.48 27.34
CA ALA B 575 21.17 -18.66 27.98
C ALA B 575 20.20 -19.39 28.91
N LYS B 576 19.46 -18.64 29.72
CA LYS B 576 18.40 -19.23 30.52
C LYS B 576 17.30 -19.92 29.67
N ILE B 577 16.82 -19.25 28.63
CA ILE B 577 15.87 -19.87 27.71
C ILE B 577 16.39 -21.20 27.13
N TYR B 578 17.64 -21.19 26.68
CA TYR B 578 18.27 -22.41 26.22
C TYR B 578 18.43 -23.57 27.24
N ALA B 579 18.75 -23.27 28.49
CA ALA B 579 18.75 -24.30 29.53
C ALA B 579 17.35 -24.89 29.72
N ASP B 580 16.35 -24.02 29.74
CA ASP B 580 14.97 -24.51 29.82
C ASP B 580 14.72 -25.49 28.69
N ARG B 581 15.23 -25.16 27.51
CA ARG B 581 15.02 -26.02 26.39
C ARG B 581 15.76 -27.34 26.48
N GLN B 582 16.91 -27.35 27.16
CA GLN B 582 17.61 -28.59 27.43
C GLN B 582 16.84 -29.46 28.44
N ALA B 583 16.28 -28.81 29.44
CA ALA B 583 15.34 -29.45 30.33
C ALA B 583 14.15 -30.03 29.58
N MET B 584 13.68 -29.31 28.56
CA MET B 584 12.53 -29.79 27.79
C MET B 584 12.89 -31.02 26.98
N ALA B 585 14.08 -31.03 26.40
CA ALA B 585 14.52 -32.18 25.65
C ALA B 585 14.56 -33.40 26.55
N ALA B 586 14.91 -33.20 27.82
CA ALA B 586 15.27 -34.32 28.68
C ALA B 586 14.05 -34.89 29.36
N GLY B 587 12.96 -34.12 29.35
CA GLY B 587 11.73 -34.54 30.02
C GLY B 587 11.55 -33.86 31.36
N GLU B 588 12.52 -33.03 31.74
CA GLU B 588 12.49 -32.35 33.03
C GLU B 588 11.42 -31.29 33.07
N LYS B 589 11.16 -30.70 31.91
CA LYS B 589 10.26 -29.58 31.83
C LYS B 589 9.34 -29.72 30.61
N LEU B 590 8.06 -29.42 30.82
CA LEU B 590 7.08 -29.38 29.73
C LEU B 590 7.43 -28.31 28.71
N PHE B 591 7.18 -28.60 27.43
CA PHE B 591 7.50 -27.62 26.37
C PHE B 591 6.60 -26.41 26.46
N ASP B 592 7.19 -25.24 26.30
CA ASP B 592 6.44 -24.06 25.94
C ASP B 592 6.44 -23.87 24.42
N TRP B 593 5.94 -22.73 23.95
CA TRP B 593 5.47 -22.57 22.56
C TRP B 593 6.69 -22.50 21.67
N GLY B 594 7.66 -21.69 22.08
CA GLY B 594 8.90 -21.58 21.32
C GLY B 594 9.65 -22.90 21.28
N GLY B 595 9.66 -23.63 22.38
CA GLY B 595 10.34 -24.94 22.40
C GLY B 595 9.75 -25.87 21.35
N ALA B 596 8.44 -26.03 21.38
CA ALA B 596 7.77 -26.95 20.48
C ALA B 596 7.91 -26.49 19.03
N GLU B 597 7.84 -25.18 18.83
CA GLU B 597 7.79 -24.66 17.46
C GLU B 597 9.13 -24.89 16.78
N ASN B 598 10.22 -24.64 17.51
CA ASN B 598 11.57 -24.87 17.00
C ASN B 598 11.80 -26.35 16.73
N LEU B 599 11.17 -27.18 17.55
CA LEU B 599 11.33 -28.61 17.45
C LEU B 599 10.59 -29.09 16.20
N ALA B 600 9.44 -28.50 15.92
CA ALA B 600 8.78 -28.77 14.65
C ALA B 600 9.74 -28.50 13.48
N TYR B 601 10.34 -27.32 13.41
CA TYR B 601 11.23 -27.03 12.30
C TYR B 601 12.31 -28.09 12.25
N ALA B 602 12.81 -28.44 13.42
CA ALA B 602 13.90 -29.42 13.50
C ALA B 602 13.49 -30.76 12.89
N THR B 603 12.27 -31.22 13.16
CA THR B 603 11.84 -32.50 12.61
C THR B 603 11.70 -32.50 11.10
N LEU B 604 11.34 -31.35 10.54
CA LEU B 604 11.18 -31.26 9.11
C LEU B 604 12.53 -31.22 8.41
N VAL B 605 13.42 -30.34 8.84
CA VAL B 605 14.67 -30.18 8.11
C VAL B 605 15.49 -31.42 8.29
N ASP B 606 15.30 -32.05 9.45
CA ASP B 606 15.84 -33.38 9.72
C ASP B 606 15.65 -34.34 8.58
N GLU B 607 14.45 -34.37 8.03
CA GLU B 607 14.16 -35.28 6.96
C GLU B 607 14.21 -34.57 5.61
N GLY B 608 14.99 -33.50 5.52
CA GLY B 608 15.34 -32.93 4.23
C GLY B 608 14.36 -31.88 3.73
N ILE B 609 13.32 -31.63 4.50
CA ILE B 609 12.35 -30.55 4.20
C ILE B 609 12.81 -29.13 4.64
N PRO B 610 13.00 -28.22 3.66
CA PRO B 610 13.49 -26.86 3.93
C PRO B 610 12.43 -25.96 4.54
N VAL B 611 12.87 -24.97 5.29
CA VAL B 611 11.95 -24.07 5.97
C VAL B 611 12.37 -22.65 5.70
N ARG B 612 11.41 -21.80 5.36
CA ARG B 612 11.70 -20.39 5.20
C ARG B 612 10.80 -19.61 6.09
N LEU B 613 11.40 -18.83 6.99
CA LEU B 613 10.61 -18.03 7.92
C LEU B 613 10.98 -16.58 7.66
N SER B 614 9.96 -15.76 7.46
CA SER B 614 10.12 -14.42 6.99
C SER B 614 9.18 -13.55 7.84
N GLY B 615 9.71 -12.47 8.41
CA GLY B 615 8.87 -11.65 9.28
C GLY B 615 9.65 -10.64 10.08
N GLU B 616 8.97 -9.61 10.56
CA GLU B 616 9.64 -8.65 11.43
C GLU B 616 10.15 -9.28 12.75
N ASP B 617 11.45 -9.16 12.96
CA ASP B 617 12.09 -9.67 14.19
C ASP B 617 11.91 -11.18 14.38
N SER B 618 11.74 -11.89 13.28
CA SER B 618 11.24 -13.24 13.34
C SER B 618 12.31 -14.21 13.82
N GLY B 619 13.57 -13.80 13.68
CA GLY B 619 14.69 -14.52 14.26
C GLY B 619 14.54 -14.74 15.76
N ARG B 620 14.23 -13.68 16.50
CA ARG B 620 14.11 -13.82 17.94
C ARG B 620 12.66 -13.86 18.34
N GLY B 621 11.83 -13.19 17.57
CA GLY B 621 10.42 -13.10 17.89
C GLY B 621 10.06 -11.77 18.51
N THR B 622 9.13 -11.09 17.88
CA THR B 622 8.53 -9.93 18.48
C THR B 622 8.29 -10.08 19.97
N PHE B 623 7.80 -11.25 20.39
CA PHE B 623 7.50 -11.53 21.79
C PHE B 623 8.55 -12.39 22.49
N PHE B 624 9.71 -12.52 21.85
CA PHE B 624 10.88 -13.13 22.51
C PHE B 624 10.68 -14.59 22.82
N HIS B 625 9.84 -15.22 22.03
CA HIS B 625 9.55 -16.60 22.27
C HIS B 625 10.38 -17.56 21.39
N ARG B 626 10.91 -17.08 20.27
CA ARG B 626 11.50 -18.02 19.29
C ARG B 626 12.99 -18.31 19.51
N HIS B 627 13.81 -17.25 19.53
CA HIS B 627 15.25 -17.39 19.66
C HIS B 627 15.88 -18.45 18.79
N ALA B 628 15.42 -18.52 17.53
CA ALA B 628 16.01 -19.39 16.52
C ALA B 628 17.40 -18.94 16.16
N VAL B 629 17.66 -17.64 16.33
CA VAL B 629 18.96 -17.09 15.96
C VAL B 629 19.62 -16.54 17.22
N ILE B 630 20.88 -16.90 17.43
CA ILE B 630 21.59 -16.46 18.63
C ILE B 630 22.64 -15.42 18.26
N HIS B 631 22.62 -14.29 18.93
CA HIS B 631 23.59 -13.26 18.64
C HIS B 631 24.78 -13.41 19.56
N ASN B 632 25.91 -13.79 18.97
CA ASN B 632 27.12 -14.07 19.73
C ASN B 632 27.73 -12.76 20.22
N GLN B 633 27.65 -12.54 21.52
CA GLN B 633 27.97 -11.24 22.11
C GLN B 633 29.46 -10.94 22.01
N SER B 634 30.23 -11.93 21.59
CA SER B 634 31.68 -11.78 21.48
C SER B 634 32.08 -11.31 20.09
N ASN B 635 31.66 -12.05 19.07
CA ASN B 635 32.17 -11.84 17.72
C ASN B 635 31.36 -10.81 16.94
N GLY B 636 30.29 -10.31 17.57
CA GLY B 636 29.22 -9.64 16.83
C GLY B 636 28.47 -10.52 15.83
N SER B 637 28.67 -11.83 15.89
CA SER B 637 28.17 -12.74 14.85
C SER B 637 26.90 -13.45 15.33
N THR B 638 26.36 -14.36 14.51
CA THR B 638 25.17 -15.14 14.90
C THR B 638 25.40 -16.64 14.76
N TYR B 639 24.58 -17.41 15.46
CA TYR B 639 24.57 -18.86 15.32
C TYR B 639 23.14 -19.30 15.32
N THR B 640 22.79 -20.18 14.38
CA THR B 640 21.41 -20.65 14.23
C THR B 640 21.35 -22.17 14.31
N PRO B 641 20.97 -22.68 15.47
CA PRO B 641 21.11 -24.11 15.73
C PRO B 641 20.35 -24.99 14.71
N LEU B 642 19.17 -24.55 14.29
CA LEU B 642 18.47 -25.30 13.26
C LEU B 642 19.30 -25.46 11.97
N GLN B 643 20.36 -24.68 11.80
CA GLN B 643 21.20 -24.88 10.65
C GLN B 643 22.30 -25.94 10.83
N HIS B 644 22.26 -26.63 11.96
CA HIS B 644 23.41 -27.44 12.39
C HIS B 644 22.96 -28.77 12.96
N ILE B 645 21.97 -29.35 12.30
CA ILE B 645 21.45 -30.60 12.76
C ILE B 645 22.24 -31.77 12.18
N HIS B 646 22.40 -31.79 10.87
CA HIS B 646 23.26 -32.78 10.20
C HIS B 646 23.44 -32.46 8.73
N ASN B 647 24.58 -32.85 8.17
CA ASN B 647 24.83 -32.55 6.77
C ASN B 647 23.73 -33.19 5.90
N GLY B 648 23.29 -32.49 4.88
CA GLY B 648 22.20 -33.01 4.04
C GLY B 648 20.79 -32.69 4.53
N GLN B 649 20.68 -31.92 5.61
CA GLN B 649 19.38 -31.50 6.13
C GLN B 649 18.75 -30.51 5.15
N GLY B 650 17.44 -30.33 5.23
CA GLY B 650 16.81 -29.15 4.68
C GLY B 650 17.46 -27.86 5.16
N ALA B 651 17.64 -26.93 4.25
CA ALA B 651 18.02 -25.58 4.63
C ALA B 651 16.98 -25.05 5.59
N PHE B 652 17.44 -24.46 6.70
CA PHE B 652 16.57 -23.61 7.50
C PHE B 652 17.01 -22.16 7.40
N ARG B 653 16.07 -21.27 7.10
CA ARG B 653 16.39 -19.85 6.97
C ARG B 653 15.31 -18.98 7.58
N VAL B 654 15.72 -18.10 8.50
CA VAL B 654 14.87 -17.02 9.00
C VAL B 654 15.39 -15.68 8.56
N TRP B 655 14.49 -14.86 8.03
CA TRP B 655 14.84 -13.53 7.57
C TRP B 655 14.03 -12.46 8.32
N ASP B 656 14.69 -11.35 8.66
CA ASP B 656 14.04 -10.23 9.36
C ASP B 656 13.70 -9.08 8.37
N SER B 657 12.41 -8.85 8.15
CA SER B 657 11.97 -7.85 7.15
C SER B 657 12.27 -6.39 7.53
N SER B 660 8.14 -3.33 4.84
CA SER B 660 7.42 -3.14 3.55
C SER B 660 6.37 -4.25 3.39
N GLU B 661 5.32 -4.20 4.21
CA GLU B 661 4.53 -5.38 4.43
C GLU B 661 3.83 -5.93 3.19
N GLU B 662 3.28 -5.05 2.35
CA GLU B 662 2.56 -5.49 1.18
C GLU B 662 3.51 -6.26 0.21
N ALA B 663 4.73 -5.77 0.02
CA ALA B 663 5.64 -6.46 -0.92
C ALA B 663 6.13 -7.75 -0.31
N VAL B 664 6.40 -7.72 0.98
CA VAL B 664 6.86 -8.90 1.65
C VAL B 664 5.88 -10.05 1.57
N LEU B 665 4.63 -9.81 1.93
CA LEU B 665 3.61 -10.84 1.79
C LEU B 665 3.50 -11.31 0.34
N ALA B 666 3.59 -10.37 -0.60
CA ALA B 666 3.44 -10.71 -2.02
C ALA B 666 4.55 -11.65 -2.41
N PHE B 667 5.72 -11.37 -1.85
CA PHE B 667 6.94 -12.08 -2.20
C PHE B 667 6.83 -13.49 -1.64
N GLU B 668 6.41 -13.60 -0.38
CA GLU B 668 6.25 -14.91 0.24
C GLU B 668 5.25 -15.75 -0.53
N TYR B 669 4.16 -15.13 -0.96
CA TYR B 669 3.20 -15.84 -1.79
C TYR B 669 3.82 -16.36 -3.10
N GLY B 670 4.58 -15.52 -3.77
CA GLY B 670 5.24 -15.96 -5.00
C GLY B 670 6.14 -17.13 -4.66
N TYR B 671 6.79 -17.04 -3.51
CA TYR B 671 7.82 -17.98 -3.19
C TYR B 671 7.15 -19.32 -2.96
N ALA B 672 6.04 -19.31 -2.24
CA ALA B 672 5.30 -20.56 -2.01
C ALA B 672 4.67 -21.18 -3.25
N THR B 673 4.19 -20.35 -4.19
CA THR B 673 3.57 -20.91 -5.40
C THR B 673 4.64 -21.53 -6.29
N ALA B 674 5.89 -21.19 -6.04
CA ALA B 674 6.99 -21.73 -6.81
C ALA B 674 7.54 -23.02 -6.22
N GLU B 675 7.41 -23.19 -4.92
CA GLU B 675 8.21 -24.20 -4.24
C GLU B 675 7.40 -24.93 -3.20
N PRO B 676 6.75 -26.02 -3.62
CA PRO B 676 5.80 -26.67 -2.74
C PRO B 676 6.47 -27.59 -1.72
N ARG B 677 7.76 -27.83 -1.91
CA ARG B 677 8.51 -28.71 -1.03
C ARG B 677 8.97 -28.00 0.25
N THR B 678 8.99 -26.67 0.22
CA THR B 678 9.52 -25.91 1.34
C THR B 678 8.37 -25.41 2.19
N LEU B 679 8.52 -25.50 3.50
CA LEU B 679 7.53 -24.86 4.38
C LEU B 679 7.85 -23.39 4.50
N THR B 680 6.98 -22.56 3.94
CA THR B 680 7.22 -21.14 3.83
C THR B 680 6.30 -20.37 4.76
N ILE B 681 6.89 -19.65 5.71
CA ILE B 681 6.10 -19.02 6.79
C ILE B 681 6.33 -17.53 6.81
N TRP B 682 5.24 -16.75 6.67
CA TRP B 682 5.27 -15.31 6.96
C TRP B 682 4.59 -14.92 8.28
N GLU B 683 5.27 -14.08 9.04
CA GLU B 683 4.79 -13.67 10.36
C GLU B 683 4.65 -12.16 10.48
N ALA B 684 3.42 -11.70 10.67
CA ALA B 684 3.17 -10.29 10.94
C ALA B 684 3.68 -9.94 12.32
N GLN B 685 4.04 -8.67 12.51
CA GLN B 685 4.49 -8.26 13.82
C GLN B 685 3.36 -8.38 14.78
N PHE B 686 2.22 -7.77 14.41
CA PHE B 686 0.91 -8.12 14.97
C PHE B 686 -0.07 -8.32 13.84
N GLY B 687 -1.07 -9.17 14.08
CA GLY B 687 -2.02 -9.49 13.03
C GLY B 687 -2.73 -8.27 12.50
N ASP B 688 -2.88 -7.28 13.36
CA ASP B 688 -3.60 -6.05 13.07
C ASP B 688 -3.01 -5.32 11.87
N PHE B 689 -1.75 -5.57 11.57
CA PHE B 689 -1.09 -4.84 10.50
C PHE B 689 -1.24 -5.48 9.13
N ALA B 690 -1.61 -6.76 9.10
CA ALA B 690 -1.63 -7.47 7.86
C ALA B 690 -2.58 -6.85 6.87
N ASN B 691 -3.51 -6.03 7.34
CA ASN B 691 -4.42 -5.39 6.39
C ASN B 691 -3.70 -4.42 5.46
N GLY B 692 -2.54 -3.95 5.87
CA GLY B 692 -1.63 -3.27 4.98
C GLY B 692 -1.40 -4.04 3.69
N ALA B 693 -1.72 -5.32 3.72
CA ALA B 693 -1.45 -6.20 2.58
C ALA B 693 -2.73 -6.83 2.06
N GLN B 694 -3.84 -6.13 2.21
CA GLN B 694 -5.16 -6.70 1.94
C GLN B 694 -5.26 -7.19 0.51
N VAL B 695 -4.59 -6.50 -0.41
CA VAL B 695 -4.71 -6.80 -1.83
C VAL B 695 -4.10 -8.16 -2.15
N VAL B 696 -2.96 -8.45 -1.56
CA VAL B 696 -2.34 -9.77 -1.67
C VAL B 696 -3.27 -10.85 -1.14
N ILE B 697 -3.88 -10.58 0.01
CA ILE B 697 -4.81 -11.53 0.62
C ILE B 697 -6.03 -11.76 -0.26
N ASP B 698 -6.60 -10.68 -0.76
CA ASP B 698 -7.89 -10.73 -1.45
C ASP B 698 -7.74 -11.36 -2.84
N GLN B 699 -6.65 -11.00 -3.53
CA GLN B 699 -6.58 -11.17 -4.97
C GLN B 699 -5.65 -12.32 -5.35
N PHE B 700 -4.85 -12.77 -4.39
CA PHE B 700 -3.89 -13.85 -4.63
C PHE B 700 -4.15 -15.03 -3.69
N ILE B 701 -3.87 -14.83 -2.41
CA ILE B 701 -3.81 -15.94 -1.45
C ILE B 701 -5.15 -16.66 -1.36
N SER B 702 -6.23 -15.90 -1.33
CA SER B 702 -7.54 -16.42 -0.95
C SER B 702 -8.28 -16.96 -2.16
N SER B 703 -7.91 -16.48 -3.35
CA SER B 703 -8.72 -16.66 -4.55
C SER B 703 -7.95 -17.26 -5.74
N GLY B 704 -6.64 -17.42 -5.58
CA GLY B 704 -5.82 -17.83 -6.70
C GLY B 704 -6.12 -19.24 -7.22
N GLU B 705 -6.46 -20.15 -6.32
CA GLU B 705 -6.69 -21.53 -6.73
C GLU B 705 -7.86 -21.59 -7.72
N GLN B 706 -8.92 -20.88 -7.38
CA GLN B 706 -10.18 -20.91 -8.13
C GLN B 706 -10.08 -20.10 -9.41
N LYS B 707 -9.33 -19.01 -9.37
CA LYS B 707 -9.23 -18.13 -10.51
C LYS B 707 -8.32 -18.70 -11.58
N TRP B 708 -7.30 -19.43 -11.14
CA TRP B 708 -6.08 -19.65 -11.92
C TRP B 708 -5.54 -21.09 -11.79
N GLY B 709 -6.07 -21.83 -10.82
CA GLY B 709 -5.57 -23.17 -10.52
C GLY B 709 -4.25 -23.18 -9.78
N ARG B 710 -3.96 -22.09 -9.09
CA ARG B 710 -2.65 -21.91 -8.48
C ARG B 710 -2.68 -22.32 -7.01
N MET B 711 -1.97 -23.39 -6.65
CA MET B 711 -1.98 -23.89 -5.28
C MET B 711 -0.93 -23.11 -4.50
N CYS B 712 -0.98 -23.17 -3.18
CA CYS B 712 -0.07 -22.37 -2.37
C CYS B 712 -0.17 -22.78 -0.90
N GLY B 713 0.93 -23.27 -0.34
CA GLY B 713 0.93 -23.78 1.04
C GLY B 713 1.49 -22.73 2.01
N LEU B 714 1.42 -21.46 1.62
CA LEU B 714 1.95 -20.39 2.44
C LEU B 714 1.33 -20.44 3.82
N VAL B 715 2.18 -20.36 4.84
CA VAL B 715 1.66 -20.12 6.19
C VAL B 715 1.79 -18.66 6.61
N MET B 716 0.71 -18.13 7.18
CA MET B 716 0.68 -16.78 7.74
C MET B 716 0.50 -16.82 9.24
N LEU B 717 1.53 -16.46 10.02
CA LEU B 717 1.36 -16.28 11.49
C LEU B 717 0.90 -14.87 11.81
N LEU B 718 -0.32 -14.75 12.32
CA LEU B 718 -0.93 -13.47 12.63
C LEU B 718 -1.15 -13.37 14.13
N PRO B 719 -0.26 -12.68 14.81
CA PRO B 719 -0.46 -12.55 16.25
C PRO B 719 -1.73 -11.82 16.62
N HIS B 720 -2.49 -12.41 17.54
CA HIS B 720 -3.91 -12.14 17.70
C HIS B 720 -4.24 -12.38 19.17
N GLY B 721 -4.87 -11.43 19.85
CA GLY B 721 -5.36 -11.75 21.22
C GLY B 721 -5.72 -10.55 22.06
N TYR B 722 -6.91 -10.57 22.66
CA TYR B 722 -7.32 -9.42 23.46
C TYR B 722 -6.64 -9.40 24.83
N GLU B 723 -5.64 -8.53 24.98
CA GLU B 723 -4.84 -8.46 26.18
C GLU B 723 -4.79 -7.02 26.71
N GLY B 724 -5.56 -6.14 26.10
CA GLY B 724 -5.68 -4.80 26.63
C GLY B 724 -4.66 -3.82 26.07
N GLN B 725 -4.00 -4.19 25.00
CA GLN B 725 -3.02 -3.27 24.45
C GLN B 725 -3.56 -2.42 23.30
N GLY B 726 -4.87 -2.35 23.13
CA GLY B 726 -5.44 -1.34 22.21
C GLY B 726 -5.81 -1.82 20.80
N PRO B 727 -6.48 -0.95 20.02
CA PRO B 727 -7.06 -1.29 18.72
C PRO B 727 -6.13 -1.91 17.66
N GLU B 728 -4.82 -1.69 17.77
CA GLU B 728 -3.89 -2.28 16.77
C GLU B 728 -2.96 -3.34 17.36
N HIS B 729 -3.24 -3.81 18.56
CA HIS B 729 -2.38 -4.83 19.14
C HIS B 729 -3.21 -5.93 19.75
N SER B 730 -4.36 -6.17 19.13
CA SER B 730 -5.37 -7.00 19.74
C SER B 730 -5.94 -8.02 18.76
N SER B 731 -6.20 -7.60 17.53
CA SER B 731 -7.09 -8.33 16.63
C SER B 731 -6.47 -8.56 15.28
N ALA B 732 -6.31 -9.82 14.87
CA ALA B 732 -5.90 -10.11 13.48
C ALA B 732 -7.06 -10.02 12.50
N ARG B 733 -8.26 -9.71 12.99
CA ARG B 733 -9.45 -9.69 12.15
C ARG B 733 -9.80 -11.10 11.62
N LEU B 734 -9.80 -12.06 12.54
CA LEU B 734 -10.17 -13.43 12.26
C LEU B 734 -11.39 -13.44 11.37
N GLU B 735 -12.35 -12.56 11.67
CA GLU B 735 -13.64 -12.58 10.98
C GLU B 735 -13.49 -12.28 9.48
N ARG B 736 -12.47 -11.51 9.14
CA ARG B 736 -12.24 -11.22 7.74
C ARG B 736 -11.66 -12.40 6.96
N TYR B 737 -10.76 -13.14 7.58
CA TYR B 737 -10.34 -14.39 6.99
C TYR B 737 -11.47 -15.40 6.92
N LEU B 738 -12.32 -15.44 7.95
CA LEU B 738 -13.39 -16.40 7.95
C LEU B 738 -14.31 -16.10 6.76
N GLN B 739 -14.63 -14.83 6.56
CA GLN B 739 -15.56 -14.48 5.49
C GLN B 739 -15.02 -14.73 4.09
N LEU B 740 -13.70 -14.76 3.97
CA LEU B 740 -13.05 -15.07 2.70
C LEU B 740 -13.01 -16.59 2.43
N CYS B 741 -13.33 -17.39 3.44
CA CYS B 741 -13.27 -18.86 3.31
C CYS B 741 -14.44 -19.42 2.53
N ALA B 742 -14.14 -20.28 1.54
CA ALA B 742 -15.16 -20.94 0.69
C ALA B 742 -14.50 -21.95 -0.24
N GLU B 743 -15.23 -23.01 -0.59
CA GLU B 743 -14.70 -23.95 -1.55
C GLU B 743 -13.34 -24.46 -1.12
N GLN B 744 -13.13 -24.64 0.19
CA GLN B 744 -11.87 -25.19 0.69
C GLN B 744 -10.63 -24.36 0.30
N ASN B 745 -10.79 -23.05 0.08
CA ASN B 745 -9.64 -22.25 -0.36
C ASN B 745 -8.52 -22.15 0.66
N MET B 746 -8.89 -22.06 1.94
CA MET B 746 -7.93 -21.72 2.99
C MET B 746 -8.12 -22.56 4.23
N GLN B 747 -7.15 -22.52 5.13
CA GLN B 747 -7.35 -23.01 6.47
C GLN B 747 -7.24 -21.86 7.46
N VAL B 748 -8.09 -21.88 8.47
CA VAL B 748 -7.97 -20.90 9.54
C VAL B 748 -7.90 -21.63 10.86
N CYS B 749 -6.77 -21.48 11.55
CA CYS B 749 -6.48 -22.21 12.79
C CYS B 749 -6.17 -21.32 13.97
N VAL B 750 -6.65 -21.74 15.12
CA VAL B 750 -6.38 -21.08 16.36
C VAL B 750 -5.76 -22.06 17.36
N PRO B 751 -4.47 -22.37 17.19
CA PRO B 751 -3.94 -23.46 18.02
C PRO B 751 -3.80 -22.97 19.46
N SER B 752 -4.11 -23.82 20.44
CA SER B 752 -4.12 -23.40 21.87
C SER B 752 -2.99 -24.00 22.71
N THR B 753 -2.06 -24.71 22.07
CA THR B 753 -1.04 -25.48 22.78
C THR B 753 0.24 -25.54 21.98
N PRO B 754 1.38 -25.59 22.67
CA PRO B 754 2.60 -25.93 21.97
C PRO B 754 2.48 -27.20 21.12
N ALA B 755 1.90 -28.26 21.66
CA ALA B 755 1.74 -29.48 20.88
C ALA B 755 1.01 -29.12 19.60
N GLN B 756 -0.10 -28.43 19.78
CA GLN B 756 -0.92 -28.03 18.68
C GLN B 756 -0.15 -27.21 17.65
N VAL B 757 0.68 -26.27 18.07
CA VAL B 757 1.38 -25.50 17.04
C VAL B 757 2.39 -26.37 16.30
N TYR B 758 2.96 -27.33 17.02
CA TYR B 758 3.95 -28.26 16.49
C TYR B 758 3.32 -29.20 15.48
N HIS B 759 2.16 -29.74 15.81
CA HIS B 759 1.49 -30.65 14.90
C HIS B 759 0.89 -29.95 13.71
N MET B 760 0.30 -28.77 13.96
CA MET B 760 -0.17 -27.88 12.90
C MET B 760 0.88 -27.58 11.82
N LEU B 761 2.10 -27.25 12.23
CA LEU B 761 3.12 -26.88 11.26
C LEU B 761 3.61 -28.11 10.53
N ARG B 762 3.79 -29.20 11.26
CA ARG B 762 4.21 -30.45 10.65
C ARG B 762 3.19 -30.99 9.62
N ARG B 763 1.90 -30.96 9.99
CA ARG B 763 0.83 -31.30 9.05
C ARG B 763 0.92 -30.52 7.75
N GLN B 764 1.01 -29.21 7.86
CA GLN B 764 1.10 -28.34 6.70
C GLN B 764 2.22 -28.77 5.79
N ALA B 765 3.37 -29.10 6.37
CA ALA B 765 4.51 -29.54 5.56
C ALA B 765 4.36 -30.96 5.02
N LEU B 766 3.74 -31.86 5.79
CA LEU B 766 3.85 -33.32 5.53
C LEU B 766 2.68 -33.90 4.73
N ARG B 767 1.52 -33.23 4.77
CA ARG B 767 0.39 -33.54 3.88
C ARG B 767 0.78 -33.22 2.43
N GLY B 768 0.02 -33.75 1.49
CA GLY B 768 0.13 -33.35 0.11
C GLY B 768 -0.66 -32.08 -0.23
N MET B 769 -1.68 -31.75 0.55
CA MET B 769 -2.39 -30.48 0.34
C MET B 769 -1.51 -29.26 0.37
N ARG B 770 -1.72 -28.36 -0.57
CA ARG B 770 -1.04 -27.10 -0.56
C ARG B 770 -2.04 -25.95 -0.66
N ARG B 771 -2.51 -25.49 0.49
CA ARG B 771 -3.40 -24.34 0.55
C ARG B 771 -2.98 -23.44 1.71
N PRO B 772 -3.36 -22.16 1.64
CA PRO B 772 -2.89 -21.25 2.66
C PRO B 772 -3.34 -21.65 4.04
N LEU B 773 -2.46 -21.46 5.02
CA LEU B 773 -2.81 -21.71 6.41
C LEU B 773 -2.70 -20.39 7.18
N VAL B 774 -3.84 -19.93 7.66
CA VAL B 774 -3.91 -18.66 8.37
C VAL B 774 -4.03 -18.97 9.86
N VAL B 775 -3.00 -18.63 10.61
CA VAL B 775 -2.96 -18.93 12.05
C VAL B 775 -3.19 -17.67 12.89
N MET B 776 -4.22 -17.70 13.72
CA MET B 776 -4.29 -16.84 14.89
C MET B 776 -3.23 -17.22 15.96
N SER B 777 -2.10 -16.51 15.94
CA SER B 777 -0.87 -16.85 16.69
C SER B 777 -0.93 -16.17 18.05
N PRO B 778 -0.49 -16.84 19.10
CA PRO B 778 -0.69 -16.25 20.44
C PRO B 778 0.36 -15.22 20.88
N LYS B 779 0.03 -14.38 21.84
CA LYS B 779 1.02 -13.50 22.45
C LYS B 779 1.31 -13.90 23.92
N SER B 780 0.41 -13.57 24.82
CA SER B 780 0.45 -14.08 26.20
C SER B 780 0.58 -15.60 26.33
N LEU B 781 -0.12 -16.35 25.49
CA LEU B 781 -0.09 -17.80 25.65
C LEU B 781 1.33 -18.32 25.52
N LEU B 782 2.18 -17.55 24.86
CA LEU B 782 3.58 -17.92 24.74
C LEU B 782 4.24 -18.15 26.10
N ARG B 783 3.66 -17.58 27.16
CA ARG B 783 4.26 -17.64 28.51
C ARG B 783 3.28 -18.14 29.57
N HIS B 784 2.09 -18.56 29.16
CA HIS B 784 1.06 -19.02 30.09
C HIS B 784 1.43 -20.38 30.67
N PRO B 785 1.41 -20.48 32.00
CA PRO B 785 1.89 -21.65 32.74
C PRO B 785 1.08 -22.90 32.44
N LEU B 786 -0.15 -22.72 31.99
CA LEU B 786 -1.00 -23.86 31.66
C LEU B 786 -0.84 -24.25 30.19
N ALA B 787 -0.26 -23.39 29.39
CA ALA B 787 -0.15 -23.68 27.96
C ALA B 787 1.13 -24.42 27.66
N VAL B 788 1.23 -25.65 28.12
CA VAL B 788 2.48 -26.40 27.96
C VAL B 788 2.18 -27.82 27.53
N SER B 789 3.20 -28.53 27.08
CA SER B 789 2.98 -29.79 26.37
C SER B 789 4.09 -30.76 26.68
N SER B 790 3.73 -32.03 26.76
CA SER B 790 4.67 -33.10 27.11
C SER B 790 5.26 -33.74 25.89
N LEU B 791 6.43 -34.36 26.07
CA LEU B 791 7.08 -35.13 25.02
C LEU B 791 6.13 -36.15 24.38
N GLU B 792 5.36 -36.82 25.22
CA GLU B 792 4.48 -37.85 24.75
C GLU B 792 3.47 -37.26 23.78
N GLU B 793 2.98 -36.06 24.07
CA GLU B 793 2.02 -35.40 23.18
C GLU B 793 2.67 -35.03 21.84
N LEU B 794 3.97 -34.78 21.86
CA LEU B 794 4.67 -34.37 20.66
C LEU B 794 5.05 -35.58 19.79
N ALA B 795 5.60 -36.61 20.41
CA ALA B 795 5.98 -37.81 19.67
C ALA B 795 4.79 -38.65 19.17
N ASN B 796 3.73 -38.74 19.95
CA ASN B 796 2.61 -39.65 19.64
C ASN B 796 1.27 -39.00 19.41
N GLY B 797 1.21 -37.69 19.57
CA GLY B 797 -0.01 -36.95 19.29
C GLY B 797 -0.20 -36.65 17.81
N THR B 798 -1.21 -35.85 17.50
CA THR B 798 -1.36 -35.34 16.16
C THR B 798 -2.08 -34.03 16.28
N PHE B 799 -2.22 -33.31 15.19
CA PHE B 799 -3.02 -32.11 15.23
C PHE B 799 -4.48 -32.40 15.45
N LEU B 800 -5.06 -31.76 16.46
CA LEU B 800 -6.46 -32.01 16.79
C LEU B 800 -7.33 -30.85 16.35
N PRO B 801 -8.19 -31.06 15.34
CA PRO B 801 -9.05 -29.94 14.90
C PRO B 801 -9.97 -29.49 16.02
N ALA B 802 -10.17 -30.34 16.99
CA ALA B 802 -11.01 -30.00 18.11
C ALA B 802 -10.47 -30.69 19.36
N ILE B 803 -10.61 -30.05 20.51
CA ILE B 803 -10.20 -30.67 21.78
C ILE B 803 -11.36 -30.72 22.76
N GLY B 804 -11.56 -31.90 23.36
CA GLY B 804 -12.65 -32.12 24.31
C GLY B 804 -12.42 -31.56 25.70
N GLU B 805 -13.40 -31.74 26.58
CA GLU B 805 -13.24 -31.49 28.00
C GLU B 805 -12.05 -32.24 28.61
N ILE B 806 -11.15 -31.53 29.29
CA ILE B 806 -9.95 -32.17 29.85
C ILE B 806 -9.97 -32.44 31.36
N ASP B 807 -10.92 -31.86 32.08
CA ASP B 807 -11.01 -32.07 33.53
C ASP B 807 -11.98 -33.21 33.80
N GLU B 808 -11.73 -33.97 34.87
CA GLU B 808 -12.65 -35.02 35.27
C GLU B 808 -14.01 -34.43 35.68
N LEU B 809 -14.99 -34.63 34.82
CA LEU B 809 -16.25 -33.91 34.92
C LEU B 809 -17.37 -34.87 34.50
N ASP B 810 -18.37 -35.01 35.36
CA ASP B 810 -19.38 -36.05 35.19
C ASP B 810 -20.46 -35.57 34.22
N PRO B 811 -20.51 -36.19 33.04
CA PRO B 811 -21.37 -35.79 31.93
C PRO B 811 -22.80 -35.52 32.35
N LYS B 812 -23.33 -36.30 33.29
CA LYS B 812 -24.72 -36.15 33.70
C LYS B 812 -24.92 -34.99 34.66
N GLY B 813 -23.81 -34.45 35.17
CA GLY B 813 -23.83 -33.20 35.92
C GLY B 813 -23.80 -31.94 35.06
N VAL B 814 -23.48 -32.11 33.78
CA VAL B 814 -23.20 -30.98 32.90
C VAL B 814 -24.48 -30.37 32.35
N LYS B 815 -24.66 -29.08 32.56
CA LYS B 815 -25.91 -28.42 32.17
C LYS B 815 -25.69 -27.61 30.90
N ARG B 816 -24.42 -27.43 30.55
CA ARG B 816 -24.05 -26.42 29.60
C ARG B 816 -22.70 -26.74 29.00
N VAL B 817 -22.61 -26.51 27.69
CA VAL B 817 -21.34 -26.69 27.00
C VAL B 817 -20.95 -25.38 26.35
N VAL B 818 -19.73 -24.97 26.60
CA VAL B 818 -19.24 -23.74 26.05
C VAL B 818 -18.21 -24.14 25.03
N MET B 819 -18.29 -23.59 23.83
CA MET B 819 -17.25 -23.82 22.84
C MET B 819 -16.53 -22.51 22.60
N CYS B 820 -15.26 -22.59 22.20
CA CYS B 820 -14.47 -21.39 22.00
C CYS B 820 -13.19 -21.78 21.29
N SER B 821 -12.34 -20.80 21.01
CA SER B 821 -10.98 -21.04 20.50
C SER B 821 -9.96 -20.11 21.12
N GLY B 822 -8.77 -20.64 21.41
CA GLY B 822 -7.60 -19.81 21.67
C GLY B 822 -7.56 -19.38 23.12
N LYS B 823 -6.98 -18.22 23.37
CA LYS B 823 -6.57 -17.92 24.72
C LYS B 823 -7.73 -17.84 25.67
N VAL B 824 -8.92 -17.47 25.19
CA VAL B 824 -10.07 -17.39 26.09
C VAL B 824 -10.30 -18.69 26.83
N TYR B 825 -10.04 -19.80 26.14
CA TYR B 825 -10.17 -21.08 26.75
C TYR B 825 -9.62 -21.04 28.17
N TYR B 826 -8.39 -20.58 28.28
CA TYR B 826 -7.69 -20.67 29.54
C TYR B 826 -8.32 -19.76 30.56
N ASP B 827 -8.81 -18.59 30.13
CA ASP B 827 -9.50 -17.73 31.08
C ASP B 827 -10.71 -18.47 31.61
N LEU B 828 -11.48 -19.08 30.71
CA LEU B 828 -12.71 -19.80 31.10
C LEU B 828 -12.39 -20.94 32.04
N LEU B 829 -11.30 -21.65 31.75
CA LEU B 829 -10.90 -22.80 32.53
C LEU B 829 -10.48 -22.35 33.93
N GLU B 830 -9.62 -21.35 34.00
CA GLU B 830 -9.13 -20.91 35.26
C GLU B 830 -10.27 -20.38 36.15
N GLN B 831 -11.23 -19.69 35.54
CA GLN B 831 -12.40 -19.26 36.30
C GLN B 831 -13.24 -20.45 36.77
N ARG B 832 -13.48 -21.40 35.87
CA ARG B 832 -14.27 -22.54 36.22
C ARG B 832 -13.62 -23.34 37.34
N ARG B 833 -12.31 -23.35 37.37
CA ARG B 833 -11.64 -24.11 38.40
C ARG B 833 -11.71 -23.41 39.75
N LYS B 834 -11.35 -22.13 39.80
CA LYS B 834 -11.69 -21.24 40.92
C LYS B 834 -13.09 -21.53 41.49
N ASN B 835 -14.08 -21.63 40.62
CA ASN B 835 -15.46 -21.73 41.08
C ASN B 835 -15.75 -23.14 41.52
N ASN B 836 -14.77 -24.01 41.32
CA ASN B 836 -15.03 -25.43 41.54
C ASN B 836 -16.35 -25.83 40.85
N GLN B 837 -16.58 -25.34 39.63
CA GLN B 837 -17.79 -25.66 38.84
C GLN B 837 -17.66 -26.96 38.07
N HIS B 838 -18.65 -27.82 38.16
CA HIS B 838 -18.60 -29.11 37.48
C HIS B 838 -19.70 -29.28 36.44
N ASP B 839 -20.53 -28.25 36.27
CA ASP B 839 -21.72 -28.37 35.48
C ASP B 839 -21.62 -27.56 34.20
N VAL B 840 -20.41 -27.14 33.83
CA VAL B 840 -20.18 -26.51 32.54
C VAL B 840 -18.96 -27.07 31.86
N ALA B 841 -19.17 -27.76 30.75
CA ALA B 841 -18.06 -28.31 29.99
C ALA B 841 -17.57 -27.24 29.03
N ILE B 842 -16.26 -27.23 28.77
CA ILE B 842 -15.66 -26.26 27.85
C ILE B 842 -14.81 -26.94 26.81
N VAL B 843 -15.07 -26.61 25.55
CA VAL B 843 -14.53 -27.32 24.41
C VAL B 843 -13.90 -26.33 23.39
N ARG B 844 -12.73 -26.69 22.84
CA ARG B 844 -12.02 -25.80 21.89
C ARG B 844 -12.23 -26.24 20.43
N ILE B 845 -12.59 -25.30 19.57
CA ILE B 845 -12.44 -25.50 18.13
C ILE B 845 -11.12 -24.90 17.62
N GLU B 846 -10.12 -25.74 17.47
CA GLU B 846 -8.79 -25.37 17.02
C GLU B 846 -8.68 -24.97 15.52
N GLN B 847 -9.50 -25.60 14.68
CA GLN B 847 -9.46 -25.34 13.25
C GLN B 847 -10.85 -24.90 12.86
N LEU B 848 -11.00 -23.66 12.39
CA LEU B 848 -12.34 -23.11 12.18
C LEU B 848 -12.76 -23.29 10.73
N TYR B 849 -11.79 -23.43 9.84
CA TYR B 849 -12.07 -23.72 8.46
C TYR B 849 -10.96 -24.54 7.83
N PRO B 850 -11.30 -25.43 6.90
CA PRO B 850 -12.63 -26.08 6.84
C PRO B 850 -13.11 -26.63 8.17
N PHE B 851 -14.42 -26.61 8.35
CA PHE B 851 -14.98 -26.88 9.64
C PHE B 851 -14.91 -28.36 9.88
N PRO B 852 -14.36 -28.77 11.03
CA PRO B 852 -14.05 -30.17 11.29
C PRO B 852 -15.23 -30.94 11.93
N HIS B 853 -16.19 -31.39 11.10
CA HIS B 853 -17.45 -32.00 11.58
C HIS B 853 -17.17 -33.31 12.36
N LYS B 854 -16.36 -34.21 11.80
CA LYS B 854 -16.05 -35.47 12.46
C LYS B 854 -15.49 -35.16 13.86
N ALA B 855 -14.44 -34.34 13.91
CA ALA B 855 -13.78 -33.98 15.16
C ALA B 855 -14.73 -33.40 16.18
N MET B 856 -15.59 -32.50 15.74
CA MET B 856 -16.55 -31.90 16.65
C MET B 856 -17.54 -32.90 17.22
N GLN B 857 -17.89 -33.92 16.44
CA GLN B 857 -18.80 -34.95 16.96
C GLN B 857 -18.14 -35.78 18.06
N GLU B 858 -16.90 -36.18 17.84
CA GLU B 858 -16.19 -36.97 18.85
C GLU B 858 -16.10 -36.24 20.18
N VAL B 859 -15.81 -34.93 20.15
CA VAL B 859 -15.70 -34.18 21.39
C VAL B 859 -17.04 -33.79 22.00
N LEU B 860 -18.11 -33.84 21.23
CA LEU B 860 -19.43 -33.48 21.76
C LEU B 860 -20.33 -34.69 22.09
N GLN B 861 -19.90 -35.90 21.70
CA GLN B 861 -20.69 -37.13 21.87
C GLN B 861 -21.21 -37.30 23.32
N GLN B 862 -20.30 -37.24 24.29
CA GLN B 862 -20.67 -37.45 25.71
C GLN B 862 -21.63 -36.38 26.25
N PHE B 863 -21.84 -35.30 25.49
CA PHE B 863 -22.80 -34.26 25.87
C PHE B 863 -24.07 -34.25 25.01
N ALA B 864 -24.37 -35.37 24.35
CA ALA B 864 -25.55 -35.50 23.47
C ALA B 864 -26.85 -35.06 24.13
N HIS B 865 -26.87 -35.06 25.46
CA HIS B 865 -28.08 -34.79 26.20
C HIS B 865 -28.18 -33.33 26.67
N VAL B 866 -27.13 -32.55 26.46
CA VAL B 866 -27.15 -31.14 26.87
C VAL B 866 -27.94 -30.28 25.88
N LYS B 867 -28.67 -29.31 26.40
CA LYS B 867 -29.54 -28.49 25.56
C LYS B 867 -29.09 -27.03 25.50
N ASP B 868 -28.08 -26.69 26.29
CA ASP B 868 -27.67 -25.32 26.48
C ASP B 868 -26.23 -25.16 25.97
N PHE B 869 -26.09 -24.64 24.75
CA PHE B 869 -24.77 -24.47 24.14
C PHE B 869 -24.43 -23.01 23.97
N VAL B 870 -23.21 -22.66 24.37
CA VAL B 870 -22.70 -21.30 24.24
C VAL B 870 -21.48 -21.29 23.36
N TRP B 871 -21.47 -20.37 22.41
CA TRP B 871 -20.22 -19.99 21.80
C TRP B 871 -19.69 -18.77 22.56
N CYS B 872 -18.44 -18.87 23.00
CA CYS B 872 -17.83 -17.79 23.76
C CYS B 872 -16.54 -17.33 23.06
N GLN B 873 -16.42 -16.02 22.83
CA GLN B 873 -15.24 -15.45 22.19
C GLN B 873 -14.81 -14.12 22.85
N GLU B 874 -13.50 -13.92 22.96
CA GLU B 874 -12.92 -12.63 23.37
C GLU B 874 -13.38 -11.52 22.46
N GLU B 875 -13.47 -11.81 21.17
CA GLU B 875 -13.57 -10.71 20.23
C GLU B 875 -14.98 -10.21 20.19
N PRO B 876 -15.16 -8.94 19.84
CA PRO B 876 -16.47 -8.31 19.87
C PRO B 876 -17.49 -9.04 18.94
N LEU B 877 -18.77 -8.80 19.17
CA LEU B 877 -19.84 -9.61 18.59
C LEU B 877 -19.82 -9.62 17.08
N ASN B 878 -19.40 -8.52 16.47
CA ASN B 878 -19.37 -8.45 15.01
C ASN B 878 -18.00 -8.77 14.44
N GLN B 879 -17.16 -9.37 15.27
CA GLN B 879 -15.82 -9.75 14.87
C GLN B 879 -15.65 -11.22 15.27
N GLY B 880 -14.44 -11.75 15.18
CA GLY B 880 -14.24 -13.15 15.54
C GLY B 880 -15.14 -14.05 14.69
N ALA B 881 -15.60 -15.15 15.27
CA ALA B 881 -16.12 -16.27 14.50
C ALA B 881 -17.64 -16.21 14.40
N TRP B 882 -18.27 -15.54 15.35
CA TRP B 882 -19.67 -15.76 15.64
C TRP B 882 -20.51 -15.77 14.37
N TYR B 883 -20.42 -14.69 13.60
CA TYR B 883 -21.36 -14.44 12.52
C TYR B 883 -21.12 -15.38 11.34
N CYS B 884 -19.86 -15.76 11.14
CA CYS B 884 -19.46 -16.50 9.96
C CYS B 884 -19.57 -18.01 10.19
N SER B 885 -19.45 -18.42 11.44
CA SER B 885 -19.32 -19.83 11.77
C SER B 885 -20.55 -20.33 12.53
N GLN B 886 -21.34 -19.41 13.04
CA GLN B 886 -22.70 -19.72 13.48
C GLN B 886 -23.22 -20.99 12.81
N HIS B 887 -23.38 -20.92 11.49
CA HIS B 887 -24.15 -21.92 10.76
C HIS B 887 -23.53 -23.30 10.88
N HIS B 888 -22.20 -23.33 11.02
CA HIS B 888 -21.50 -24.57 11.36
C HIS B 888 -21.87 -25.04 12.77
N PHE B 889 -21.88 -24.11 13.71
CA PHE B 889 -22.12 -24.45 15.11
C PHE B 889 -23.45 -25.15 15.29
N ARG B 890 -24.48 -24.62 14.64
CA ARG B 890 -25.83 -25.17 14.76
C ARG B 890 -25.92 -26.56 14.12
N GLU B 891 -25.09 -26.80 13.11
CA GLU B 891 -25.05 -28.09 12.44
C GLU B 891 -24.66 -29.20 13.42
N VAL B 892 -23.82 -28.85 14.39
CA VAL B 892 -22.92 -29.81 14.97
C VAL B 892 -23.24 -30.04 16.45
N ILE B 893 -24.12 -29.22 17.02
CA ILE B 893 -24.72 -29.48 18.32
C ILE B 893 -26.01 -30.28 18.17
N PRO B 894 -26.51 -30.85 19.28
CA PRO B 894 -27.59 -31.83 19.31
C PRO B 894 -28.94 -31.26 18.90
N PHE B 895 -29.78 -32.11 18.30
CA PHE B 895 -31.06 -31.66 17.74
C PHE B 895 -31.90 -30.84 18.74
N GLY B 896 -31.97 -31.28 19.98
CA GLY B 896 -32.64 -30.47 21.00
C GLY B 896 -32.15 -29.03 21.09
N ALA B 897 -30.84 -28.83 20.89
CA ALA B 897 -30.09 -27.84 21.64
C ALA B 897 -30.23 -26.41 21.13
N SER B 898 -30.23 -25.45 22.05
CA SER B 898 -30.08 -24.05 21.72
C SER B 898 -28.60 -23.55 21.72
N LEU B 899 -28.38 -22.42 21.06
CA LEU B 899 -27.05 -21.91 20.87
C LEU B 899 -27.15 -20.44 21.10
N ARG B 900 -26.41 -19.93 22.08
CA ARG B 900 -26.36 -18.50 22.31
C ARG B 900 -24.92 -18.01 22.43
N TYR B 901 -24.76 -16.70 22.24
CA TYR B 901 -23.47 -16.00 22.28
C TYR B 901 -23.09 -15.45 23.67
N ALA B 902 -21.85 -15.70 24.07
CA ALA B 902 -21.20 -14.96 25.14
C ALA B 902 -19.87 -14.37 24.65
N GLY B 903 -19.67 -13.07 24.87
CA GLY B 903 -18.42 -12.38 24.47
C GLY B 903 -18.57 -10.87 24.46
N ARG B 904 -17.62 -10.16 23.83
CA ARG B 904 -17.64 -8.71 23.89
C ARG B 904 -18.75 -8.17 23.03
N PRO B 905 -19.27 -6.99 23.36
CA PRO B 905 -20.34 -6.47 22.54
C PRO B 905 -19.77 -5.94 21.21
N ALA B 906 -20.61 -5.80 20.19
CA ALA B 906 -20.17 -5.28 18.90
C ALA B 906 -19.43 -3.97 19.11
N SER B 907 -18.43 -3.70 18.29
CA SER B 907 -17.79 -2.39 18.33
C SER B 907 -17.13 -1.99 17.03
N ALA B 908 -16.97 -0.68 16.88
CA ALA B 908 -16.39 -0.10 15.68
C ALA B 908 -14.88 -0.15 15.72
N SER B 909 -14.33 0.05 16.91
CA SER B 909 -12.93 -0.24 17.11
C SER B 909 -12.77 -1.68 17.51
N PRO B 910 -11.69 -2.33 17.06
CA PRO B 910 -11.48 -3.71 17.49
C PRO B 910 -11.32 -3.86 18.99
N ALA B 911 -10.74 -2.86 19.64
CA ALA B 911 -10.51 -2.96 21.09
C ALA B 911 -10.48 -1.63 21.74
N VAL B 912 -10.79 -1.61 23.04
CA VAL B 912 -10.78 -0.35 23.81
C VAL B 912 -9.36 0.20 23.99
N GLY B 913 -9.25 1.49 24.22
CA GLY B 913 -7.97 2.11 24.49
C GLY B 913 -7.43 1.90 25.89
N TYR B 914 -8.28 1.55 26.86
CA TYR B 914 -7.83 1.51 28.26
C TYR B 914 -7.86 0.14 28.96
N MET B 915 -6.78 -0.17 29.68
CA MET B 915 -6.58 -1.51 30.21
C MET B 915 -7.67 -1.93 31.19
N SER B 916 -8.14 -0.99 31.99
CA SER B 916 -9.03 -1.34 33.07
C SER B 916 -10.36 -1.79 32.49
N VAL B 917 -10.87 -1.00 31.56
CA VAL B 917 -12.04 -1.37 30.77
C VAL B 917 -11.89 -2.73 30.06
N HIS B 918 -10.77 -2.96 29.37
CA HIS B 918 -10.46 -4.29 28.86
C HIS B 918 -10.70 -5.35 29.94
N GLN B 919 -10.15 -5.10 31.11
CA GLN B 919 -10.14 -6.08 32.14
C GLN B 919 -11.54 -6.44 32.61
N LYS B 920 -12.41 -5.43 32.76
CA LYS B 920 -13.78 -5.68 33.16
C LYS B 920 -14.50 -6.49 32.09
N GLN B 921 -14.28 -6.11 30.85
CA GLN B 921 -14.91 -6.82 29.73
C GLN B 921 -14.52 -8.29 29.67
N GLN B 922 -13.23 -8.57 29.83
CA GLN B 922 -12.79 -9.94 29.92
C GLN B 922 -13.47 -10.70 31.05
N GLN B 923 -13.50 -10.12 32.24
CA GLN B 923 -14.09 -10.83 33.34
C GLN B 923 -15.57 -11.08 33.09
N ASP B 924 -16.23 -10.13 32.46
CA ASP B 924 -17.67 -10.25 32.31
C ASP B 924 -18.05 -11.34 31.32
N LEU B 925 -17.27 -11.51 30.26
CA LEU B 925 -17.71 -12.44 29.24
C LEU B 925 -17.42 -13.82 29.74
N VAL B 926 -16.28 -13.96 30.42
CA VAL B 926 -15.96 -15.21 31.10
C VAL B 926 -17.05 -15.60 32.09
N ASN B 927 -17.46 -14.65 32.93
CA ASN B 927 -18.46 -14.90 33.95
C ASN B 927 -19.82 -15.26 33.33
N ASP B 928 -20.22 -14.51 32.31
CA ASP B 928 -21.46 -14.78 31.60
C ASP B 928 -21.49 -16.21 31.09
N ALA B 929 -20.38 -16.65 30.50
CA ALA B 929 -20.32 -17.96 29.85
C ALA B 929 -20.49 -19.08 30.87
N LEU B 930 -20.01 -18.86 32.09
CA LEU B 930 -19.99 -19.89 33.10
C LEU B 930 -21.25 -19.86 33.96
N ASN B 931 -22.00 -18.77 33.85
CA ASN B 931 -23.17 -18.56 34.69
C ASN B 931 -24.36 -19.40 34.25
N VAL B 932 -24.45 -20.60 34.78
CA VAL B 932 -25.62 -21.46 34.57
C VAL B 932 -26.80 -20.99 35.43
N GLU B 933 -27.95 -20.83 34.80
CA GLU B 933 -29.19 -20.58 35.52
C GLU B 933 -29.01 -19.47 36.56
P AMP C . -8.65 21.75 14.26
O1P AMP C . -8.51 20.49 13.46
O2P AMP C . -9.03 22.95 13.44
O3P AMP C . -7.51 22.00 15.24
O5' AMP C . -9.92 21.46 15.21
C5' AMP C . -10.60 22.51 15.90
C4' AMP C . -11.40 21.96 17.08
O4' AMP C . -12.47 21.11 16.62
C3' AMP C . -10.55 21.06 17.96
O3' AMP C . -11.15 21.01 19.24
C2' AMP C . -10.77 19.69 17.39
O2' AMP C . -10.65 18.71 18.42
C1' AMP C . -12.22 19.75 16.96
N9 AMP C . -12.31 18.93 15.74
C8 AMP C . -11.57 19.10 14.64
N7 AMP C . -11.88 18.19 13.67
C5 AMP C . -12.85 17.39 14.19
C6 AMP C . -13.59 16.21 13.72
N6 AMP C . -13.37 15.73 12.48
N1 AMP C . -14.48 15.66 14.57
C2 AMP C . -14.69 16.16 15.81
N3 AMP C . -14.04 17.24 16.30
C4 AMP C . -13.12 17.88 15.56
P AMP D . 6.55 -22.87 -13.64
O1P AMP D . 7.86 -23.50 -13.16
O2P AMP D . 6.52 -22.55 -15.13
O3P AMP D . 6.00 -21.77 -12.79
O5' AMP D . 5.49 -24.08 -13.45
C5' AMP D . 5.72 -25.33 -14.12
C4' AMP D . 4.41 -26.10 -14.32
O4' AMP D . 3.77 -26.29 -13.05
C3' AMP D . 3.42 -25.34 -15.18
O3' AMP D . 2.51 -26.29 -15.74
C2' AMP D . 2.61 -24.56 -14.17
O2' AMP D . 1.28 -24.32 -14.65
C1' AMP D . 2.56 -25.51 -12.98
N9 AMP D . 2.53 -24.72 -11.74
C8 AMP D . 3.45 -23.82 -11.36
N7 AMP D . 3.11 -23.25 -10.19
C5 AMP D . 1.94 -23.78 -9.81
C6 AMP D . 1.03 -23.59 -8.66
N6 AMP D . 1.37 -22.74 -7.66
N1 AMP D . -0.12 -24.31 -8.62
C2 AMP D . -0.42 -25.19 -9.60
N3 AMP D . 0.38 -25.40 -10.69
C4 AMP D . 1.54 -24.74 -10.84
#